data_8P1R
#
_entry.id   8P1R
#
_cell.length_a   87.684
_cell.length_b   136.252
_cell.length_c   160.451
_cell.angle_alpha   90.000
_cell.angle_beta   90.000
_cell.angle_gamma   90.000
#
_symmetry.space_group_name_H-M   'P 21 21 21'
#
loop_
_entity.id
_entity.type
_entity.pdbx_description
1 polymer 'Bifidobacterium asteroides alpha-L-fucosidase (TT1819) catalytic mutant'
2 non-polymer 1,2-ETHANEDIOL
3 non-polymer 'MAGNESIUM ION'
4 water water
#
_entity_poly.entity_id   1
_entity_poly.type   'polypeptide(L)'
_entity_poly.pdbx_seq_one_letter_code
;GLVPRGSHMSDTVEWFKQAKYGMMIHWGLYSLLGGEYQGKSSSNYAEWVQSKLQIPNKEYERLTQAFNPIYFDADAIIDL
AKRCGMQYLVVTTKHHDGFAMYRSLVDPYNVYDATPFHRDVIGELSLACRKAGLRFGLYYSQDLDWHEPDGGGYLSNDIE
TAGTTWDNSWDFTGEKNYDRAFKHKIMPQIEEIMSNYGEISVAWFNVPMTLSDEQSQTIYDTVKRLQPDCLINSRLGNGR
YDYVSLGDNEIPEDSDASDKATSDGNVDYNSIEGFKPSKLGLYETAGTINDSWGFAYHDQNWKSPQTIHDYKAHLNKYGI
NYLLNVGLDGLGRVPMAAEQALLGARALEA
;
_entity_poly.pdbx_strand_id   A,B,C,D,E,F
#
# COMPACT_ATOMS: atom_id res chain seq x y z
N SER A 10 -5.09 -38.09 33.70
CA SER A 10 -5.31 -37.04 32.68
C SER A 10 -5.54 -37.68 31.31
N ASP A 11 -6.53 -37.12 30.58
CA ASP A 11 -6.76 -37.53 29.22
C ASP A 11 -5.53 -37.15 28.38
N THR A 12 -4.98 -35.94 28.56
CA THR A 12 -3.84 -35.51 27.76
C THR A 12 -2.63 -36.43 28.04
N VAL A 13 -2.48 -36.94 29.26
CA VAL A 13 -1.34 -37.79 29.59
C VAL A 13 -1.42 -39.11 28.83
N GLU A 14 -2.57 -39.80 28.90
CA GLU A 14 -2.73 -41.07 28.20
C GLU A 14 -2.63 -40.83 26.69
N TRP A 15 -3.17 -39.70 26.21
CA TRP A 15 -3.04 -39.34 24.81
C TRP A 15 -1.58 -39.20 24.40
N PHE A 16 -0.79 -38.45 25.17
CA PHE A 16 0.57 -38.17 24.73
C PHE A 16 1.43 -39.42 24.73
N LYS A 17 1.19 -40.31 25.68
CA LYS A 17 1.93 -41.56 25.76
C LYS A 17 1.77 -42.38 24.47
N GLN A 18 0.58 -42.36 23.84
CA GLN A 18 0.34 -43.16 22.65
C GLN A 18 0.39 -42.33 21.36
N ALA A 19 0.71 -41.04 21.45
CA ALA A 19 0.65 -40.16 20.27
C ALA A 19 1.70 -40.55 19.23
N LYS A 20 2.89 -40.90 19.71
CA LYS A 20 4.01 -41.47 18.97
C LYS A 20 4.73 -40.50 18.05
N TYR A 21 4.01 -39.65 17.35
CA TYR A 21 4.58 -38.94 16.21
C TYR A 21 3.83 -37.62 16.03
N GLY A 22 4.61 -36.54 15.96
CA GLY A 22 4.09 -35.22 15.73
C GLY A 22 4.91 -34.47 14.69
N MET A 23 4.33 -33.39 14.17
CA MET A 23 5.04 -32.47 13.29
C MET A 23 5.42 -31.23 14.08
N MET A 24 6.66 -30.79 13.91
CA MET A 24 7.08 -29.48 14.39
C MET A 24 7.25 -28.55 13.19
N ILE A 25 7.05 -27.25 13.40
CA ILE A 25 7.21 -26.24 12.38
C ILE A 25 8.11 -25.14 12.93
N HIS A 26 9.20 -24.87 12.23
CA HIS A 26 10.01 -23.68 12.44
C HIS A 26 9.81 -22.77 11.23
N TRP A 27 9.38 -21.53 11.49
CA TRP A 27 9.15 -20.59 10.42
C TRP A 27 9.29 -19.18 11.01
N GLY A 28 10.04 -18.34 10.31
CA GLY A 28 10.25 -16.97 10.74
C GLY A 28 11.02 -16.16 9.70
N LEU A 29 11.48 -14.98 10.12
CA LEU A 29 12.30 -14.17 9.23
C LEU A 29 13.55 -14.92 8.79
N TYR A 30 14.11 -15.75 9.67
CA TYR A 30 15.31 -16.52 9.32
C TYR A 30 15.09 -17.39 8.10
N SER A 31 13.85 -17.80 7.86
CA SER A 31 13.53 -18.68 6.73
C SER A 31 13.80 -18.00 5.40
N LEU A 32 13.68 -16.66 5.35
CA LEU A 32 13.98 -15.92 4.14
C LEU A 32 15.47 -15.99 3.80
N LEU A 33 16.33 -15.83 4.82
CA LEU A 33 17.77 -15.89 4.60
C LEU A 33 18.20 -17.29 4.21
N GLY A 34 17.55 -18.29 4.83
CA GLY A 34 17.81 -19.67 4.46
C GLY A 34 19.26 -20.08 4.71
N GLY A 35 19.87 -19.52 5.73
CA GLY A 35 21.21 -19.91 6.14
C GLY A 35 22.38 -19.21 5.43
N GLU A 36 22.08 -18.18 4.66
CA GLU A 36 23.08 -17.35 4.00
C GLU A 36 22.74 -15.89 4.26
N TYR A 37 23.78 -15.06 4.40
CA TYR A 37 23.62 -13.63 4.61
C TYR A 37 24.93 -12.96 4.23
N GLN A 38 24.89 -11.98 3.34
CA GLN A 38 26.05 -11.24 2.87
C GLN A 38 27.16 -12.20 2.45
N GLY A 39 26.80 -13.26 1.74
CA GLY A 39 27.80 -14.17 1.20
C GLY A 39 28.44 -15.10 2.25
N LYS A 40 27.87 -15.15 3.45
CA LYS A 40 28.40 -15.98 4.52
C LYS A 40 27.34 -16.94 5.00
N SER A 41 27.79 -18.01 5.66
CA SER A 41 26.95 -19.13 6.00
C SER A 41 26.55 -19.09 7.47
N SER A 42 25.33 -19.54 7.76
CA SER A 42 24.97 -19.99 9.09
C SER A 42 25.78 -21.25 9.43
N SER A 43 25.63 -21.71 10.68
CA SER A 43 26.00 -23.08 11.04
C SER A 43 24.95 -24.02 10.47
N ASN A 44 25.00 -25.29 10.91
CA ASN A 44 23.94 -26.22 10.51
C ASN A 44 22.55 -25.72 10.91
N TYR A 45 22.44 -24.86 11.92
CA TYR A 45 21.16 -24.29 12.34
C TYR A 45 20.94 -22.93 11.69
N ALA A 46 20.18 -22.92 10.57
CA ALA A 46 19.97 -21.69 9.83
C ALA A 46 19.15 -20.69 10.65
N GLU A 47 18.32 -21.16 11.56
CA GLU A 47 17.52 -20.25 12.37
C GLU A 47 18.39 -19.47 13.37
N TRP A 48 19.66 -19.88 13.56
CA TRP A 48 20.59 -19.19 14.43
C TRP A 48 21.45 -18.16 13.66
N VAL A 49 21.09 -17.87 12.39
CA VAL A 49 21.97 -17.07 11.56
C VAL A 49 22.20 -15.68 12.18
N GLN A 50 21.18 -15.09 12.83
CA GLN A 50 21.37 -13.76 13.39
C GLN A 50 22.56 -13.75 14.37
N SER A 51 22.64 -14.76 15.22
CA SER A 51 23.73 -14.89 16.16
C SER A 51 25.04 -15.28 15.45
N LYS A 52 24.98 -16.24 14.54
CA LYS A 52 26.18 -16.73 13.88
C LYS A 52 26.95 -15.57 13.21
N LEU A 53 26.21 -14.66 12.57
CA LEU A 53 26.80 -13.59 11.81
C LEU A 53 26.58 -12.23 12.47
N GLN A 54 26.11 -12.23 13.74
CA GLN A 54 25.93 -11.03 14.52
C GLN A 54 25.21 -9.93 13.72
N ILE A 55 24.06 -10.29 13.19
CA ILE A 55 23.31 -9.38 12.35
C ILE A 55 22.66 -8.33 13.25
N PRO A 56 22.95 -7.02 13.06
CA PRO A 56 22.31 -6.01 13.89
C PRO A 56 20.81 -6.04 13.65
N ASN A 57 20.05 -5.81 14.73
CA ASN A 57 18.60 -5.82 14.66
C ASN A 57 18.11 -4.86 13.57
N LYS A 58 18.72 -3.69 13.41
CA LYS A 58 18.28 -2.75 12.38
C LYS A 58 18.35 -3.39 10.99
N GLU A 59 19.35 -4.23 10.74
CA GLU A 59 19.50 -4.90 9.45
C GLU A 59 18.55 -6.08 9.38
N TYR A 60 18.47 -6.88 10.45
CA TYR A 60 17.64 -8.09 10.41
C TYR A 60 16.18 -7.71 10.23
N GLU A 61 15.76 -6.62 10.84
CA GLU A 61 14.38 -6.16 10.73
C GLU A 61 13.95 -5.87 9.29
N ARG A 62 14.90 -5.56 8.41
CA ARG A 62 14.56 -5.32 7.01
C ARG A 62 13.85 -6.52 6.38
N LEU A 63 14.11 -7.74 6.89
CA LEU A 63 13.50 -8.95 6.38
C LEU A 63 11.99 -8.87 6.43
N THR A 64 11.44 -8.10 7.39
CA THR A 64 9.99 -8.01 7.49
C THR A 64 9.38 -7.61 6.16
N GLN A 65 10.03 -6.74 5.38
CA GLN A 65 9.41 -6.20 4.20
C GLN A 65 9.44 -7.20 3.05
N ALA A 66 10.27 -8.24 3.17
CA ALA A 66 10.34 -9.29 2.17
C ALA A 66 9.46 -10.49 2.53
N PHE A 67 8.73 -10.42 3.63
CA PHE A 67 7.96 -11.55 4.12
C PHE A 67 6.53 -11.44 3.60
N ASN A 68 6.30 -12.13 2.46
CA ASN A 68 4.97 -12.16 1.89
C ASN A 68 4.73 -13.53 1.29
N PRO A 69 4.59 -14.56 2.16
CA PRO A 69 4.56 -15.97 1.73
C PRO A 69 3.22 -16.37 1.13
N ILE A 70 3.07 -16.09 -0.16
CA ILE A 70 1.80 -16.26 -0.84
C ILE A 70 1.40 -17.74 -0.94
N TYR A 71 2.30 -18.70 -0.68
CA TYR A 71 1.92 -20.10 -0.79
C TYR A 71 1.67 -20.76 0.59
N PHE A 72 1.76 -20.02 1.68
CA PHE A 72 1.38 -20.56 2.98
C PHE A 72 -0.08 -20.98 3.01
N ASP A 73 -0.33 -22.24 3.39
CA ASP A 73 -1.66 -22.80 3.46
C ASP A 73 -1.69 -23.76 4.67
N ALA A 74 -2.22 -23.25 5.78
CA ALA A 74 -2.27 -24.01 7.02
C ALA A 74 -2.99 -25.33 6.83
N ASP A 75 -4.10 -25.34 6.10
CA ASP A 75 -4.84 -26.58 5.93
C ASP A 75 -3.97 -27.62 5.22
N ALA A 76 -3.18 -27.19 4.22
CA ALA A 76 -2.37 -28.12 3.47
C ALA A 76 -1.24 -28.69 4.33
N ILE A 77 -0.65 -27.88 5.22
CA ILE A 77 0.39 -28.36 6.12
C ILE A 77 -0.19 -29.41 7.09
N ILE A 78 -1.34 -29.09 7.70
CA ILE A 78 -2.01 -30.04 8.58
C ILE A 78 -2.37 -31.31 7.83
N ASP A 79 -2.84 -31.18 6.59
CA ASP A 79 -3.21 -32.37 5.82
C ASP A 79 -1.97 -33.27 5.61
N LEU A 80 -0.82 -32.68 5.34
CA LEU A 80 0.39 -33.50 5.21
C LEU A 80 0.68 -34.25 6.52
N ALA A 81 0.62 -33.53 7.64
CA ALA A 81 0.85 -34.16 8.94
C ALA A 81 -0.09 -35.34 9.15
N LYS A 82 -1.37 -35.10 8.89
CA LYS A 82 -2.37 -36.14 9.07
C LYS A 82 -2.13 -37.35 8.17
N ARG A 83 -1.77 -37.10 6.89
CA ARG A 83 -1.49 -38.20 5.96
C ARG A 83 -0.30 -39.04 6.47
N CYS A 84 0.63 -38.41 7.20
CA CYS A 84 1.78 -39.13 7.72
C CYS A 84 1.50 -39.83 9.05
N GLY A 85 0.29 -39.72 9.58
CA GLY A 85 -0.06 -40.35 10.85
C GLY A 85 0.41 -39.55 12.08
N MET A 86 0.78 -38.28 11.89
CA MET A 86 1.20 -37.44 12.99
C MET A 86 -0.06 -37.01 13.76
N GLN A 87 0.03 -36.98 15.11
N GLN A 87 0.03 -36.97 15.11
CA GLN A 87 -1.15 -36.80 15.93
CA GLN A 87 -1.16 -36.80 15.93
C GLN A 87 -1.19 -35.42 16.57
C GLN A 87 -1.20 -35.42 16.56
N TYR A 88 -0.14 -34.63 16.35
CA TYR A 88 -0.08 -33.29 16.89
C TYR A 88 0.91 -32.46 16.09
N LEU A 89 0.80 -31.14 16.24
CA LEU A 89 1.64 -30.18 15.53
C LEU A 89 2.06 -29.11 16.51
N VAL A 90 3.37 -28.82 16.56
CA VAL A 90 3.95 -27.85 17.45
C VAL A 90 4.63 -26.80 16.58
N VAL A 91 4.27 -25.52 16.78
CA VAL A 91 4.80 -24.48 15.90
C VAL A 91 5.48 -23.37 16.66
N THR A 92 6.58 -22.84 16.12
CA THR A 92 7.27 -21.67 16.65
C THR A 92 6.40 -20.41 16.66
N THR A 93 5.95 -20.01 17.87
CA THR A 93 5.30 -18.72 18.04
C THR A 93 6.34 -17.58 18.08
N LYS A 94 7.54 -17.89 18.55
CA LYS A 94 8.62 -16.93 18.66
C LYS A 94 9.89 -17.71 18.94
N HIS A 95 10.88 -17.61 18.05
CA HIS A 95 12.16 -18.29 18.25
C HIS A 95 13.16 -17.30 18.85
N HIS A 96 14.45 -17.64 18.84
CA HIS A 96 15.44 -16.88 19.57
C HIS A 96 15.57 -15.44 19.06
N ASP A 97 15.29 -15.21 17.79
CA ASP A 97 15.42 -13.86 17.23
C ASP A 97 14.35 -12.91 17.78
N GLY A 98 13.33 -13.45 18.48
CA GLY A 98 12.38 -12.62 19.19
C GLY A 98 11.18 -12.17 18.34
N PHE A 99 11.15 -12.59 17.07
CA PHE A 99 10.09 -12.22 16.15
C PHE A 99 8.87 -13.12 16.35
N ALA A 100 7.72 -12.53 16.68
CA ALA A 100 6.52 -13.33 16.93
C ALA A 100 5.79 -13.67 15.63
N MET A 101 5.27 -14.90 15.54
CA MET A 101 4.57 -15.38 14.37
C MET A 101 3.06 -15.36 14.60
N TYR A 102 2.63 -14.49 15.50
CA TYR A 102 1.22 -14.27 15.82
C TYR A 102 1.04 -12.80 16.12
N ARG A 103 -0.22 -12.38 16.22
CA ARG A 103 -0.54 -10.98 16.50
C ARG A 103 -0.35 -10.72 18.00
N SER A 104 0.81 -10.13 18.35
CA SER A 104 1.16 -9.83 19.74
C SER A 104 0.83 -8.37 20.04
N LEU A 105 -0.07 -8.13 20.99
CA LEU A 105 -0.31 -6.79 21.46
C LEU A 105 0.90 -6.22 22.22
N VAL A 106 1.65 -7.07 22.90
CA VAL A 106 2.81 -6.71 23.72
C VAL A 106 3.96 -6.19 22.85
N ASP A 107 4.10 -6.69 21.63
CA ASP A 107 5.30 -6.39 20.85
C ASP A 107 4.95 -6.38 19.36
N PRO A 108 5.09 -5.23 18.68
CA PRO A 108 4.74 -5.10 17.26
C PRO A 108 5.73 -5.79 16.32
N TYR A 109 6.85 -6.32 16.85
CA TYR A 109 7.78 -7.10 16.06
C TYR A 109 7.20 -8.49 15.84
N ASN A 110 6.24 -8.55 14.90
CA ASN A 110 5.49 -9.76 14.71
C ASN A 110 4.97 -9.81 13.28
N VAL A 111 4.58 -11.00 12.84
CA VAL A 111 4.23 -11.27 11.45
C VAL A 111 2.96 -10.52 11.01
N TYR A 112 2.03 -10.24 11.93
CA TYR A 112 0.81 -9.55 11.59
C TYR A 112 1.11 -8.06 11.38
N ASP A 113 1.74 -7.41 12.37
CA ASP A 113 1.91 -5.96 12.37
C ASP A 113 3.04 -5.50 11.45
N ALA A 114 4.12 -6.28 11.34
CA ALA A 114 5.37 -5.79 10.78
C ALA A 114 5.63 -6.20 9.34
N THR A 115 4.81 -7.09 8.76
CA THR A 115 5.05 -7.62 7.41
C THR A 115 3.86 -7.35 6.50
N PRO A 116 4.09 -7.30 5.16
CA PRO A 116 2.98 -7.17 4.22
C PRO A 116 1.98 -8.34 4.32
N PHE A 117 2.45 -9.48 4.81
CA PHE A 117 1.59 -10.65 4.93
C PHE A 117 0.37 -10.37 5.82
N HIS A 118 0.58 -9.64 6.94
CA HIS A 118 -0.55 -9.10 7.69
C HIS A 118 -1.56 -10.18 8.09
N ARG A 119 -1.05 -11.36 8.44
CA ARG A 119 -1.85 -12.53 8.80
C ARG A 119 -1.23 -13.23 10.01
N ASP A 120 -2.09 -13.75 10.88
CA ASP A 120 -1.70 -14.38 12.13
C ASP A 120 -1.51 -15.88 11.82
N VAL A 121 -0.27 -16.25 11.61
CA VAL A 121 0.16 -17.59 11.22
C VAL A 121 -0.31 -18.60 12.28
N ILE A 122 -0.07 -18.29 13.56
CA ILE A 122 -0.45 -19.20 14.62
C ILE A 122 -1.96 -19.41 14.64
N GLY A 123 -2.73 -18.33 14.44
CA GLY A 123 -4.17 -18.36 14.38
C GLY A 123 -4.64 -19.31 13.26
N GLU A 124 -3.99 -19.20 12.10
CA GLU A 124 -4.39 -20.03 10.96
C GLU A 124 -4.07 -21.51 11.24
N LEU A 125 -2.91 -21.77 11.83
CA LEU A 125 -2.54 -23.15 12.13
C LEU A 125 -3.46 -23.73 13.22
N SER A 126 -3.83 -22.91 14.20
CA SER A 126 -4.76 -23.38 15.23
C SER A 126 -6.08 -23.83 14.63
N LEU A 127 -6.65 -22.99 13.77
CA LEU A 127 -7.91 -23.31 13.13
C LEU A 127 -7.78 -24.58 12.28
N ALA A 128 -6.69 -24.72 11.53
CA ALA A 128 -6.50 -25.88 10.67
C ALA A 128 -6.38 -27.17 11.50
N CYS A 129 -5.66 -27.10 12.61
CA CYS A 129 -5.54 -28.24 13.51
C CYS A 129 -6.88 -28.65 14.08
N ARG A 130 -7.67 -27.67 14.50
CA ARG A 130 -8.95 -28.00 15.08
C ARG A 130 -9.88 -28.68 14.06
N LYS A 131 -9.92 -28.17 12.83
CA LYS A 131 -10.76 -28.76 11.79
C LYS A 131 -10.37 -30.21 11.52
N ALA A 132 -9.08 -30.52 11.56
CA ALA A 132 -8.58 -31.82 11.16
C ALA A 132 -8.48 -32.76 12.36
N GLY A 133 -8.71 -32.28 13.59
CA GLY A 133 -8.63 -33.11 14.77
C GLY A 133 -7.20 -33.42 15.20
N LEU A 134 -6.23 -32.55 14.88
CA LEU A 134 -4.89 -32.69 15.37
C LEU A 134 -4.79 -31.85 16.62
N ARG A 135 -4.08 -32.39 17.62
CA ARG A 135 -3.80 -31.58 18.78
C ARG A 135 -2.75 -30.55 18.43
N PHE A 136 -2.80 -29.42 19.13
CA PHE A 136 -2.01 -28.24 18.76
C PHE A 136 -1.09 -27.88 19.91
N GLY A 137 0.17 -27.64 19.57
CA GLY A 137 1.20 -27.23 20.52
C GLY A 137 1.96 -25.98 20.07
N LEU A 138 2.57 -25.31 21.06
CA LEU A 138 3.19 -24.02 20.83
C LEU A 138 4.61 -24.03 21.36
N TYR A 139 5.54 -23.65 20.49
CA TYR A 139 6.92 -23.40 20.86
C TYR A 139 7.11 -21.93 21.19
N TYR A 140 7.84 -21.60 22.26
CA TYR A 140 8.19 -20.23 22.61
C TYR A 140 9.58 -20.20 23.26
N SER A 141 10.47 -19.35 22.73
N SER A 141 10.47 -19.34 22.72
CA SER A 141 11.79 -19.10 23.31
CA SER A 141 11.78 -19.10 23.31
C SER A 141 11.65 -18.17 24.51
C SER A 141 11.65 -18.17 24.51
N GLN A 142 11.55 -18.74 25.71
CA GLN A 142 11.29 -17.97 26.92
C GLN A 142 12.58 -17.33 27.47
N ASP A 143 13.76 -17.82 27.06
CA ASP A 143 15.00 -17.38 27.66
C ASP A 143 15.74 -16.43 26.69
N LEU A 144 16.13 -16.95 25.52
CA LEU A 144 16.82 -16.14 24.52
C LEU A 144 15.84 -15.24 23.79
N ASP A 145 16.28 -13.98 23.56
CA ASP A 145 15.52 -13.10 22.71
C ASP A 145 16.48 -12.03 22.20
N TRP A 146 16.91 -12.18 20.94
CA TRP A 146 17.94 -11.34 20.38
C TRP A 146 17.41 -9.92 20.05
N HIS A 147 16.11 -9.76 20.13
CA HIS A 147 15.49 -8.46 19.88
C HIS A 147 15.39 -7.64 21.16
N GLU A 148 15.75 -8.22 22.32
CA GLU A 148 15.56 -7.55 23.60
C GLU A 148 16.90 -7.31 24.27
N PRO A 149 17.17 -6.09 24.75
CA PRO A 149 18.42 -5.82 25.46
C PRO A 149 18.66 -6.74 26.65
N ASP A 150 17.57 -7.14 27.31
CA ASP A 150 17.67 -8.03 28.47
C ASP A 150 17.36 -9.49 28.15
N GLY A 151 17.38 -9.85 26.87
CA GLY A 151 17.22 -11.25 26.51
C GLY A 151 18.30 -12.11 27.18
N GLY A 152 17.96 -13.39 27.35
CA GLY A 152 18.80 -14.27 28.11
C GLY A 152 20.05 -14.71 27.35
N GLY A 153 20.95 -15.40 28.08
CA GLY A 153 22.08 -16.04 27.43
C GLY A 153 23.41 -15.43 27.82
N TYR A 154 23.38 -14.22 28.40
CA TYR A 154 24.57 -13.44 28.68
C TYR A 154 25.45 -13.99 29.79
N LEU A 155 24.99 -15.01 30.53
CA LEU A 155 25.83 -15.68 31.54
C LEU A 155 26.43 -16.98 31.03
N SER A 156 26.17 -17.36 29.76
CA SER A 156 26.39 -18.70 29.28
C SER A 156 27.44 -18.78 28.17
N ASN A 157 28.17 -17.69 27.89
CA ASN A 157 28.96 -17.59 26.65
C ASN A 157 30.28 -18.34 26.74
N ASP A 158 30.54 -19.01 27.87
N ASP A 158 30.53 -19.00 27.87
CA ASP A 158 31.58 -20.03 27.95
CA ASP A 158 31.55 -20.02 28.00
C ASP A 158 31.18 -21.31 27.20
C ASP A 158 31.17 -21.30 27.25
N ILE A 159 29.89 -21.46 26.91
CA ILE A 159 29.39 -22.65 26.23
C ILE A 159 29.14 -22.28 24.77
N GLU A 160 29.69 -23.12 23.86
CA GLU A 160 29.55 -22.92 22.43
C GLU A 160 28.07 -23.00 22.01
N THR A 161 27.73 -22.27 20.93
CA THR A 161 26.39 -22.27 20.39
C THR A 161 26.44 -22.62 18.89
N ALA A 162 25.24 -22.70 18.31
CA ALA A 162 25.06 -22.77 16.87
C ALA A 162 25.15 -21.40 16.20
N GLY A 163 25.48 -20.35 16.95
CA GLY A 163 25.85 -19.07 16.38
C GLY A 163 27.17 -18.60 16.97
N THR A 164 27.14 -17.42 17.59
CA THR A 164 28.26 -16.91 18.35
C THR A 164 27.88 -17.00 19.83
N THR A 165 27.27 -15.93 20.34
CA THR A 165 26.79 -15.88 21.72
C THR A 165 25.34 -16.35 21.80
N TRP A 166 24.93 -16.71 23.02
CA TRP A 166 23.55 -17.09 23.31
C TRP A 166 22.62 -15.88 23.22
N ASP A 167 23.13 -14.74 23.69
CA ASP A 167 22.39 -13.48 23.66
C ASP A 167 22.80 -12.64 22.45
N ASN A 168 22.03 -11.57 22.22
CA ASN A 168 22.49 -10.53 21.32
C ASN A 168 23.51 -9.67 22.05
N SER A 169 24.79 -9.94 21.78
CA SER A 169 25.91 -9.31 22.41
C SER A 169 26.56 -8.24 21.53
N TRP A 170 25.97 -7.95 20.38
CA TRP A 170 26.55 -7.01 19.42
C TRP A 170 25.75 -5.70 19.42
N ASP A 171 24.41 -5.75 19.42
CA ASP A 171 23.57 -4.57 19.60
C ASP A 171 23.58 -4.09 21.06
N PHE A 172 23.69 -5.05 22.00
CA PHE A 172 23.51 -4.80 23.42
C PHE A 172 24.77 -5.23 24.16
N THR A 173 25.57 -4.26 24.60
CA THR A 173 26.89 -4.54 25.15
C THR A 173 27.01 -4.07 26.59
N GLY A 174 25.91 -3.63 27.22
CA GLY A 174 26.04 -3.11 28.58
C GLY A 174 25.54 -4.10 29.64
N GLU A 175 25.13 -3.54 30.77
CA GLU A 175 24.54 -4.35 31.84
C GLU A 175 23.22 -4.92 31.37
N LYS A 176 22.97 -6.17 31.77
CA LYS A 176 21.75 -6.86 31.40
C LYS A 176 21.12 -7.48 32.63
N ASN A 177 19.79 -7.55 32.61
CA ASN A 177 19.03 -8.18 33.66
C ASN A 177 17.77 -8.79 33.04
N TYR A 178 17.85 -10.10 32.83
CA TYR A 178 16.78 -10.90 32.23
C TYR A 178 15.43 -10.65 32.90
N ASP A 179 15.43 -10.33 34.21
CA ASP A 179 14.19 -10.08 34.94
C ASP A 179 13.32 -9.07 34.19
N ARG A 180 13.95 -8.06 33.56
CA ARG A 180 13.17 -7.02 32.90
C ARG A 180 12.43 -7.57 31.68
N ALA A 181 13.13 -8.34 30.85
CA ALA A 181 12.54 -8.94 29.68
C ALA A 181 11.49 -9.98 30.07
N PHE A 182 11.78 -10.72 31.15
CA PHE A 182 10.86 -11.71 31.67
C PHE A 182 9.52 -11.04 31.98
N LYS A 183 9.57 -9.92 32.70
CA LYS A 183 8.35 -9.26 33.12
C LYS A 183 7.61 -8.59 31.95
N HIS A 184 8.37 -7.94 31.04
CA HIS A 184 7.74 -7.04 30.08
C HIS A 184 7.38 -7.76 28.77
N LYS A 185 8.14 -8.77 28.36
CA LYS A 185 7.86 -9.42 27.08
C LYS A 185 7.53 -10.90 27.26
N ILE A 186 8.37 -11.65 27.98
CA ILE A 186 8.27 -13.09 28.02
C ILE A 186 6.93 -13.51 28.62
N MET A 187 6.66 -13.12 29.86
CA MET A 187 5.45 -13.55 30.54
C MET A 187 4.23 -13.00 29.75
N PRO A 188 4.17 -11.72 29.38
CA PRO A 188 2.99 -11.25 28.63
C PRO A 188 2.74 -12.01 27.32
N GLN A 189 3.80 -12.39 26.59
CA GLN A 189 3.59 -13.10 25.33
C GLN A 189 3.11 -14.51 25.62
N ILE A 190 3.68 -15.17 26.65
CA ILE A 190 3.20 -16.50 26.98
C ILE A 190 1.72 -16.44 27.33
N GLU A 191 1.30 -15.40 28.02
CA GLU A 191 -0.11 -15.23 28.31
C GLU A 191 -0.94 -15.08 27.04
N GLU A 192 -0.45 -14.33 26.06
CA GLU A 192 -1.14 -14.16 24.78
C GLU A 192 -1.32 -15.51 24.09
N ILE A 193 -0.23 -16.24 23.92
CA ILE A 193 -0.32 -17.44 23.08
C ILE A 193 -1.15 -18.54 23.78
N MET A 194 -1.14 -18.53 25.13
CA MET A 194 -1.89 -19.52 25.89
C MET A 194 -3.33 -19.06 26.15
N SER A 195 -3.70 -17.89 25.64
CA SER A 195 -5.07 -17.40 25.75
C SER A 195 -5.83 -17.36 24.43
N ASN A 196 -5.17 -17.11 23.31
CA ASN A 196 -5.86 -16.60 22.14
C ASN A 196 -6.02 -17.63 21.03
N TYR A 197 -5.56 -18.89 21.22
CA TYR A 197 -5.46 -19.86 20.12
C TYR A 197 -6.11 -21.20 20.47
N GLY A 198 -7.10 -21.18 21.37
CA GLY A 198 -7.82 -22.35 21.80
C GLY A 198 -6.99 -23.27 22.69
N GLU A 199 -7.42 -24.52 22.72
CA GLU A 199 -6.82 -25.51 23.61
C GLU A 199 -5.43 -25.85 23.12
N ILE A 200 -4.45 -25.75 24.02
CA ILE A 200 -3.06 -26.04 23.72
C ILE A 200 -2.68 -27.33 24.46
N SER A 201 -2.14 -28.30 23.74
CA SER A 201 -1.84 -29.62 24.26
C SER A 201 -0.37 -29.76 24.70
N VAL A 202 0.52 -28.99 24.07
CA VAL A 202 1.95 -29.06 24.30
C VAL A 202 2.51 -27.65 24.36
N ALA A 203 3.37 -27.39 25.34
CA ALA A 203 4.13 -26.16 25.43
C ALA A 203 5.60 -26.54 25.33
N TRP A 204 6.26 -26.02 24.30
CA TRP A 204 7.64 -26.35 23.99
C TRP A 204 8.51 -25.13 24.23
N PHE A 205 9.16 -25.13 25.40
CA PHE A 205 10.11 -24.11 25.77
C PHE A 205 11.51 -24.54 25.35
N ASN A 206 12.51 -23.66 25.56
CA ASN A 206 13.83 -24.01 25.01
C ASN A 206 14.96 -23.31 25.76
N VAL A 207 16.12 -23.99 25.72
CA VAL A 207 17.43 -23.49 26.16
C VAL A 207 17.34 -22.56 27.38
N PRO A 208 17.05 -23.14 28.56
CA PRO A 208 16.82 -22.36 29.78
C PRO A 208 18.14 -21.91 30.42
N MET A 209 18.83 -20.99 29.74
CA MET A 209 20.20 -20.62 30.05
C MET A 209 20.27 -19.63 31.22
N THR A 210 19.17 -18.93 31.55
CA THR A 210 19.22 -17.75 32.40
C THR A 210 18.12 -17.75 33.46
N LEU A 211 16.89 -18.17 33.11
CA LEU A 211 15.78 -17.96 34.03
C LEU A 211 15.95 -18.78 35.30
N SER A 212 15.48 -18.22 36.42
CA SER A 212 15.56 -18.80 37.73
C SER A 212 14.50 -19.88 37.93
N ASP A 213 14.63 -20.66 39.00
N ASP A 213 14.64 -20.66 39.01
CA ASP A 213 13.62 -21.64 39.38
CA ASP A 213 13.64 -21.62 39.41
C ASP A 213 12.28 -20.94 39.54
C ASP A 213 12.28 -20.93 39.53
N GLU A 214 12.27 -19.77 40.20
CA GLU A 214 11.03 -19.03 40.40
C GLU A 214 10.37 -18.59 39.08
N GLN A 215 11.21 -18.15 38.14
CA GLN A 215 10.73 -17.74 36.83
C GLN A 215 10.18 -18.93 36.04
N SER A 216 10.88 -20.08 36.10
CA SER A 216 10.35 -21.30 35.50
C SER A 216 9.00 -21.64 36.12
N GLN A 217 8.90 -21.54 37.42
CA GLN A 217 7.66 -21.90 38.13
C GLN A 217 6.53 -20.95 37.75
N THR A 218 6.84 -19.66 37.62
CA THR A 218 5.86 -18.66 37.27
C THR A 218 5.27 -18.99 35.90
N ILE A 219 6.14 -19.33 34.93
CA ILE A 219 5.67 -19.74 33.61
C ILE A 219 4.81 -21.00 33.74
N TYR A 220 5.33 -22.00 34.43
CA TYR A 220 4.61 -23.25 34.56
C TYR A 220 3.19 -22.99 35.08
N ASP A 221 3.08 -22.21 36.15
CA ASP A 221 1.80 -21.95 36.76
C ASP A 221 0.87 -21.15 35.82
N THR A 222 1.43 -20.19 35.10
CA THR A 222 0.68 -19.40 34.17
C THR A 222 0.12 -20.27 33.04
N VAL A 223 0.96 -21.13 32.47
CA VAL A 223 0.50 -22.03 31.42
C VAL A 223 -0.65 -22.90 31.94
N LYS A 224 -0.49 -23.47 33.14
CA LYS A 224 -1.51 -24.35 33.68
C LYS A 224 -2.79 -23.61 33.98
N ARG A 225 -2.68 -22.35 34.42
CA ARG A 225 -3.86 -21.58 34.75
C ARG A 225 -4.68 -21.40 33.46
N LEU A 226 -4.01 -21.04 32.36
CA LEU A 226 -4.70 -20.74 31.11
C LEU A 226 -5.04 -22.00 30.32
N GLN A 227 -4.24 -23.06 30.51
CA GLN A 227 -4.33 -24.27 29.71
C GLN A 227 -4.12 -25.47 30.64
N PRO A 228 -5.15 -25.85 31.40
CA PRO A 228 -4.99 -26.82 32.48
C PRO A 228 -4.43 -28.17 32.04
N ASP A 229 -4.67 -28.58 30.78
CA ASP A 229 -4.27 -29.91 30.34
C ASP A 229 -3.03 -29.86 29.47
N CYS A 230 -2.42 -28.67 29.30
CA CYS A 230 -1.25 -28.54 28.44
C CYS A 230 -0.03 -29.21 29.08
N LEU A 231 0.68 -30.05 28.32
CA LEU A 231 1.90 -30.69 28.80
C LEU A 231 3.11 -29.82 28.48
N ILE A 232 3.95 -29.56 29.48
CA ILE A 232 5.05 -28.62 29.34
C ILE A 232 6.35 -29.43 29.28
N ASN A 233 7.24 -29.10 28.34
CA ASN A 233 8.46 -29.87 28.23
C ASN A 233 9.55 -29.40 29.21
N SER A 234 10.59 -30.24 29.33
CA SER A 234 11.62 -30.07 30.36
C SER A 234 12.54 -28.88 30.08
N ARG A 235 12.55 -28.34 28.88
CA ARG A 235 13.37 -27.20 28.55
C ARG A 235 12.81 -25.88 29.07
N LEU A 236 11.67 -25.93 29.79
CA LEU A 236 11.27 -24.78 30.59
C LEU A 236 12.33 -24.51 31.65
N GLY A 237 13.03 -25.56 32.04
CA GLY A 237 14.13 -25.42 32.97
C GLY A 237 13.74 -25.68 34.43
N ASN A 238 14.77 -25.93 35.22
CA ASN A 238 14.70 -25.93 36.68
C ASN A 238 13.75 -26.99 37.23
N GLY A 239 13.48 -28.04 36.46
CA GLY A 239 12.66 -29.14 36.92
C GLY A 239 11.16 -28.88 36.82
N ARG A 240 10.76 -27.78 36.20
CA ARG A 240 9.35 -27.41 36.11
C ARG A 240 8.77 -27.90 34.79
N TYR A 241 8.26 -29.13 34.75
CA TYR A 241 7.81 -29.72 33.49
C TYR A 241 6.92 -30.95 33.72
N ASP A 242 6.22 -31.37 32.66
CA ASP A 242 5.36 -32.54 32.66
C ASP A 242 5.94 -33.67 31.80
N TYR A 243 6.79 -33.35 30.85
CA TYR A 243 7.45 -34.41 30.07
C TYR A 243 8.88 -33.99 29.71
N VAL A 244 9.68 -35.01 29.43
CA VAL A 244 11.09 -34.84 29.15
C VAL A 244 11.34 -34.71 27.65
N SER A 245 11.98 -33.61 27.26
CA SER A 245 12.52 -33.43 25.92
C SER A 245 13.96 -33.98 25.97
N LEU A 246 14.29 -34.88 25.06
CA LEU A 246 15.69 -35.27 24.88
C LEU A 246 16.42 -34.17 24.09
N GLY A 247 17.70 -34.40 23.82
CA GLY A 247 18.49 -33.49 23.01
C GLY A 247 17.98 -33.38 21.57
N ASP A 248 18.41 -32.32 20.90
CA ASP A 248 18.12 -32.12 19.48
C ASP A 248 18.55 -33.36 18.72
N ASN A 249 17.62 -34.02 17.98
CA ASN A 249 17.96 -35.18 17.17
C ASN A 249 18.58 -36.29 18.01
N GLU A 250 18.24 -36.38 19.32
CA GLU A 250 18.90 -37.38 20.16
C GLU A 250 18.12 -38.68 20.08
N ILE A 251 18.77 -39.68 19.48
CA ILE A 251 18.22 -41.02 19.38
C ILE A 251 18.97 -41.87 20.37
N PRO A 252 18.44 -42.11 21.58
CA PRO A 252 19.24 -42.74 22.64
C PRO A 252 19.55 -44.20 22.33
N GLU A 253 20.73 -44.59 22.80
CA GLU A 253 21.18 -45.97 22.82
C GLU A 253 20.20 -46.85 23.62
N ASP A 254 20.13 -48.12 23.24
CA ASP A 254 19.17 -49.04 23.84
C ASP A 254 19.21 -49.03 25.37
N SER A 255 20.42 -49.16 25.92
CA SER A 255 20.59 -49.24 27.38
C SER A 255 19.99 -48.02 28.08
N ASP A 256 20.34 -46.82 27.61
CA ASP A 256 19.82 -45.59 28.21
C ASP A 256 18.32 -45.43 28.00
N ALA A 257 17.82 -45.80 26.81
CA ALA A 257 16.41 -45.67 26.54
C ALA A 257 15.59 -46.64 27.42
N SER A 258 16.15 -47.80 27.71
CA SER A 258 15.49 -48.76 28.58
C SER A 258 15.30 -48.20 30.00
N ASP A 259 16.36 -47.59 30.52
CA ASP A 259 16.45 -47.07 31.90
C ASP A 259 15.82 -45.68 32.04
N LYS A 260 15.68 -44.95 30.92
CA LYS A 260 15.25 -43.57 30.90
C LYS A 260 16.14 -42.75 31.84
N ALA A 261 17.43 -43.00 31.63
CA ALA A 261 18.47 -42.44 32.46
C ALA A 261 19.73 -42.38 31.61
N THR A 262 20.50 -41.29 31.81
CA THR A 262 21.76 -41.07 31.11
C THR A 262 22.93 -41.23 32.09
N SER A 263 22.78 -40.83 33.36
CA SER A 263 23.77 -41.12 34.39
C SER A 263 23.11 -41.60 35.68
N ASP A 264 23.94 -41.85 36.71
CA ASP A 264 23.48 -42.52 37.91
C ASP A 264 23.09 -41.57 39.03
N GLY A 265 23.41 -40.28 38.86
CA GLY A 265 23.25 -39.31 39.94
C GLY A 265 22.43 -38.09 39.50
N ASN A 266 22.86 -36.91 39.95
CA ASN A 266 22.15 -35.65 39.76
C ASN A 266 22.05 -35.36 38.27
N VAL A 267 20.89 -34.89 37.84
CA VAL A 267 20.78 -34.35 36.51
C VAL A 267 20.88 -32.83 36.63
N ASP A 268 21.26 -32.23 35.53
CA ASP A 268 21.27 -30.78 35.38
C ASP A 268 19.97 -30.43 34.67
N TYR A 269 19.01 -29.85 35.42
CA TYR A 269 17.71 -29.58 34.84
C TYR A 269 17.73 -28.54 33.71
N ASN A 270 18.84 -27.81 33.53
CA ASN A 270 18.94 -26.80 32.51
C ASN A 270 19.84 -27.25 31.35
N SER A 271 20.36 -28.47 31.39
CA SER A 271 21.00 -29.08 30.23
C SER A 271 19.91 -29.52 29.26
N ILE A 272 20.24 -29.64 27.97
CA ILE A 272 19.23 -30.02 27.01
C ILE A 272 19.45 -31.44 26.46
N GLU A 273 20.51 -32.11 26.88
CA GLU A 273 20.86 -33.46 26.45
C GLU A 273 20.50 -34.50 27.52
N GLY A 274 20.09 -35.67 27.05
CA GLY A 274 19.98 -36.86 27.87
C GLY A 274 18.64 -36.89 28.59
N PHE A 275 18.45 -37.92 29.36
CA PHE A 275 17.23 -38.13 30.14
C PHE A 275 17.23 -37.28 31.41
N LYS A 276 16.00 -37.11 31.93
CA LYS A 276 15.69 -36.51 33.20
C LYS A 276 14.55 -37.33 33.81
N PRO A 277 14.29 -37.23 35.13
CA PRO A 277 13.14 -37.92 35.72
C PRO A 277 11.83 -37.51 35.06
N SER A 278 10.91 -38.48 34.96
CA SER A 278 9.56 -38.17 34.47
C SER A 278 8.53 -38.94 35.30
N LYS A 279 7.88 -38.22 36.22
N LYS A 279 7.88 -38.22 36.22
CA LYS A 279 6.86 -38.81 37.09
CA LYS A 279 6.85 -38.80 37.08
C LYS A 279 5.76 -39.44 36.24
C LYS A 279 5.76 -39.44 36.24
N LEU A 280 5.41 -38.80 35.11
CA LEU A 280 4.28 -39.27 34.30
C LEU A 280 4.73 -40.28 33.25
N GLY A 281 6.04 -40.51 33.10
CA GLY A 281 6.57 -41.46 32.13
C GLY A 281 6.43 -40.98 30.68
N LEU A 282 6.59 -39.65 30.46
CA LEU A 282 6.42 -39.07 29.16
C LEU A 282 7.76 -38.52 28.66
N TYR A 283 8.03 -38.80 27.37
CA TYR A 283 9.30 -38.48 26.74
C TYR A 283 9.09 -38.14 25.26
N GLU A 284 9.96 -37.29 24.72
CA GLU A 284 9.88 -36.88 23.32
C GLU A 284 11.27 -36.45 22.84
N THR A 285 11.65 -36.94 21.64
CA THR A 285 12.77 -36.40 20.91
C THR A 285 12.22 -35.60 19.73
N ALA A 286 12.62 -34.35 19.69
CA ALA A 286 12.42 -33.49 18.53
C ALA A 286 13.64 -33.61 17.63
N GLY A 287 13.36 -33.76 16.33
CA GLY A 287 14.38 -33.92 15.32
C GLY A 287 14.02 -33.20 14.02
N THR A 288 14.98 -33.23 13.09
CA THR A 288 14.93 -32.53 11.83
C THR A 288 15.05 -33.52 10.70
N ILE A 289 14.51 -33.16 9.52
CA ILE A 289 14.66 -34.04 8.36
C ILE A 289 16.04 -33.88 7.70
N ASN A 290 16.45 -32.62 7.47
CA ASN A 290 17.83 -32.32 7.20
C ASN A 290 18.51 -31.99 8.54
N ASP A 291 19.51 -31.12 8.54
CA ASP A 291 20.30 -30.87 9.74
C ASP A 291 19.96 -29.54 10.41
N SER A 292 19.01 -28.79 9.86
CA SER A 292 18.64 -27.47 10.32
C SER A 292 17.20 -27.52 10.85
N TRP A 293 16.86 -26.59 11.75
CA TRP A 293 15.47 -26.41 12.15
C TRP A 293 14.78 -25.45 11.16
N GLY A 294 15.35 -24.26 11.00
CA GLY A 294 14.92 -23.36 9.96
C GLY A 294 15.28 -23.89 8.57
N PHE A 295 14.55 -23.42 7.57
CA PHE A 295 14.85 -23.66 6.18
C PHE A 295 16.28 -23.25 5.86
N ALA A 296 16.98 -24.11 5.12
CA ALA A 296 18.36 -23.88 4.78
C ALA A 296 18.62 -24.22 3.31
N TYR A 297 18.88 -23.18 2.50
CA TYR A 297 19.08 -23.31 1.06
C TYR A 297 20.11 -24.40 0.75
N HIS A 298 21.23 -24.40 1.49
CA HIS A 298 22.34 -25.26 1.08
C HIS A 298 22.39 -26.58 1.86
N ASP A 299 21.37 -26.90 2.64
CA ASP A 299 21.34 -28.17 3.36
C ASP A 299 20.40 -29.12 2.62
N GLN A 300 20.98 -30.04 1.85
N GLN A 300 20.98 -30.04 1.86
CA GLN A 300 20.21 -31.04 1.14
CA GLN A 300 20.23 -31.04 1.12
C GLN A 300 20.49 -32.40 1.76
C GLN A 300 20.49 -32.40 1.76
N ASN A 301 20.93 -32.42 3.03
CA ASN A 301 21.24 -33.69 3.68
C ASN A 301 19.95 -34.26 4.30
N TRP A 302 18.98 -34.57 3.44
CA TRP A 302 17.67 -35.08 3.88
C TRP A 302 17.84 -36.53 4.32
N LYS A 303 17.35 -36.84 5.53
CA LYS A 303 17.32 -38.23 6.00
C LYS A 303 16.41 -39.02 5.07
N SER A 304 16.78 -40.27 4.83
CA SER A 304 16.03 -41.15 3.98
C SER A 304 14.74 -41.59 4.65
N PRO A 305 13.72 -42.00 3.88
CA PRO A 305 12.52 -42.63 4.43
C PRO A 305 12.85 -43.72 5.46
N GLN A 306 13.81 -44.58 5.16
N GLN A 306 13.81 -44.57 5.15
CA GLN A 306 14.15 -45.68 6.05
CA GLN A 306 14.17 -45.67 6.04
C GLN A 306 14.70 -45.13 7.38
C GLN A 306 14.70 -45.12 7.37
N THR A 307 15.56 -44.10 7.33
CA THR A 307 16.10 -43.49 8.55
C THR A 307 14.98 -42.93 9.42
N ILE A 308 14.06 -42.18 8.81
CA ILE A 308 12.97 -41.57 9.55
C ILE A 308 12.10 -42.66 10.16
N HIS A 309 11.76 -43.67 9.37
CA HIS A 309 10.98 -44.77 9.85
C HIS A 309 11.66 -45.43 11.06
N ASP A 310 12.96 -45.68 10.95
CA ASP A 310 13.68 -46.42 11.97
C ASP A 310 13.86 -45.56 13.21
N TYR A 311 14.09 -44.25 13.07
CA TYR A 311 14.16 -43.38 14.23
C TYR A 311 12.83 -43.39 14.98
N LYS A 312 11.74 -43.26 14.22
CA LYS A 312 10.44 -43.25 14.84
C LYS A 312 10.19 -44.56 15.59
N ALA A 313 10.48 -45.68 14.93
CA ALA A 313 10.21 -46.99 15.51
C ALA A 313 11.03 -47.20 16.78
N HIS A 314 12.31 -46.81 16.72
CA HIS A 314 13.21 -46.98 17.85
C HIS A 314 12.71 -46.15 19.05
N LEU A 315 12.37 -44.89 18.81
CA LEU A 315 11.87 -44.04 19.89
C LEU A 315 10.60 -44.64 20.46
N ASN A 316 9.64 -44.98 19.59
CA ASN A 316 8.34 -45.41 20.04
C ASN A 316 8.42 -46.74 20.80
N LYS A 317 9.35 -47.64 20.46
CA LYS A 317 9.47 -48.91 21.16
C LYS A 317 9.83 -48.67 22.64
N TYR A 318 10.46 -47.54 22.96
CA TYR A 318 10.78 -47.17 24.33
C TYR A 318 9.78 -46.19 24.96
N GLY A 319 8.63 -45.98 24.34
CA GLY A 319 7.65 -45.03 24.85
C GLY A 319 8.12 -43.57 24.74
N ILE A 320 8.91 -43.27 23.70
CA ILE A 320 9.35 -41.92 23.41
C ILE A 320 8.68 -41.44 22.12
N ASN A 321 8.09 -40.25 22.16
CA ASN A 321 7.49 -39.65 20.99
C ASN A 321 8.57 -39.06 20.08
N TYR A 322 8.25 -39.00 18.79
CA TYR A 322 9.10 -38.42 17.77
C TYR A 322 8.42 -37.21 17.17
N LEU A 323 8.98 -36.03 17.44
CA LEU A 323 8.46 -34.76 16.97
C LEU A 323 9.35 -34.30 15.84
N LEU A 324 8.88 -34.48 14.60
CA LEU A 324 9.76 -34.28 13.45
C LEU A 324 9.44 -32.94 12.78
N ASN A 325 10.50 -32.14 12.65
CA ASN A 325 10.35 -30.76 12.21
C ASN A 325 10.33 -30.60 10.69
N VAL A 326 9.55 -29.60 10.26
CA VAL A 326 9.61 -29.05 8.92
C VAL A 326 9.96 -27.57 9.01
N GLY A 327 11.00 -27.16 8.27
CA GLY A 327 11.34 -25.74 8.21
C GLY A 327 10.77 -25.14 6.92
N LEU A 328 9.68 -24.39 7.03
CA LEU A 328 9.03 -23.85 5.85
C LEU A 328 9.95 -22.84 5.16
N ASP A 329 9.82 -22.74 3.84
CA ASP A 329 10.64 -21.79 3.09
C ASP A 329 10.00 -20.39 3.17
N GLY A 330 10.68 -19.43 2.54
CA GLY A 330 10.23 -18.06 2.60
C GLY A 330 8.86 -17.79 1.97
N LEU A 331 8.40 -18.70 1.13
CA LEU A 331 7.07 -18.57 0.53
C LEU A 331 6.01 -19.31 1.33
N GLY A 332 6.40 -19.93 2.44
CA GLY A 332 5.47 -20.66 3.31
C GLY A 332 5.29 -22.13 2.94
N ARG A 333 6.19 -22.67 2.14
CA ARG A 333 6.04 -24.02 1.58
C ARG A 333 6.88 -25.07 2.33
N VAL A 334 6.35 -26.30 2.34
CA VAL A 334 7.14 -27.46 2.72
C VAL A 334 8.07 -27.74 1.55
N PRO A 335 9.40 -27.78 1.73
CA PRO A 335 10.27 -28.16 0.60
C PRO A 335 9.84 -29.52 0.07
N MET A 336 9.88 -29.67 -1.25
CA MET A 336 9.48 -30.91 -1.85
C MET A 336 10.29 -32.08 -1.26
N ALA A 337 11.60 -31.94 -1.05
CA ALA A 337 12.39 -33.08 -0.54
C ALA A 337 11.94 -33.49 0.87
N ALA A 338 11.46 -32.52 1.64
CA ALA A 338 10.98 -32.79 2.97
C ALA A 338 9.67 -33.58 2.89
N GLU A 339 8.76 -33.08 2.06
CA GLU A 339 7.50 -33.78 1.87
C GLU A 339 7.72 -35.21 1.39
N GLN A 340 8.64 -35.40 0.43
CA GLN A 340 8.89 -36.71 -0.12
C GLN A 340 9.50 -37.64 0.94
N ALA A 341 10.37 -37.10 1.80
CA ALA A 341 10.91 -37.92 2.88
C ALA A 341 9.81 -38.39 3.85
N LEU A 342 8.90 -37.49 4.19
CA LEU A 342 7.82 -37.78 5.12
C LEU A 342 6.88 -38.83 4.54
N LEU A 343 6.45 -38.61 3.29
CA LEU A 343 5.51 -39.53 2.68
C LEU A 343 6.19 -40.88 2.44
N GLY A 344 7.48 -40.85 2.06
CA GLY A 344 8.26 -42.07 1.91
C GLY A 344 8.31 -42.91 3.20
N ALA A 345 8.53 -42.21 4.34
CA ALA A 345 8.57 -42.91 5.61
C ALA A 345 7.19 -43.52 5.92
N ARG A 346 6.13 -42.77 5.63
CA ARG A 346 4.77 -43.26 5.81
C ARG A 346 4.51 -44.52 5.01
N ALA A 347 5.03 -44.57 3.78
CA ALA A 347 4.83 -45.74 2.92
C ALA A 347 5.46 -47.00 3.50
N LEU A 348 6.47 -46.85 4.39
CA LEU A 348 7.13 -48.01 4.97
C LEU A 348 6.36 -48.57 6.18
N GLU A 349 5.26 -47.92 6.59
CA GLU A 349 4.44 -48.48 7.65
C GLU A 349 3.36 -49.35 7.04
N ALA A 350 2.97 -50.41 7.74
CA ALA A 350 1.81 -51.18 7.34
C ALA A 350 0.55 -50.43 7.82
N SER B 10 -16.44 -9.59 -47.13
CA SER B 10 -15.70 -9.57 -45.84
C SER B 10 -16.21 -10.72 -44.95
N ASP B 11 -15.28 -11.39 -44.26
CA ASP B 11 -15.63 -12.38 -43.26
C ASP B 11 -16.36 -11.67 -42.11
N THR B 12 -15.89 -10.50 -41.64
CA THR B 12 -16.55 -9.82 -40.52
C THR B 12 -17.99 -9.46 -40.92
N VAL B 13 -18.22 -9.09 -42.18
CA VAL B 13 -19.55 -8.68 -42.62
C VAL B 13 -20.54 -9.85 -42.56
N GLU B 14 -20.16 -11.00 -43.14
CA GLU B 14 -21.04 -12.17 -43.13
C GLU B 14 -21.22 -12.62 -41.67
N TRP B 15 -20.16 -12.54 -40.86
CA TRP B 15 -20.24 -12.91 -39.45
C TRP B 15 -21.28 -12.03 -38.74
N PHE B 16 -21.19 -10.71 -38.92
CA PHE B 16 -22.04 -9.81 -38.15
C PHE B 16 -23.51 -9.96 -38.52
N LYS B 17 -23.77 -10.24 -39.79
CA LYS B 17 -25.12 -10.46 -40.29
C LYS B 17 -25.79 -11.63 -39.57
N GLN B 18 -25.04 -12.68 -39.23
CA GLN B 18 -25.64 -13.86 -38.58
C GLN B 18 -25.35 -13.88 -37.07
N ALA B 19 -24.66 -12.88 -36.53
CA ALA B 19 -24.24 -12.93 -35.13
C ALA B 19 -25.45 -12.85 -34.20
N LYS B 20 -26.42 -11.99 -34.54
CA LYS B 20 -27.75 -11.89 -33.93
C LYS B 20 -27.74 -11.23 -32.55
N TYR B 21 -26.78 -11.57 -31.68
CA TYR B 21 -26.93 -11.29 -30.26
C TYR B 21 -25.55 -11.12 -29.66
N GLY B 22 -25.37 -10.00 -28.96
CA GLY B 22 -24.12 -9.69 -28.27
C GLY B 22 -24.40 -9.15 -26.86
N MET B 23 -23.36 -9.18 -26.03
CA MET B 23 -23.44 -8.57 -24.72
C MET B 23 -22.69 -7.26 -24.76
N MET B 24 -23.29 -6.21 -24.19
CA MET B 24 -22.58 -4.96 -23.96
C MET B 24 -22.30 -4.85 -22.45
N ILE B 25 -21.18 -4.21 -22.11
CA ILE B 25 -20.81 -3.96 -20.72
C ILE B 25 -20.54 -2.48 -20.55
N HIS B 26 -21.24 -1.87 -19.58
CA HIS B 26 -20.94 -0.54 -19.08
C HIS B 26 -20.40 -0.72 -17.65
N TRP B 27 -19.19 -0.23 -17.42
CA TRP B 27 -18.59 -0.31 -16.09
C TRP B 27 -17.60 0.83 -15.95
N GLY B 28 -17.66 1.47 -14.80
CA GLY B 28 -16.79 2.60 -14.53
C GLY B 28 -16.99 3.09 -13.10
N LEU B 29 -16.40 4.26 -12.80
CA LEU B 29 -16.57 4.86 -11.48
C LEU B 29 -18.03 5.13 -11.19
N TYR B 30 -18.84 5.48 -12.20
CA TYR B 30 -20.26 5.70 -12.03
C TYR B 30 -20.96 4.50 -11.42
N SER B 31 -20.42 3.29 -11.67
CA SER B 31 -21.02 2.08 -11.15
C SER B 31 -21.01 2.04 -9.62
N LEU B 32 -19.99 2.64 -8.99
CA LEU B 32 -19.93 2.71 -7.53
C LEU B 32 -21.09 3.54 -6.97
N LEU B 33 -21.38 4.68 -7.59
CA LEU B 33 -22.45 5.55 -7.13
C LEU B 33 -23.80 4.89 -7.34
N GLY B 34 -23.93 4.17 -8.45
CA GLY B 34 -25.14 3.42 -8.69
C GLY B 34 -26.38 4.29 -8.80
N GLY B 35 -26.24 5.50 -9.32
CA GLY B 35 -27.38 6.39 -9.56
C GLY B 35 -27.81 7.25 -8.35
N GLU B 36 -26.98 7.29 -7.29
CA GLU B 36 -27.21 8.17 -6.16
C GLU B 36 -25.90 8.86 -5.83
N TYR B 37 -26.01 10.13 -5.40
CA TYR B 37 -24.85 10.88 -4.94
C TYR B 37 -25.33 11.97 -4.01
N GLN B 38 -24.77 12.00 -2.78
CA GLN B 38 -25.09 12.99 -1.77
C GLN B 38 -26.61 13.14 -1.64
N GLY B 39 -27.31 12.00 -1.62
CA GLY B 39 -28.72 12.01 -1.35
C GLY B 39 -29.60 12.45 -2.53
N LYS B 40 -29.03 12.62 -3.72
CA LYS B 40 -29.78 12.95 -4.92
C LYS B 40 -29.63 11.87 -5.99
N SER B 41 -30.60 11.85 -6.90
CA SER B 41 -30.71 10.81 -7.91
C SER B 41 -30.09 11.23 -9.25
N SER B 42 -29.53 10.26 -9.94
CA SER B 42 -29.31 10.35 -11.38
C SER B 42 -30.68 10.40 -12.10
N SER B 43 -30.65 10.65 -13.41
CA SER B 43 -31.80 10.31 -14.26
C SER B 43 -31.88 8.78 -14.42
N ASN B 44 -32.71 8.31 -15.36
CA ASN B 44 -32.73 6.90 -15.66
C ASN B 44 -31.35 6.38 -16.08
N TYR B 45 -30.47 7.24 -16.59
CA TYR B 45 -29.10 6.85 -16.96
C TYR B 45 -28.13 7.13 -15.82
N ALA B 46 -27.82 6.12 -15.02
CA ALA B 46 -26.96 6.28 -13.87
C ALA B 46 -25.54 6.64 -14.27
N GLU B 47 -25.12 6.22 -15.47
CA GLU B 47 -23.78 6.54 -15.93
C GLU B 47 -23.63 8.02 -16.27
N TRP B 48 -24.74 8.77 -16.36
CA TRP B 48 -24.73 10.21 -16.61
C TRP B 48 -24.72 11.03 -15.30
N VAL B 49 -24.57 10.37 -14.14
CA VAL B 49 -24.76 11.04 -12.86
C VAL B 49 -23.80 12.24 -12.73
N GLN B 50 -22.57 12.15 -13.23
CA GLN B 50 -21.65 13.26 -13.07
C GLN B 50 -22.23 14.55 -13.67
N SER B 51 -22.85 14.43 -14.86
CA SER B 51 -23.49 15.56 -15.50
C SER B 51 -24.80 15.95 -14.78
N LYS B 52 -25.62 14.98 -14.45
CA LYS B 52 -26.91 15.25 -13.82
C LYS B 52 -26.74 16.11 -12.55
N LEU B 53 -25.73 15.76 -11.75
CA LEU B 53 -25.54 16.40 -10.45
C LEU B 53 -24.31 17.30 -10.46
N GLN B 54 -23.73 17.54 -11.66
CA GLN B 54 -22.61 18.48 -11.82
C GLN B 54 -21.53 18.21 -10.78
N ILE B 55 -21.11 16.95 -10.73
CA ILE B 55 -20.11 16.55 -9.76
C ILE B 55 -18.75 17.07 -10.22
N PRO B 56 -18.05 17.91 -9.44
CA PRO B 56 -16.73 18.41 -9.82
C PRO B 56 -15.78 17.25 -10.01
N ASN B 57 -14.90 17.36 -11.01
CA ASN B 57 -13.93 16.30 -11.26
C ASN B 57 -13.17 15.95 -9.98
N LYS B 58 -12.74 16.97 -9.21
CA LYS B 58 -11.97 16.71 -8.00
C LYS B 58 -12.76 15.79 -7.04
N GLU B 59 -14.09 15.95 -6.97
CA GLU B 59 -14.92 15.10 -6.11
C GLU B 59 -15.13 13.73 -6.73
N TYR B 60 -15.42 13.70 -8.02
CA TYR B 60 -15.73 12.43 -8.71
C TYR B 60 -14.52 11.52 -8.67
N GLU B 61 -13.33 12.10 -8.79
CA GLU B 61 -12.09 11.33 -8.80
C GLU B 61 -11.89 10.57 -7.48
N ARG B 62 -12.48 11.01 -6.38
CA ARG B 62 -12.36 10.30 -5.11
C ARG B 62 -12.86 8.87 -5.22
N LEU B 63 -13.78 8.59 -6.17
CA LEU B 63 -14.33 7.25 -6.37
C LEU B 63 -13.22 6.27 -6.70
N THR B 64 -12.12 6.75 -7.30
CA THR B 64 -11.03 5.84 -7.65
C THR B 64 -10.58 5.05 -6.43
N GLN B 65 -10.57 5.65 -5.22
CA GLN B 65 -10.02 5.01 -4.06
C GLN B 65 -10.98 3.95 -3.53
N ALA B 66 -12.25 3.98 -3.94
CA ALA B 66 -13.23 2.98 -3.53
C ALA B 66 -13.38 1.85 -4.53
N PHE B 67 -12.58 1.88 -5.61
CA PHE B 67 -12.76 0.94 -6.71
C PHE B 67 -11.82 -0.24 -6.50
N ASN B 68 -12.37 -1.28 -5.86
CA ASN B 68 -11.61 -2.51 -5.67
C ASN B 68 -12.56 -3.69 -5.85
N PRO B 69 -12.99 -3.96 -7.10
CA PRO B 69 -14.04 -4.95 -7.35
C PRO B 69 -13.53 -6.40 -7.27
N ILE B 70 -13.52 -6.93 -6.06
CA ILE B 70 -12.97 -8.24 -5.77
C ILE B 70 -13.74 -9.36 -6.47
N TYR B 71 -14.95 -9.13 -6.99
CA TYR B 71 -15.69 -10.19 -7.63
C TYR B 71 -15.60 -10.15 -9.17
N PHE B 72 -14.91 -9.15 -9.75
CA PHE B 72 -14.76 -9.11 -11.19
C PHE B 72 -14.04 -10.35 -11.69
N ASP B 73 -14.63 -11.01 -12.69
CA ASP B 73 -14.08 -12.23 -13.25
C ASP B 73 -14.46 -12.25 -14.72
N ALA B 74 -13.53 -11.84 -15.58
CA ALA B 74 -13.79 -11.72 -17.01
C ALA B 74 -14.23 -13.07 -17.58
N ASP B 75 -13.58 -14.16 -17.19
CA ASP B 75 -13.94 -15.45 -17.74
C ASP B 75 -15.40 -15.80 -17.40
N ALA B 76 -15.83 -15.47 -16.17
CA ALA B 76 -17.20 -15.78 -15.76
C ALA B 76 -18.23 -14.95 -16.55
N ILE B 77 -17.92 -13.68 -16.81
CA ILE B 77 -18.82 -12.83 -17.58
C ILE B 77 -18.95 -13.37 -19.01
N ILE B 78 -17.81 -13.67 -19.64
CA ILE B 78 -17.82 -14.24 -20.99
C ILE B 78 -18.57 -15.56 -21.00
N ASP B 79 -18.38 -16.40 -19.97
CA ASP B 79 -19.09 -17.67 -19.94
C ASP B 79 -20.61 -17.45 -19.90
N LEU B 80 -21.08 -16.47 -19.13
CA LEU B 80 -22.51 -16.15 -19.11
C LEU B 80 -23.00 -15.75 -20.51
N ALA B 81 -22.25 -14.87 -21.18
CA ALA B 81 -22.59 -14.45 -22.52
C ALA B 81 -22.70 -15.65 -23.46
N LYS B 82 -21.69 -16.54 -23.39
CA LYS B 82 -21.67 -17.71 -24.25
C LYS B 82 -22.87 -18.63 -23.98
N ARG B 83 -23.20 -18.83 -22.71
CA ARG B 83 -24.32 -19.71 -22.35
C ARG B 83 -25.63 -19.10 -22.87
N CYS B 84 -25.71 -17.79 -23.02
CA CYS B 84 -26.91 -17.14 -23.56
C CYS B 84 -26.95 -17.10 -25.09
N GLY B 85 -25.92 -17.64 -25.75
CA GLY B 85 -25.87 -17.63 -27.20
C GLY B 85 -25.39 -16.30 -27.79
N MET B 86 -24.81 -15.43 -26.96
CA MET B 86 -24.22 -14.19 -27.45
C MET B 86 -22.92 -14.47 -28.18
N GLN B 87 -22.66 -13.78 -29.30
CA GLN B 87 -21.57 -14.14 -30.17
C GLN B 87 -20.47 -13.08 -30.13
N TYR B 88 -20.69 -12.01 -29.38
CA TYR B 88 -19.71 -10.94 -29.26
C TYR B 88 -19.99 -10.16 -28.00
N LEU B 89 -18.96 -9.42 -27.55
CA LEU B 89 -19.04 -8.63 -26.35
C LEU B 89 -18.40 -7.28 -26.65
N VAL B 90 -19.12 -6.20 -26.30
CA VAL B 90 -18.66 -4.84 -26.53
C VAL B 90 -18.58 -4.19 -25.15
N VAL B 91 -17.43 -3.62 -24.81
CA VAL B 91 -17.22 -3.07 -23.48
C VAL B 91 -16.78 -1.61 -23.51
N THR B 92 -17.28 -0.82 -22.55
CA THR B 92 -16.83 0.56 -22.35
C THR B 92 -15.35 0.63 -22.00
N THR B 93 -14.54 1.14 -22.95
CA THR B 93 -13.15 1.47 -22.67
C THR B 93 -13.05 2.83 -21.97
N LYS B 94 -13.98 3.71 -22.26
CA LYS B 94 -14.04 5.06 -21.70
C LYS B 94 -15.43 5.58 -22.04
N HIS B 95 -16.20 5.96 -21.01
CA HIS B 95 -17.51 6.55 -21.23
C HIS B 95 -17.40 8.07 -21.12
N HIS B 96 -18.52 8.78 -21.02
CA HIS B 96 -18.54 10.22 -21.11
C HIS B 96 -17.73 10.88 -19.99
N ASP B 97 -17.62 10.23 -18.83
CA ASP B 97 -16.88 10.83 -17.72
C ASP B 97 -15.38 10.89 -18.01
N GLY B 98 -14.90 10.18 -19.05
CA GLY B 98 -13.52 10.33 -19.47
C GLY B 98 -12.55 9.36 -18.76
N PHE B 99 -13.07 8.52 -17.86
CA PHE B 99 -12.25 7.59 -17.11
C PHE B 99 -12.02 6.34 -17.93
N ALA B 100 -10.75 6.01 -18.20
CA ALA B 100 -10.44 4.85 -19.02
C ALA B 100 -10.46 3.56 -18.19
N MET B 101 -10.99 2.48 -18.75
CA MET B 101 -11.06 1.20 -18.09
C MET B 101 -9.97 0.24 -18.61
N TYR B 102 -8.88 0.83 -19.09
CA TYR B 102 -7.70 0.13 -19.56
C TYR B 102 -6.49 0.97 -19.19
N ARG B 103 -5.29 0.39 -19.33
N ARG B 103 -5.29 0.39 -19.32
CA ARG B 103 -4.06 1.09 -19.00
CA ARG B 103 -4.05 1.08 -19.00
C ARG B 103 -3.72 2.01 -20.17
C ARG B 103 -3.71 2.02 -20.16
N SER B 104 -4.01 3.31 -19.98
CA SER B 104 -3.76 4.34 -20.96
C SER B 104 -2.47 5.05 -20.64
N LEU B 105 -1.49 5.01 -21.54
CA LEU B 105 -0.31 5.80 -21.36
C LEU B 105 -0.58 7.30 -21.53
N VAL B 106 -1.56 7.64 -22.36
CA VAL B 106 -1.93 9.02 -22.67
C VAL B 106 -2.53 9.72 -21.45
N ASP B 107 -3.25 8.96 -20.61
CA ASP B 107 -4.02 9.58 -19.54
C ASP B 107 -4.04 8.68 -18.32
N PRO B 108 -3.46 9.13 -17.18
CA PRO B 108 -3.42 8.32 -15.98
C PRO B 108 -4.75 8.21 -15.23
N TYR B 109 -5.77 8.93 -15.71
CA TYR B 109 -7.13 8.79 -15.18
C TYR B 109 -7.74 7.53 -15.75
N ASN B 110 -7.32 6.41 -15.16
CA ASN B 110 -7.70 5.10 -15.67
C ASN B 110 -7.65 4.07 -14.54
N VAL B 111 -8.30 2.94 -14.78
CA VAL B 111 -8.53 1.93 -13.75
C VAL B 111 -7.24 1.28 -13.27
N TYR B 112 -6.22 1.19 -14.16
CA TYR B 112 -4.97 0.55 -13.79
C TYR B 112 -4.16 1.49 -12.89
N ASP B 113 -3.93 2.74 -13.32
CA ASP B 113 -3.04 3.66 -12.61
C ASP B 113 -3.70 4.29 -11.38
N ALA B 114 -5.01 4.54 -11.41
CA ALA B 114 -5.63 5.43 -10.44
C ALA B 114 -6.37 4.72 -9.29
N THR B 115 -6.58 3.41 -9.38
CA THR B 115 -7.37 2.66 -8.40
C THR B 115 -6.53 1.59 -7.74
N PRO B 116 -6.91 1.17 -6.53
CA PRO B 116 -6.25 0.04 -5.87
C PRO B 116 -6.38 -1.26 -6.66
N PHE B 117 -7.41 -1.36 -7.49
CA PHE B 117 -7.62 -2.57 -8.30
C PHE B 117 -6.39 -2.83 -9.20
N HIS B 118 -5.83 -1.77 -9.82
CA HIS B 118 -4.53 -1.89 -10.46
C HIS B 118 -4.51 -3.02 -11.48
N ARG B 119 -5.62 -3.14 -12.24
CA ARG B 119 -5.75 -4.17 -13.27
C ARG B 119 -6.39 -3.55 -14.52
N ASP B 120 -5.97 -4.05 -15.67
CA ASP B 120 -6.49 -3.62 -16.94
C ASP B 120 -7.72 -4.46 -17.30
N VAL B 121 -8.89 -3.88 -17.06
CA VAL B 121 -10.17 -4.55 -17.22
C VAL B 121 -10.36 -4.92 -18.70
N ILE B 122 -10.06 -3.98 -19.62
CA ILE B 122 -10.18 -4.28 -21.04
C ILE B 122 -9.29 -5.44 -21.44
N GLY B 123 -8.05 -5.45 -20.93
CA GLY B 123 -7.09 -6.52 -21.16
C GLY B 123 -7.64 -7.88 -20.74
N GLU B 124 -8.22 -7.90 -19.54
CA GLU B 124 -8.75 -9.16 -19.02
C GLU B 124 -9.94 -9.65 -19.86
N LEU B 125 -10.81 -8.74 -20.27
CA LEU B 125 -11.96 -9.14 -21.08
C LEU B 125 -11.51 -9.58 -22.46
N SER B 126 -10.49 -8.93 -23.05
CA SER B 126 -9.97 -9.37 -24.33
C SER B 126 -9.50 -10.81 -24.27
N LEU B 127 -8.70 -11.11 -23.27
CA LEU B 127 -8.17 -12.45 -23.10
C LEU B 127 -9.31 -13.45 -22.91
N ALA B 128 -10.33 -13.11 -22.10
CA ALA B 128 -11.43 -14.02 -21.85
C ALA B 128 -12.23 -14.32 -23.11
N CYS B 129 -12.47 -13.29 -23.91
CA CYS B 129 -13.19 -13.45 -25.17
C CYS B 129 -12.43 -14.34 -26.12
N ARG B 130 -11.10 -14.13 -26.21
CA ARG B 130 -10.33 -14.92 -27.12
C ARG B 130 -10.36 -16.41 -26.74
N LYS B 131 -10.22 -16.70 -25.44
N LYS B 131 -10.22 -16.70 -25.44
CA LYS B 131 -10.24 -18.08 -24.96
CA LYS B 131 -10.23 -18.09 -24.97
C LYS B 131 -11.56 -18.76 -25.29
C LYS B 131 -11.56 -18.77 -25.30
N ALA B 132 -12.67 -18.03 -25.19
CA ALA B 132 -14.00 -18.60 -25.30
C ALA B 132 -14.53 -18.54 -26.74
N GLY B 133 -13.79 -17.89 -27.65
CA GLY B 133 -14.20 -17.80 -29.04
C GLY B 133 -15.30 -16.76 -29.28
N LEU B 134 -15.40 -15.73 -28.42
CA LEU B 134 -16.34 -14.66 -28.65
C LEU B 134 -15.56 -13.55 -29.34
N ARG B 135 -16.19 -12.90 -30.32
CA ARG B 135 -15.59 -11.70 -30.88
C ARG B 135 -15.67 -10.56 -29.89
N PHE B 136 -14.71 -9.65 -30.02
CA PHE B 136 -14.50 -8.61 -29.02
C PHE B 136 -14.65 -7.24 -29.66
N GLY B 137 -15.45 -6.40 -29.02
CA GLY B 137 -15.71 -5.03 -29.43
C GLY B 137 -15.45 -4.02 -28.34
N LEU B 138 -15.21 -2.78 -28.78
CA LEU B 138 -14.80 -1.70 -27.89
C LEU B 138 -15.70 -0.51 -28.09
N TYR B 139 -16.27 -0.03 -26.98
CA TYR B 139 -16.98 1.23 -26.90
C TYR B 139 -16.00 2.34 -26.48
N TYR B 140 -16.06 3.51 -27.11
CA TYR B 140 -15.28 4.68 -26.74
C TYR B 140 -16.10 5.94 -26.97
N SER B 141 -16.21 6.80 -25.95
N SER B 141 -16.21 6.80 -25.95
CA SER B 141 -16.83 8.12 -26.08
CA SER B 141 -16.82 8.12 -26.08
C SER B 141 -15.85 9.08 -26.75
C SER B 141 -15.85 9.08 -26.75
N GLN B 142 -15.98 9.23 -28.08
CA GLN B 142 -15.02 10.01 -28.87
C GLN B 142 -15.32 11.52 -28.79
N ASP B 143 -16.54 11.88 -28.43
CA ASP B 143 -16.97 13.28 -28.48
C ASP B 143 -16.99 13.87 -27.06
N LEU B 144 -17.85 13.35 -26.19
CA LEU B 144 -17.95 13.82 -24.82
C LEU B 144 -16.78 13.32 -23.99
N ASP B 145 -16.25 14.21 -23.14
CA ASP B 145 -15.28 13.81 -22.15
C ASP B 145 -15.29 14.84 -21.03
N TRP B 146 -15.96 14.47 -19.92
CA TRP B 146 -16.19 15.42 -18.83
C TRP B 146 -14.94 15.70 -18.04
N HIS B 147 -13.88 14.91 -18.29
CA HIS B 147 -12.62 15.09 -17.61
C HIS B 147 -11.72 16.08 -18.37
N GLU B 148 -12.16 16.57 -19.54
CA GLU B 148 -11.34 17.39 -20.40
C GLU B 148 -11.99 18.74 -20.59
N PRO B 149 -11.22 19.83 -20.42
CA PRO B 149 -11.79 21.16 -20.66
C PRO B 149 -12.36 21.33 -22.07
N ASP B 150 -11.72 20.65 -23.06
CA ASP B 150 -12.16 20.75 -24.43
C ASP B 150 -12.99 19.56 -24.87
N GLY B 151 -13.52 18.79 -23.92
CA GLY B 151 -14.46 17.74 -24.25
C GLY B 151 -15.66 18.30 -25.02
N GLY B 152 -16.25 17.44 -25.84
CA GLY B 152 -17.36 17.84 -26.70
C GLY B 152 -18.65 18.11 -25.96
N GLY B 153 -19.60 18.67 -26.70
CA GLY B 153 -20.96 18.85 -26.19
C GLY B 153 -21.33 20.30 -25.99
N TYR B 154 -20.36 21.21 -26.00
CA TYR B 154 -20.58 22.59 -25.63
C TYR B 154 -21.35 23.40 -26.70
N LEU B 155 -21.57 22.84 -27.88
CA LEU B 155 -22.40 23.48 -28.89
C LEU B 155 -23.82 22.92 -28.94
N SER B 156 -24.16 21.98 -28.06
CA SER B 156 -25.33 21.11 -28.21
C SER B 156 -26.37 21.31 -27.08
N ASN B 157 -26.19 22.32 -26.23
CA ASN B 157 -26.92 22.41 -24.97
C ASN B 157 -28.35 22.95 -25.16
N ASP B 158 -28.73 23.22 -26.41
N ASP B 158 -28.74 23.23 -26.41
CA ASP B 158 -30.12 23.40 -26.80
CA ASP B 158 -30.15 23.40 -26.72
C ASP B 158 -30.88 22.07 -26.80
C ASP B 158 -30.90 22.07 -26.79
N ILE B 159 -30.17 20.94 -26.77
CA ILE B 159 -30.78 19.62 -26.78
C ILE B 159 -30.69 19.04 -25.35
N GLU B 160 -31.83 18.59 -24.82
CA GLU B 160 -31.90 18.05 -23.47
C GLU B 160 -31.08 16.77 -23.35
N THR B 161 -30.52 16.50 -22.16
CA THR B 161 -29.72 15.30 -21.94
C THR B 161 -30.28 14.46 -20.78
N ALA B 162 -29.61 13.33 -20.55
CA ALA B 162 -29.84 12.50 -19.38
C ALA B 162 -29.07 13.01 -18.15
N GLY B 163 -28.41 14.17 -18.27
CA GLY B 163 -27.85 14.87 -17.14
C GLY B 163 -28.29 16.32 -17.13
N THR B 164 -27.31 17.22 -17.14
CA THR B 164 -27.55 18.63 -17.35
C THR B 164 -27.09 18.97 -18.77
N THR B 165 -25.83 19.35 -18.89
CA THR B 165 -25.24 19.64 -20.19
C THR B 165 -24.54 18.42 -20.77
N TRP B 166 -24.26 18.49 -22.08
CA TRP B 166 -23.50 17.47 -22.77
C TRP B 166 -22.06 17.43 -22.32
N ASP B 167 -21.52 18.63 -22.12
CA ASP B 167 -20.12 18.82 -21.71
C ASP B 167 -20.04 19.04 -20.20
N ASN B 168 -18.82 19.03 -19.68
CA ASN B 168 -18.59 19.49 -18.32
C ASN B 168 -18.56 21.01 -18.36
N SER B 169 -19.65 21.62 -17.96
CA SER B 169 -19.86 23.04 -17.97
C SER B 169 -19.74 23.66 -16.58
N TRP B 170 -19.37 22.85 -15.56
CA TRP B 170 -19.32 23.32 -14.18
C TRP B 170 -17.87 23.51 -13.73
N ASP B 171 -16.98 22.57 -14.07
CA ASP B 171 -15.55 22.75 -13.84
C ASP B 171 -14.92 23.68 -14.90
N PHE B 172 -15.46 23.68 -16.11
CA PHE B 172 -14.84 24.32 -17.27
C PHE B 172 -15.83 25.32 -17.89
N THR B 173 -15.57 26.61 -17.70
CA THR B 173 -16.56 27.63 -18.07
C THR B 173 -16.00 28.63 -19.06
N GLY B 174 -14.80 28.40 -19.61
CA GLY B 174 -14.21 29.37 -20.52
C GLY B 174 -14.31 28.92 -21.98
N GLU B 175 -13.44 29.49 -22.84
CA GLU B 175 -13.44 29.13 -24.24
C GLU B 175 -13.02 27.67 -24.40
N LYS B 176 -13.70 26.98 -25.33
CA LYS B 176 -13.50 25.57 -25.56
C LYS B 176 -13.26 25.34 -27.05
N ASN B 177 -12.47 24.31 -27.33
CA ASN B 177 -12.15 23.93 -28.70
C ASN B 177 -11.83 22.44 -28.71
N TYR B 178 -12.86 21.66 -29.10
CA TYR B 178 -12.80 20.22 -29.17
C TYR B 178 -11.57 19.72 -29.93
N ASP B 179 -11.10 20.48 -30.93
CA ASP B 179 -9.95 20.10 -31.70
C ASP B 179 -8.77 19.73 -30.80
N ARG B 180 -8.59 20.43 -29.68
CA ARG B 180 -7.45 20.20 -28.82
C ARG B 180 -7.58 18.84 -28.12
N ALA B 181 -8.77 18.51 -27.59
CA ALA B 181 -9.02 17.23 -26.94
C ALA B 181 -8.93 16.09 -27.96
N PHE B 182 -9.45 16.37 -29.16
CA PHE B 182 -9.40 15.40 -30.26
C PHE B 182 -7.96 14.98 -30.50
N LYS B 183 -7.07 15.97 -30.62
CA LYS B 183 -5.68 15.68 -30.94
C LYS B 183 -4.94 15.03 -29.76
N HIS B 184 -5.17 15.52 -28.54
CA HIS B 184 -4.34 15.17 -27.41
C HIS B 184 -4.84 13.92 -26.65
N LYS B 185 -6.14 13.71 -26.58
CA LYS B 185 -6.65 12.56 -25.82
C LYS B 185 -7.44 11.57 -26.71
N ILE B 186 -8.39 12.04 -27.50
CA ILE B 186 -9.32 11.17 -28.20
C ILE B 186 -8.56 10.28 -29.21
N MET B 187 -7.84 10.89 -30.15
CA MET B 187 -7.16 10.09 -31.15
C MET B 187 -6.08 9.20 -30.50
N PRO B 188 -5.24 9.72 -29.58
CA PRO B 188 -4.25 8.85 -28.94
C PRO B 188 -4.87 7.64 -28.21
N GLN B 189 -6.03 7.84 -27.55
CA GLN B 189 -6.61 6.73 -26.82
C GLN B 189 -7.21 5.73 -27.80
N ILE B 190 -7.82 6.20 -28.89
CA ILE B 190 -8.35 5.28 -29.87
C ILE B 190 -7.22 4.44 -30.44
N GLU B 191 -6.06 5.05 -30.66
CA GLU B 191 -4.90 4.31 -31.12
C GLU B 191 -4.48 3.24 -30.11
N GLU B 192 -4.53 3.57 -28.82
CA GLU B 192 -4.18 2.60 -27.78
C GLU B 192 -5.13 1.41 -27.82
N ILE B 193 -6.44 1.66 -27.80
CA ILE B 193 -7.37 0.55 -27.61
C ILE B 193 -7.41 -0.33 -28.89
N MET B 194 -7.13 0.29 -30.04
CA MET B 194 -7.14 -0.45 -31.31
C MET B 194 -5.80 -1.09 -31.60
N SER B 195 -4.81 -0.87 -30.72
CA SER B 195 -3.51 -1.49 -30.87
C SER B 195 -3.22 -2.60 -29.87
N ASN B 196 -3.73 -2.49 -28.64
CA ASN B 196 -3.12 -3.19 -27.52
C ASN B 196 -3.91 -4.39 -27.02
N TYR B 197 -5.05 -4.73 -27.66
CA TYR B 197 -5.98 -5.72 -27.13
C TYR B 197 -6.39 -6.76 -28.18
N GLY B 198 -5.54 -6.97 -29.18
CA GLY B 198 -5.79 -7.95 -30.22
C GLY B 198 -6.84 -7.49 -31.22
N GLU B 199 -7.37 -8.47 -31.94
CA GLU B 199 -8.32 -8.23 -33.01
C GLU B 199 -9.64 -7.68 -32.45
N ILE B 200 -10.06 -6.54 -33.00
CA ILE B 200 -11.29 -5.89 -32.57
C ILE B 200 -12.31 -5.97 -33.72
N SER B 201 -13.49 -6.50 -33.41
CA SER B 201 -14.50 -6.79 -34.43
C SER B 201 -15.54 -5.66 -34.57
N VAL B 202 -15.77 -4.91 -33.49
CA VAL B 202 -16.76 -3.85 -33.43
C VAL B 202 -16.15 -2.65 -32.71
N ALA B 203 -16.33 -1.46 -33.26
CA ALA B 203 -15.99 -0.22 -32.62
C ALA B 203 -17.30 0.57 -32.45
N TRP B 204 -17.61 0.85 -31.18
CA TRP B 204 -18.88 1.46 -30.79
C TRP B 204 -18.58 2.87 -30.29
N PHE B 205 -18.83 3.83 -31.15
CA PHE B 205 -18.71 5.25 -30.82
C PHE B 205 -20.06 5.78 -30.39
N ASN B 206 -20.12 7.05 -29.97
CA ASN B 206 -21.36 7.53 -29.39
C ASN B 206 -21.52 9.04 -29.52
N VAL B 207 -22.79 9.47 -29.53
CA VAL B 207 -23.25 10.85 -29.39
C VAL B 207 -22.29 11.85 -30.08
N PRO B 208 -22.29 11.86 -31.44
CA PRO B 208 -21.34 12.70 -32.20
C PRO B 208 -21.81 14.14 -32.26
N MET B 209 -21.75 14.81 -31.08
CA MET B 209 -22.38 16.12 -30.91
C MET B 209 -21.53 17.26 -31.50
N THR B 210 -20.20 17.03 -31.70
CA THR B 210 -19.26 18.12 -31.90
C THR B 210 -18.31 17.82 -33.07
N LEU B 211 -17.83 16.57 -33.21
CA LEU B 211 -16.74 16.34 -34.14
C LEU B 211 -17.17 16.55 -35.60
N SER B 212 -16.23 17.07 -36.39
CA SER B 212 -16.44 17.41 -37.79
C SER B 212 -16.41 16.15 -38.65
N ASP B 213 -16.87 16.29 -39.89
CA ASP B 213 -16.73 15.24 -40.89
C ASP B 213 -15.29 14.74 -40.99
N GLU B 214 -14.33 15.67 -41.00
CA GLU B 214 -12.93 15.32 -41.12
C GLU B 214 -12.45 14.53 -39.90
N GLN B 215 -12.89 14.93 -38.71
CA GLN B 215 -12.53 14.24 -37.48
C GLN B 215 -13.14 12.84 -37.46
N SER B 216 -14.41 12.70 -37.87
CA SER B 216 -15.03 11.39 -38.00
C SER B 216 -14.21 10.52 -38.97
N GLN B 217 -13.81 11.10 -40.08
CA GLN B 217 -13.07 10.37 -41.10
C GLN B 217 -11.70 9.94 -40.55
N THR B 218 -11.03 10.84 -39.82
CA THR B 218 -9.73 10.54 -39.25
C THR B 218 -9.83 9.33 -38.32
N ILE B 219 -10.87 9.31 -37.46
CA ILE B 219 -11.09 8.17 -36.59
C ILE B 219 -11.32 6.92 -37.43
N TYR B 220 -12.26 7.01 -38.39
CA TYR B 220 -12.59 5.87 -39.21
C TYR B 220 -11.33 5.28 -39.82
N ASP B 221 -10.50 6.14 -40.42
CA ASP B 221 -9.31 5.68 -41.12
C ASP B 221 -8.31 5.05 -40.16
N THR B 222 -8.16 5.65 -38.98
CA THR B 222 -7.24 5.15 -37.96
C THR B 222 -7.69 3.78 -37.47
N VAL B 223 -8.98 3.62 -37.20
CA VAL B 223 -9.49 2.32 -36.78
C VAL B 223 -9.20 1.27 -37.84
N LYS B 224 -9.48 1.59 -39.10
CA LYS B 224 -9.28 0.63 -40.17
C LYS B 224 -7.80 0.32 -40.38
N ARG B 225 -6.94 1.31 -40.17
CA ARG B 225 -5.51 1.10 -40.33
C ARG B 225 -5.05 0.03 -39.32
N LEU B 226 -5.49 0.16 -38.07
CA LEU B 226 -5.06 -0.71 -36.98
C LEU B 226 -5.85 -2.01 -36.96
N GLN B 227 -7.09 -1.97 -37.44
CA GLN B 227 -8.05 -3.08 -37.30
C GLN B 227 -8.85 -3.17 -38.59
N PRO B 228 -8.27 -3.72 -39.66
CA PRO B 228 -8.87 -3.67 -40.99
C PRO B 228 -10.26 -4.29 -41.09
N ASP B 229 -10.58 -5.24 -40.20
CA ASP B 229 -11.86 -5.94 -40.31
C ASP B 229 -12.87 -5.45 -39.27
N CYS B 230 -12.53 -4.40 -38.51
CA CYS B 230 -13.39 -3.91 -37.46
C CYS B 230 -14.58 -3.17 -38.09
N LEU B 231 -15.81 -3.48 -37.62
CA LEU B 231 -17.01 -2.78 -38.05
C LEU B 231 -17.26 -1.58 -37.15
N ILE B 232 -17.48 -0.41 -37.75
CA ILE B 232 -17.65 0.83 -37.00
C ILE B 232 -19.13 1.22 -37.05
N ASN B 233 -19.69 1.63 -35.91
CA ASN B 233 -21.11 1.95 -35.88
C ASN B 233 -21.35 3.41 -36.29
N SER B 234 -22.63 3.71 -36.56
CA SER B 234 -23.03 4.97 -37.15
C SER B 234 -22.88 6.17 -36.21
N ARG B 235 -22.72 5.92 -34.91
CA ARG B 235 -22.57 7.02 -33.96
C ARG B 235 -21.16 7.59 -33.94
N LEU B 236 -20.27 7.10 -34.83
CA LEU B 236 -19.02 7.84 -35.07
C LEU B 236 -19.37 9.19 -35.70
N GLY B 237 -20.51 9.25 -36.36
CA GLY B 237 -21.04 10.52 -36.87
C GLY B 237 -20.66 10.76 -38.33
N ASN B 238 -21.41 11.70 -38.92
CA ASN B 238 -21.04 12.31 -40.19
C ASN B 238 -21.00 11.30 -41.34
N GLY B 239 -21.71 10.16 -41.21
CA GLY B 239 -21.79 9.21 -42.29
C GLY B 239 -20.59 8.26 -42.38
N ARG B 240 -19.67 8.31 -41.42
CA ARG B 240 -18.47 7.51 -41.49
C ARG B 240 -18.65 6.22 -40.67
N TYR B 241 -19.19 5.17 -41.30
CA TYR B 241 -19.54 3.97 -40.54
C TYR B 241 -19.76 2.79 -41.48
N ASP B 242 -19.76 1.58 -40.87
CA ASP B 242 -19.98 0.33 -41.57
C ASP B 242 -21.33 -0.28 -41.25
N TYR B 243 -21.90 0.05 -40.08
CA TYR B 243 -23.23 -0.46 -39.74
C TYR B 243 -23.99 0.60 -38.96
N VAL B 244 -25.32 0.45 -38.99
CA VAL B 244 -26.22 1.39 -38.34
C VAL B 244 -26.57 0.95 -36.93
N SER B 245 -26.31 1.83 -35.97
CA SER B 245 -26.86 1.71 -34.61
C SER B 245 -28.20 2.40 -34.59
N LEU B 246 -29.22 1.69 -34.10
CA LEU B 246 -30.52 2.33 -33.89
C LEU B 246 -30.43 3.15 -32.59
N GLY B 247 -31.57 3.75 -32.19
CA GLY B 247 -31.60 4.50 -30.93
C GLY B 247 -31.44 3.63 -29.72
N ASP B 248 -31.13 4.23 -28.58
CA ASP B 248 -31.04 3.51 -27.31
C ASP B 248 -32.35 2.76 -27.08
N ASN B 249 -32.29 1.43 -26.90
CA ASN B 249 -33.49 0.66 -26.63
C ASN B 249 -34.54 0.81 -27.75
N GLU B 250 -34.12 1.11 -28.98
CA GLU B 250 -35.11 1.35 -30.02
C GLU B 250 -35.42 0.01 -30.69
N ILE B 251 -36.65 -0.47 -30.46
CA ILE B 251 -37.14 -1.67 -31.09
C ILE B 251 -38.09 -1.20 -32.18
N PRO B 252 -37.65 -1.10 -33.45
CA PRO B 252 -38.49 -0.51 -34.49
C PRO B 252 -39.75 -1.35 -34.70
N GLU B 253 -40.84 -0.71 -35.11
CA GLU B 253 -42.03 -1.42 -35.54
C GLU B 253 -41.69 -2.39 -36.69
N ASP B 254 -42.43 -3.49 -36.77
CA ASP B 254 -42.25 -4.46 -37.85
C ASP B 254 -42.18 -3.78 -39.21
N SER B 255 -43.15 -2.87 -39.47
CA SER B 255 -43.28 -2.20 -40.75
C SER B 255 -42.00 -1.46 -41.11
N ASP B 256 -41.48 -0.65 -40.20
CA ASP B 256 -40.27 0.12 -40.41
C ASP B 256 -39.05 -0.77 -40.50
N ALA B 257 -38.97 -1.85 -39.70
CA ALA B 257 -37.82 -2.75 -39.78
C ALA B 257 -37.84 -3.50 -41.12
N SER B 258 -39.02 -3.75 -41.69
CA SER B 258 -39.12 -4.43 -42.97
C SER B 258 -38.58 -3.55 -44.10
N ASP B 259 -38.79 -2.22 -44.04
CA ASP B 259 -38.23 -1.25 -44.96
C ASP B 259 -36.79 -0.83 -44.66
N LYS B 260 -36.38 -0.89 -43.39
CA LYS B 260 -35.16 -0.25 -42.90
C LYS B 260 -35.08 1.21 -43.33
N ALA B 261 -36.16 1.96 -43.09
CA ALA B 261 -36.23 3.37 -43.45
C ALA B 261 -36.82 4.18 -42.27
N GLY B 265 -36.22 10.89 -47.63
CA GLY B 265 -35.68 12.22 -47.30
C GLY B 265 -34.27 12.23 -46.70
N ASN B 266 -33.82 13.45 -46.39
CA ASN B 266 -32.54 13.71 -45.77
C ASN B 266 -32.41 12.98 -44.43
N VAL B 267 -31.22 12.48 -44.23
CA VAL B 267 -30.87 11.80 -43.00
C VAL B 267 -29.96 12.73 -42.22
N ASP B 268 -30.13 12.84 -40.93
CA ASP B 268 -29.20 13.54 -40.07
C ASP B 268 -28.22 12.52 -39.52
N TYR B 269 -26.98 12.53 -40.07
CA TYR B 269 -25.99 11.53 -39.70
C TYR B 269 -25.57 11.59 -38.24
N ASN B 270 -25.86 12.70 -37.53
CA ASN B 270 -25.44 12.84 -36.14
C ASN B 270 -26.62 12.65 -35.18
N SER B 271 -27.83 12.38 -35.70
CA SER B 271 -28.93 11.98 -34.83
C SER B 271 -28.69 10.54 -34.37
N ILE B 272 -29.27 10.14 -33.23
CA ILE B 272 -28.97 8.78 -32.75
C ILE B 272 -30.19 7.86 -32.86
N GLU B 273 -31.32 8.40 -33.31
CA GLU B 273 -32.57 7.65 -33.45
C GLU B 273 -32.84 7.29 -34.93
N GLY B 274 -33.48 6.14 -35.14
CA GLY B 274 -34.05 5.75 -36.40
C GLY B 274 -33.01 5.12 -37.32
N PHE B 275 -33.49 4.71 -38.49
CA PHE B 275 -32.65 4.10 -39.51
C PHE B 275 -31.82 5.17 -40.24
N LYS B 276 -30.74 4.70 -40.85
CA LYS B 276 -29.85 5.43 -41.74
C LYS B 276 -29.49 4.48 -42.87
N PRO B 277 -28.95 4.96 -44.01
CA PRO B 277 -28.49 4.09 -45.08
C PRO B 277 -27.43 3.11 -44.58
N SER B 278 -27.46 1.90 -45.12
CA SER B 278 -26.46 0.89 -44.79
C SER B 278 -26.08 0.11 -46.03
N LYS B 279 -24.97 0.49 -46.65
CA LYS B 279 -24.50 -0.14 -47.88
C LYS B 279 -24.34 -1.65 -47.66
N LEU B 280 -23.88 -2.07 -46.47
CA LEU B 280 -23.60 -3.49 -46.22
C LEU B 280 -24.83 -4.25 -45.70
N GLY B 281 -25.94 -3.52 -45.42
CA GLY B 281 -27.13 -4.12 -44.85
C GLY B 281 -26.94 -4.60 -43.41
N LEU B 282 -26.16 -3.86 -42.61
CA LEU B 282 -25.89 -4.21 -41.22
C LEU B 282 -26.54 -3.22 -40.26
N TYR B 283 -27.21 -3.79 -39.22
CA TYR B 283 -27.97 -2.99 -38.27
C TYR B 283 -27.89 -3.62 -36.88
N GLU B 284 -27.98 -2.77 -35.84
CA GLU B 284 -27.90 -3.24 -34.46
C GLU B 284 -28.66 -2.28 -33.55
N THR B 285 -29.49 -2.85 -32.66
CA THR B 285 -30.05 -2.11 -31.55
C THR B 285 -29.36 -2.55 -30.28
N ALA B 286 -28.78 -1.58 -29.59
CA ALA B 286 -28.26 -1.71 -28.25
C ALA B 286 -29.38 -1.33 -27.30
N GLY B 287 -29.54 -2.21 -26.30
CA GLY B 287 -30.58 -2.08 -25.30
C GLY B 287 -30.06 -2.44 -23.90
N THR B 288 -30.93 -2.18 -22.92
CA THR B 288 -30.63 -2.39 -21.51
C THR B 288 -31.66 -3.36 -20.95
N ILE B 289 -31.30 -4.07 -19.86
CA ILE B 289 -32.24 -4.98 -19.22
C ILE B 289 -33.18 -4.21 -18.31
N ASN B 290 -32.63 -3.33 -17.46
CA ASN B 290 -33.42 -2.31 -16.81
C ASN B 290 -33.35 -1.05 -17.67
N ASP B 291 -33.45 0.15 -17.06
CA ASP B 291 -33.62 1.37 -17.84
C ASP B 291 -32.35 2.21 -17.87
N SER B 292 -31.25 1.72 -17.25
CA SER B 292 -29.98 2.41 -17.18
C SER B 292 -28.93 1.61 -17.95
N TRP B 293 -27.87 2.27 -18.40
CA TRP B 293 -26.70 1.60 -18.95
C TRP B 293 -25.74 1.20 -17.82
N GLY B 294 -25.31 2.18 -17.02
CA GLY B 294 -24.61 1.88 -15.80
C GLY B 294 -25.51 1.23 -14.77
N PHE B 295 -24.87 0.55 -13.82
CA PHE B 295 -25.52 0.00 -12.65
C PHE B 295 -26.28 1.09 -11.89
N ALA B 296 -27.49 0.75 -11.50
CA ALA B 296 -28.38 1.68 -10.82
C ALA B 296 -29.10 0.97 -9.68
N TYR B 297 -28.69 1.26 -8.43
N TYR B 297 -28.70 1.27 -8.44
CA TYR B 297 -29.21 0.64 -7.22
CA TYR B 297 -29.18 0.57 -7.26
C TYR B 297 -30.74 0.67 -7.23
C TYR B 297 -30.73 0.67 -7.22
N HIS B 298 -31.33 1.81 -7.58
CA HIS B 298 -32.79 1.93 -7.35
C HIS B 298 -33.62 1.61 -8.59
N ASP B 299 -33.02 1.11 -9.66
CA ASP B 299 -33.78 0.71 -10.84
C ASP B 299 -33.92 -0.80 -10.84
N GLN B 300 -35.11 -1.27 -10.44
CA GLN B 300 -35.40 -2.69 -10.43
C GLN B 300 -36.42 -2.99 -11.55
N ASN B 301 -36.49 -2.10 -12.55
CA ASN B 301 -37.43 -2.30 -13.65
C ASN B 301 -36.83 -3.22 -14.70
N TRP B 302 -36.50 -4.45 -14.30
CA TRP B 302 -35.84 -5.42 -15.16
C TRP B 302 -36.86 -5.98 -16.15
N LYS B 303 -36.51 -5.96 -17.44
CA LYS B 303 -37.31 -6.62 -18.46
C LYS B 303 -37.39 -8.10 -18.18
N SER B 304 -38.59 -8.66 -18.44
CA SER B 304 -38.86 -10.05 -18.19
C SER B 304 -38.17 -10.91 -19.25
N PRO B 305 -37.89 -12.19 -18.94
CA PRO B 305 -37.41 -13.13 -19.96
C PRO B 305 -38.26 -13.10 -21.23
N GLN B 306 -39.59 -13.03 -21.11
CA GLN B 306 -40.46 -13.04 -22.27
C GLN B 306 -40.20 -11.80 -23.15
N THR B 307 -40.08 -10.63 -22.51
CA THR B 307 -39.84 -9.40 -23.21
C THR B 307 -38.49 -9.46 -23.96
N ILE B 308 -37.44 -9.93 -23.29
CA ILE B 308 -36.13 -10.01 -23.90
C ILE B 308 -36.17 -10.97 -25.08
N HIS B 309 -36.77 -12.13 -24.87
CA HIS B 309 -36.88 -13.11 -25.93
C HIS B 309 -37.57 -12.51 -27.14
N ASP B 310 -38.67 -11.79 -26.90
CA ASP B 310 -39.47 -11.28 -28.00
C ASP B 310 -38.78 -10.12 -28.70
N TYR B 311 -38.08 -9.24 -27.95
CA TYR B 311 -37.30 -8.19 -28.56
C TYR B 311 -36.23 -8.80 -29.48
N LYS B 312 -35.50 -9.79 -28.96
CA LYS B 312 -34.46 -10.41 -29.75
C LYS B 312 -35.03 -11.04 -31.03
N ALA B 313 -36.13 -11.77 -30.89
CA ALA B 313 -36.73 -12.46 -32.03
C ALA B 313 -37.17 -11.46 -33.10
N HIS B 314 -37.81 -10.36 -32.64
CA HIS B 314 -38.31 -9.33 -33.54
C HIS B 314 -37.14 -8.67 -34.28
N LEU B 315 -36.09 -8.29 -33.57
CA LEU B 315 -34.95 -7.63 -34.21
C LEU B 315 -34.33 -8.57 -35.22
N ASN B 316 -34.08 -9.82 -34.79
CA ASN B 316 -33.34 -10.75 -35.63
C ASN B 316 -34.11 -11.13 -36.88
N LYS B 317 -35.45 -11.21 -36.78
CA LYS B 317 -36.27 -11.63 -37.91
C LYS B 317 -36.12 -10.61 -39.03
N TYR B 318 -35.81 -9.35 -38.69
CA TYR B 318 -35.68 -8.26 -39.66
C TYR B 318 -34.22 -7.91 -39.89
N GLY B 319 -33.29 -8.82 -39.59
CA GLY B 319 -31.90 -8.62 -39.90
C GLY B 319 -31.21 -7.56 -39.04
N ILE B 320 -31.65 -7.39 -37.79
CA ILE B 320 -31.08 -6.45 -36.84
C ILE B 320 -30.49 -7.24 -35.68
N ASN B 321 -29.25 -6.94 -35.32
CA ASN B 321 -28.59 -7.53 -34.16
C ASN B 321 -29.12 -6.89 -32.88
N TYR B 322 -29.12 -7.65 -31.81
CA TYR B 322 -29.47 -7.19 -30.47
C TYR B 322 -28.24 -7.22 -29.57
N LEU B 323 -27.77 -6.05 -29.19
CA LEU B 323 -26.62 -5.89 -28.30
C LEU B 323 -27.18 -5.50 -26.93
N LEU B 324 -27.21 -6.46 -26.01
CA LEU B 324 -27.95 -6.28 -24.76
C LEU B 324 -26.93 -6.03 -23.64
N ASN B 325 -27.13 -4.91 -22.97
CA ASN B 325 -26.19 -4.42 -21.99
C ASN B 325 -26.38 -5.00 -20.59
N VAL B 326 -25.23 -5.19 -19.92
CA VAL B 326 -25.15 -5.41 -18.49
C VAL B 326 -24.34 -4.28 -17.87
N GLY B 327 -24.89 -3.67 -16.82
CA GLY B 327 -24.13 -2.68 -16.07
C GLY B 327 -23.58 -3.31 -14.80
N LEU B 328 -22.27 -3.63 -14.79
CA LEU B 328 -21.67 -4.32 -13.66
C LEU B 328 -21.74 -3.42 -12.43
N ASP B 329 -21.86 -4.03 -11.26
CA ASP B 329 -21.93 -3.32 -9.99
C ASP B 329 -20.53 -2.92 -9.56
N GLY B 330 -20.46 -2.21 -8.43
CA GLY B 330 -19.20 -1.74 -7.92
C GLY B 330 -18.23 -2.82 -7.52
N LEU B 331 -18.72 -4.05 -7.31
CA LEU B 331 -17.85 -5.15 -6.98
C LEU B 331 -17.44 -5.95 -8.24
N GLY B 332 -17.92 -5.52 -9.41
CA GLY B 332 -17.58 -6.17 -10.68
C GLY B 332 -18.52 -7.30 -11.07
N ARG B 333 -19.71 -7.33 -10.46
CA ARG B 333 -20.65 -8.43 -10.65
C ARG B 333 -21.74 -8.08 -11.66
N VAL B 334 -22.20 -9.11 -12.36
CA VAL B 334 -23.46 -9.01 -13.08
C VAL B 334 -24.54 -9.03 -11.99
N PRO B 335 -25.45 -8.05 -11.94
CA PRO B 335 -26.53 -8.10 -10.97
C PRO B 335 -27.25 -9.42 -11.11
N MET B 336 -27.67 -10.01 -10.01
CA MET B 336 -28.40 -11.24 -10.03
C MET B 336 -29.64 -11.14 -10.94
N ALA B 337 -30.41 -10.05 -10.85
CA ALA B 337 -31.65 -9.96 -11.65
C ALA B 337 -31.31 -9.89 -13.14
N ALA B 338 -30.14 -9.30 -13.49
CA ALA B 338 -29.72 -9.25 -14.88
C ALA B 338 -29.40 -10.65 -15.37
N GLU B 339 -28.61 -11.38 -14.58
CA GLU B 339 -28.26 -12.74 -14.95
C GLU B 339 -29.51 -13.60 -15.09
N GLN B 340 -30.45 -13.48 -14.13
CA GLN B 340 -31.65 -14.29 -14.20
C GLN B 340 -32.52 -13.92 -15.41
N ALA B 341 -32.55 -12.64 -15.77
CA ALA B 341 -33.32 -12.25 -16.96
C ALA B 341 -32.71 -12.87 -18.23
N LEU B 342 -31.37 -12.81 -18.34
CA LEU B 342 -30.67 -13.35 -19.50
C LEU B 342 -30.86 -14.85 -19.60
N LEU B 343 -30.64 -15.57 -18.49
CA LEU B 343 -30.77 -17.02 -18.50
C LEU B 343 -32.21 -17.41 -18.75
N GLY B 344 -33.15 -16.66 -18.18
CA GLY B 344 -34.56 -16.91 -18.43
C GLY B 344 -34.93 -16.76 -19.91
N ALA B 345 -34.40 -15.72 -20.55
CA ALA B 345 -34.67 -15.51 -21.98
C ALA B 345 -34.09 -16.68 -22.78
N ARG B 346 -32.89 -17.12 -22.42
CA ARG B 346 -32.24 -18.23 -23.10
C ARG B 346 -33.07 -19.49 -22.96
N ALA B 347 -33.70 -19.71 -21.79
CA ALA B 347 -34.52 -20.90 -21.58
C ALA B 347 -35.75 -20.91 -22.49
N LEU B 348 -36.18 -19.74 -22.99
CA LEU B 348 -37.34 -19.67 -23.86
C LEU B 348 -36.98 -20.00 -25.31
N GLU B 349 -35.70 -20.21 -25.64
CA GLU B 349 -35.34 -20.59 -26.98
C GLU B 349 -35.33 -22.11 -27.09
N ALA B 350 -35.66 -22.59 -28.28
CA ALA B 350 -35.39 -23.97 -28.65
C ALA B 350 -33.88 -24.08 -28.96
N SER C 10 35.43 -2.97 -36.50
CA SER C 10 34.59 -2.56 -35.34
C SER C 10 35.42 -2.68 -34.05
N ASP C 11 35.24 -1.67 -33.18
CA ASP C 11 35.82 -1.71 -31.85
C ASP C 11 35.17 -2.87 -31.08
N THR C 12 33.84 -3.06 -31.15
CA THR C 12 33.20 -4.13 -30.40
C THR C 12 33.71 -5.49 -30.89
N VAL C 13 34.01 -5.65 -32.18
CA VAL C 13 34.49 -6.93 -32.70
C VAL C 13 35.84 -7.31 -32.09
N GLU C 14 36.80 -6.38 -32.13
CA GLU C 14 38.12 -6.68 -31.60
C GLU C 14 38.03 -6.83 -30.09
N TRP C 15 37.15 -6.05 -29.44
CA TRP C 15 36.96 -6.17 -28.01
C TRP C 15 36.44 -7.57 -27.67
N PHE C 16 35.42 -8.05 -28.40
CA PHE C 16 34.79 -9.30 -28.03
C PHE C 16 35.75 -10.47 -28.19
N LYS C 17 36.58 -10.42 -29.23
CA LYS C 17 37.57 -11.45 -29.48
C LYS C 17 38.51 -11.64 -28.29
N GLN C 18 38.88 -10.56 -27.58
CA GLN C 18 39.82 -10.65 -26.48
C GLN C 18 39.11 -10.60 -25.11
N ALA C 19 37.77 -10.51 -25.09
CA ALA C 19 37.06 -10.34 -23.83
C ALA C 19 37.16 -11.62 -22.98
N LYS C 20 37.07 -12.80 -23.63
CA LYS C 20 37.34 -14.11 -23.04
C LYS C 20 36.28 -14.61 -22.05
N TYR C 21 35.72 -13.73 -21.21
CA TYR C 21 34.97 -14.16 -20.03
C TYR C 21 33.97 -13.10 -19.66
N GLY C 22 32.71 -13.51 -19.53
CA GLY C 22 31.62 -12.65 -19.13
C GLY C 22 30.71 -13.33 -18.09
N MET C 23 29.90 -12.54 -17.44
CA MET C 23 28.90 -13.03 -16.52
C MET C 23 27.54 -12.92 -17.22
N MET C 24 26.74 -13.96 -17.06
CA MET C 24 25.33 -13.91 -17.45
C MET C 24 24.51 -13.89 -16.16
N ILE C 25 23.33 -13.26 -16.22
CA ILE C 25 22.39 -13.25 -15.11
C ILE C 25 21.04 -13.69 -15.65
N HIS C 26 20.47 -14.70 -14.98
CA HIS C 26 19.06 -15.06 -15.12
C HIS C 26 18.37 -14.71 -13.82
N TRP C 27 17.34 -13.85 -13.92
CA TRP C 27 16.57 -13.48 -12.76
C TRP C 27 15.18 -13.11 -13.19
N GLY C 28 14.18 -13.61 -12.47
CA GLY C 28 12.78 -13.35 -12.77
C GLY C 28 11.86 -13.93 -11.71
N LEU C 29 10.54 -13.91 -11.98
CA LEU C 29 9.59 -14.52 -11.08
C LEU C 29 9.90 -15.98 -10.80
N TYR C 30 10.39 -16.70 -11.83
CA TYR C 30 10.79 -18.09 -11.70
C TYR C 30 11.77 -18.31 -10.56
N SER C 31 12.58 -17.30 -10.25
CA SER C 31 13.58 -17.40 -9.21
C SER C 31 12.97 -17.65 -7.84
N LEU C 32 11.76 -17.11 -7.61
CA LEU C 32 11.06 -17.33 -6.36
C LEU C 32 10.69 -18.81 -6.21
N LEU C 33 10.20 -19.44 -7.28
CA LEU C 33 9.73 -20.81 -7.20
C LEU C 33 10.89 -21.77 -7.07
N GLY C 34 12.00 -21.49 -7.76
CA GLY C 34 13.18 -22.31 -7.63
C GLY C 34 12.98 -23.78 -7.99
N GLY C 35 12.10 -24.04 -8.97
CA GLY C 35 11.89 -25.37 -9.52
C GLY C 35 10.81 -26.19 -8.84
N GLU C 36 10.07 -25.59 -7.89
CA GLU C 36 8.99 -26.27 -7.17
C GLU C 36 7.75 -25.38 -7.21
N TYR C 37 6.59 -26.02 -7.26
CA TYR C 37 5.32 -25.29 -7.36
C TYR C 37 4.19 -26.17 -6.88
N GLN C 38 3.50 -25.74 -5.84
N GLN C 38 3.46 -25.74 -5.85
CA GLN C 38 2.28 -26.35 -5.32
CA GLN C 38 2.23 -26.38 -5.40
C GLN C 38 2.32 -27.87 -5.39
C GLN C 38 2.30 -27.90 -5.39
N GLY C 39 3.32 -28.42 -4.72
CA GLY C 39 3.35 -29.87 -4.51
C GLY C 39 3.92 -30.64 -5.73
N LYS C 40 4.51 -29.91 -6.67
CA LYS C 40 5.16 -30.49 -7.85
C LYS C 40 6.59 -29.97 -7.95
N SER C 41 7.43 -30.68 -8.70
CA SER C 41 8.78 -30.15 -8.96
C SER C 41 9.33 -30.60 -10.30
N SER C 42 10.25 -29.80 -10.82
CA SER C 42 10.97 -30.17 -12.06
C SER C 42 12.47 -30.04 -11.79
N SER C 43 13.31 -30.99 -12.22
CA SER C 43 14.74 -30.83 -12.11
C SER C 43 15.30 -30.27 -13.43
N ASN C 44 14.43 -29.90 -14.38
CA ASN C 44 14.93 -29.30 -15.59
C ASN C 44 15.18 -27.86 -15.19
N TYR C 45 15.72 -27.07 -16.10
CA TYR C 45 15.98 -25.65 -16.00
C TYR C 45 14.87 -24.91 -15.26
N ALA C 46 15.21 -24.32 -14.11
CA ALA C 46 14.17 -23.75 -13.25
C ALA C 46 13.45 -22.59 -13.90
N GLU C 47 14.12 -21.86 -14.79
CA GLU C 47 13.47 -20.75 -15.44
C GLU C 47 12.36 -21.19 -16.41
N TRP C 48 12.33 -22.48 -16.73
CA TRP C 48 11.30 -23.08 -17.58
C TRP C 48 10.13 -23.63 -16.76
N VAL C 49 10.06 -23.36 -15.44
CA VAL C 49 9.10 -24.04 -14.59
C VAL C 49 7.69 -23.77 -15.05
N GLN C 50 7.37 -22.58 -15.58
CA GLN C 50 5.98 -22.36 -16.00
C GLN C 50 5.56 -23.36 -17.06
N SER C 51 6.45 -23.62 -18.03
CA SER C 51 6.19 -24.62 -19.06
C SER C 51 6.24 -26.04 -18.52
N LYS C 52 7.27 -26.37 -17.75
CA LYS C 52 7.49 -27.76 -17.37
C LYS C 52 6.37 -28.23 -16.44
N LEU C 53 5.76 -27.32 -15.66
CA LEU C 53 4.68 -27.67 -14.78
C LEU C 53 3.34 -27.07 -15.28
N GLN C 54 3.32 -26.50 -16.48
CA GLN C 54 2.09 -25.94 -17.10
C GLN C 54 1.29 -25.07 -16.12
N ILE C 55 1.98 -24.10 -15.58
CA ILE C 55 1.38 -23.23 -14.59
C ILE C 55 0.58 -22.18 -15.35
N PRO C 56 -0.75 -22.08 -15.11
CA PRO C 56 -1.55 -21.03 -15.76
C PRO C 56 -1.04 -19.65 -15.42
N ASN C 57 -1.09 -18.75 -16.42
CA ASN C 57 -0.74 -17.35 -16.24
C ASN C 57 -1.40 -16.76 -14.99
N LYS C 58 -2.66 -17.01 -14.77
CA LYS C 58 -3.38 -16.41 -13.64
C LYS C 58 -2.68 -16.82 -12.32
N GLU C 59 -2.19 -18.06 -12.23
N GLU C 59 -2.20 -18.06 -12.22
CA GLU C 59 -1.50 -18.49 -11.02
CA GLU C 59 -1.49 -18.49 -11.03
C GLU C 59 -0.08 -17.91 -10.96
C GLU C 59 -0.08 -17.91 -10.97
N TYR C 60 0.65 -17.99 -12.08
CA TYR C 60 2.03 -17.61 -12.11
C TYR C 60 2.16 -16.11 -11.81
N GLU C 61 1.20 -15.32 -12.29
CA GLU C 61 1.25 -13.88 -12.06
C GLU C 61 1.26 -13.50 -10.57
N ARG C 62 0.69 -14.37 -9.73
CA ARG C 62 0.64 -14.08 -8.29
C ARG C 62 2.04 -13.91 -7.69
N LEU C 63 3.07 -14.46 -8.34
CA LEU C 63 4.44 -14.35 -7.85
C LEU C 63 4.88 -12.89 -7.82
N THR C 64 4.26 -12.03 -8.62
CA THR C 64 4.64 -10.63 -8.61
C THR C 64 4.55 -10.06 -7.20
N GLN C 65 3.57 -10.48 -6.41
CA GLN C 65 3.31 -9.88 -5.11
C GLN C 65 4.35 -10.35 -4.10
N ALA C 66 5.08 -11.43 -4.38
CA ALA C 66 6.12 -11.94 -3.50
C ALA C 66 7.51 -11.47 -3.88
N PHE C 67 7.61 -10.65 -4.92
CA PHE C 67 8.88 -10.22 -5.46
C PHE C 67 9.30 -8.91 -4.81
N ASN C 68 10.10 -9.02 -3.72
CA ASN C 68 10.63 -7.85 -3.07
C ASN C 68 12.06 -8.14 -2.62
N PRO C 69 13.00 -8.22 -3.59
CA PRO C 69 14.37 -8.67 -3.29
C PRO C 69 15.22 -7.59 -2.65
N ILE C 70 15.11 -7.49 -1.31
CA ILE C 70 15.72 -6.42 -0.56
C ILE C 70 17.23 -6.50 -0.58
N TYR C 71 17.82 -7.62 -1.02
CA TYR C 71 19.27 -7.75 -1.04
C TYR C 71 19.89 -7.48 -2.42
N PHE C 72 19.08 -7.20 -3.44
CA PHE C 72 19.62 -6.92 -4.76
C PHE C 72 20.51 -5.67 -4.70
N ASP C 73 21.73 -5.79 -5.23
CA ASP C 73 22.70 -4.70 -5.25
C ASP C 73 23.51 -4.84 -6.55
N ALA C 74 23.11 -4.08 -7.57
CA ALA C 74 23.75 -4.13 -8.86
C ALA C 74 25.25 -3.86 -8.77
N ASP C 75 25.65 -2.85 -7.95
CA ASP C 75 27.07 -2.55 -7.85
C ASP C 75 27.84 -3.75 -7.32
N ALA C 76 27.26 -4.45 -6.34
CA ALA C 76 27.92 -5.60 -5.75
C ALA C 76 28.06 -6.76 -6.75
N ILE C 77 27.04 -6.99 -7.60
CA ILE C 77 27.09 -8.03 -8.61
C ILE C 77 28.18 -7.72 -9.63
N ILE C 78 28.20 -6.49 -10.11
CA ILE C 78 29.21 -6.06 -11.09
C ILE C 78 30.58 -6.15 -10.45
N ASP C 79 30.72 -5.78 -9.17
CA ASP C 79 32.02 -5.84 -8.52
C ASP C 79 32.51 -7.29 -8.45
N LEU C 80 31.63 -8.24 -8.20
CA LEU C 80 32.00 -9.65 -8.22
C LEU C 80 32.53 -10.06 -9.60
N ALA C 81 31.79 -9.70 -10.65
CA ALA C 81 32.18 -9.98 -12.01
C ALA C 81 33.58 -9.40 -12.29
N LYS C 82 33.79 -8.14 -11.91
CA LYS C 82 35.02 -7.45 -12.16
C LYS C 82 36.18 -8.15 -11.44
N ARG C 83 35.96 -8.54 -10.19
CA ARG C 83 37.01 -9.18 -9.40
C ARG C 83 37.38 -10.53 -10.03
N CYS C 84 36.45 -11.16 -10.75
CA CYS C 84 36.72 -12.43 -11.41
C CYS C 84 37.35 -12.26 -12.79
N GLY C 85 37.56 -11.02 -13.24
CA GLY C 85 38.12 -10.77 -14.56
C GLY C 85 37.10 -10.89 -15.69
N MET C 86 35.80 -10.88 -15.37
CA MET C 86 34.77 -10.86 -16.39
C MET C 86 34.68 -9.45 -17.02
N GLN C 87 34.51 -9.39 -18.35
N GLN C 87 34.51 -9.39 -18.35
CA GLN C 87 34.67 -8.13 -19.07
CA GLN C 87 34.68 -8.13 -19.07
C GLN C 87 33.33 -7.63 -19.57
C GLN C 87 33.33 -7.62 -19.57
N TYR C 88 32.28 -8.43 -19.39
CA TYR C 88 30.94 -8.05 -19.80
C TYR C 88 29.93 -8.81 -18.98
N LEU C 89 28.72 -8.29 -18.98
CA LEU C 89 27.59 -8.85 -18.24
C LEU C 89 26.38 -8.81 -19.15
N VAL C 90 25.71 -9.97 -19.26
CA VAL C 90 24.57 -10.13 -20.13
C VAL C 90 23.41 -10.56 -19.21
N VAL C 91 22.30 -9.81 -19.23
CA VAL C 91 21.24 -10.07 -18.27
C VAL C 91 19.90 -10.30 -18.97
N THR C 92 19.10 -11.19 -18.40
CA THR C 92 17.72 -11.43 -18.87
C THR C 92 16.85 -10.18 -18.70
N THR C 93 16.48 -9.52 -19.82
CA THR C 93 15.48 -8.45 -19.80
C THR C 93 14.06 -9.02 -19.80
N LYS C 94 13.88 -10.16 -20.42
CA LYS C 94 12.62 -10.89 -20.50
C LYS C 94 12.93 -12.30 -20.97
N HIS C 95 12.58 -13.30 -20.15
CA HIS C 95 12.78 -14.69 -20.53
C HIS C 95 11.49 -15.25 -21.17
N HIS C 96 11.39 -16.57 -21.30
CA HIS C 96 10.29 -17.18 -22.04
C HIS C 96 8.93 -16.91 -21.37
N ASP C 97 8.93 -16.73 -20.04
CA ASP C 97 7.68 -16.51 -19.33
C ASP C 97 7.09 -15.13 -19.69
N GLY C 98 7.87 -14.25 -20.33
CA GLY C 98 7.32 -13.01 -20.86
C GLY C 98 7.33 -11.84 -19.88
N PHE C 99 7.88 -12.08 -18.67
CA PHE C 99 7.91 -11.07 -17.64
C PHE C 99 9.15 -10.20 -17.82
N ALA C 100 8.96 -8.89 -17.98
CA ALA C 100 10.08 -7.99 -18.21
C ALA C 100 10.73 -7.58 -16.89
N MET C 101 12.07 -7.52 -16.89
CA MET C 101 12.83 -7.11 -15.73
C MET C 101 13.30 -5.66 -15.86
N TYR C 102 12.54 -4.88 -16.63
CA TYR C 102 12.77 -3.45 -16.79
C TYR C 102 11.41 -2.77 -16.90
N ARG C 103 11.40 -1.44 -16.84
N ARG C 103 11.40 -1.44 -16.83
N ARG C 103 11.40 -1.44 -16.82
CA ARG C 103 10.15 -0.68 -16.94
CA ARG C 103 10.15 -0.68 -16.94
CA ARG C 103 10.16 -0.69 -16.95
C ARG C 103 9.76 -0.60 -18.42
C ARG C 103 9.75 -0.59 -18.42
C ARG C 103 9.75 -0.59 -18.41
N SER C 104 8.81 -1.46 -18.81
CA SER C 104 8.32 -1.52 -20.18
C SER C 104 7.02 -0.74 -20.29
N LEU C 105 7.00 0.28 -21.14
CA LEU C 105 5.75 0.98 -21.41
C LEU C 105 4.76 0.11 -22.17
N VAL C 106 5.28 -0.76 -23.02
CA VAL C 106 4.50 -1.64 -23.88
C VAL C 106 3.72 -2.68 -23.06
N ASP C 107 4.27 -3.13 -21.95
CA ASP C 107 3.66 -4.22 -21.20
C ASP C 107 3.88 -4.07 -19.70
N PRO C 108 2.81 -3.89 -18.92
CA PRO C 108 2.93 -3.67 -17.47
C PRO C 108 3.31 -4.92 -16.69
N TYR C 109 3.35 -6.09 -17.35
CA TYR C 109 3.84 -7.31 -16.71
C TYR C 109 5.38 -7.24 -16.63
N ASN C 110 5.84 -6.48 -15.65
CA ASN C 110 7.24 -6.14 -15.51
C ASN C 110 7.55 -5.84 -14.06
N VAL C 111 8.84 -5.90 -13.72
CA VAL C 111 9.30 -5.80 -12.33
C VAL C 111 9.02 -4.42 -11.73
N TYR C 112 9.02 -3.34 -12.56
CA TYR C 112 8.77 -2.02 -12.04
C TYR C 112 7.30 -1.83 -11.70
N ASP C 113 6.40 -2.11 -12.66
CA ASP C 113 5.00 -1.81 -12.50
C ASP C 113 4.25 -2.83 -11.67
N ALA C 114 4.63 -4.11 -11.70
CA ALA C 114 3.80 -5.18 -11.21
C ALA C 114 4.19 -5.72 -9.83
N THR C 115 5.36 -5.31 -9.29
CA THR C 115 5.89 -5.85 -8.04
C THR C 115 6.08 -4.75 -7.02
N PRO C 116 6.06 -5.10 -5.73
CA PRO C 116 6.38 -4.13 -4.69
C PRO C 116 7.80 -3.59 -4.78
N PHE C 117 8.70 -4.34 -5.44
CA PHE C 117 10.07 -3.88 -5.62
C PHE C 117 10.13 -2.53 -6.37
N HIS C 118 9.30 -2.37 -7.39
CA HIS C 118 9.07 -1.06 -7.99
C HIS C 118 10.40 -0.39 -8.40
N ARG C 119 11.29 -1.19 -8.98
CA ARG C 119 12.62 -0.77 -9.42
C ARG C 119 12.94 -1.38 -10.77
N ASP C 120 13.68 -0.64 -11.58
CA ASP C 120 14.11 -1.09 -12.91
C ASP C 120 15.44 -1.79 -12.77
N VAL C 121 15.39 -3.12 -12.73
CA VAL C 121 16.56 -3.97 -12.52
C VAL C 121 17.58 -3.76 -13.63
N ILE C 122 17.11 -3.75 -14.90
CA ILE C 122 18.01 -3.55 -16.02
C ILE C 122 18.69 -2.18 -15.93
N GLY C 123 17.92 -1.14 -15.56
CA GLY C 123 18.42 0.21 -15.36
C GLY C 123 19.55 0.24 -14.32
N GLU C 124 19.35 -0.47 -13.22
CA GLU C 124 20.34 -0.47 -12.17
C GLU C 124 21.60 -1.21 -12.62
N LEU C 125 21.45 -2.31 -13.32
CA LEU C 125 22.61 -3.07 -13.80
C LEU C 125 23.35 -2.27 -14.86
N SER C 126 22.62 -1.55 -15.72
CA SER C 126 23.27 -0.71 -16.73
C SER C 126 24.18 0.32 -16.07
N LEU C 127 23.61 1.03 -15.10
CA LEU C 127 24.38 2.05 -14.41
C LEU C 127 25.61 1.47 -13.71
N ALA C 128 25.44 0.31 -13.06
CA ALA C 128 26.55 -0.31 -12.35
C ALA C 128 27.67 -0.73 -13.29
N CYS C 129 27.30 -1.29 -14.45
CA CYS C 129 28.28 -1.69 -15.44
C CYS C 129 29.06 -0.48 -15.95
N ARG C 130 28.34 0.61 -16.21
CA ARG C 130 29.00 1.79 -16.75
C ARG C 130 30.03 2.35 -15.75
N LYS C 131 29.65 2.42 -14.47
CA LYS C 131 30.56 2.93 -13.46
C LYS C 131 31.82 2.09 -13.34
N ALA C 132 31.69 0.77 -13.51
CA ALA C 132 32.80 -0.14 -13.28
C ALA C 132 33.60 -0.40 -14.56
N GLY C 133 33.14 0.10 -15.70
CA GLY C 133 33.80 -0.14 -16.97
C GLY C 133 33.58 -1.55 -17.54
N LEU C 134 32.45 -2.19 -17.21
CA LEU C 134 32.10 -3.47 -17.81
C LEU C 134 31.16 -3.18 -18.97
N ARG C 135 31.33 -3.89 -20.07
CA ARG C 135 30.37 -3.78 -21.15
C ARG C 135 29.09 -4.52 -20.77
N PHE C 136 28.01 -4.04 -21.35
CA PHE C 136 26.67 -4.44 -20.97
C PHE C 136 25.95 -5.08 -22.14
N GLY C 137 25.34 -6.23 -21.86
CA GLY C 137 24.57 -6.98 -22.85
C GLY C 137 23.20 -7.37 -22.34
N LEU C 138 22.30 -7.63 -23.29
CA LEU C 138 20.89 -7.86 -22.99
C LEU C 138 20.43 -9.16 -23.64
N TYR C 139 19.84 -10.03 -22.83
CA TYR C 139 19.12 -11.21 -23.25
C TYR C 139 17.63 -10.87 -23.42
N TYR C 140 17.01 -11.31 -24.52
CA TYR C 140 15.59 -11.13 -24.74
C TYR C 140 15.03 -12.35 -25.50
N SER C 141 13.98 -12.95 -24.95
N SER C 141 13.96 -12.94 -24.96
CA SER C 141 13.27 -14.05 -25.61
CA SER C 141 13.26 -14.04 -25.61
C SER C 141 12.36 -13.50 -26.70
C SER C 141 12.36 -13.49 -26.69
N GLN C 142 12.84 -13.49 -27.94
CA GLN C 142 12.11 -12.86 -29.04
C GLN C 142 11.03 -13.78 -29.61
N ASP C 143 11.13 -15.09 -29.36
CA ASP C 143 10.27 -16.05 -30.02
C ASP C 143 9.23 -16.59 -29.04
N LEU C 144 9.66 -17.31 -28.00
CA LEU C 144 8.72 -17.81 -26.99
C LEU C 144 8.30 -16.68 -26.06
N ASP C 145 7.01 -16.65 -25.76
CA ASP C 145 6.51 -15.75 -24.74
C ASP C 145 5.20 -16.36 -24.22
N TRP C 146 5.31 -17.02 -23.06
CA TRP C 146 4.23 -17.79 -22.49
C TRP C 146 3.14 -16.89 -21.91
N HIS C 147 3.40 -15.59 -21.84
CA HIS C 147 2.40 -14.65 -21.37
C HIS C 147 1.54 -14.13 -22.50
N GLU C 148 1.85 -14.49 -23.76
CA GLU C 148 1.18 -13.93 -24.92
C GLU C 148 0.45 -15.03 -25.68
N PRO C 149 -0.82 -14.84 -26.04
CA PRO C 149 -1.54 -15.86 -26.79
C PRO C 149 -0.88 -16.20 -28.13
N ASP C 150 -0.24 -15.20 -28.76
CA ASP C 150 0.44 -15.42 -30.02
C ASP C 150 1.96 -15.58 -29.87
N GLY C 151 2.41 -15.88 -28.64
CA GLY C 151 3.79 -16.25 -28.45
C GLY C 151 4.20 -17.44 -29.31
N GLY C 152 5.51 -17.50 -29.61
CA GLY C 152 6.06 -18.48 -30.53
C GLY C 152 6.08 -19.88 -29.95
N GLY C 153 6.43 -20.85 -30.79
CA GLY C 153 6.69 -22.20 -30.32
C GLY C 153 5.67 -23.21 -30.80
N TYR C 154 4.58 -22.74 -31.40
CA TYR C 154 3.47 -23.61 -31.74
C TYR C 154 3.71 -24.36 -33.07
N LEU C 155 4.75 -24.02 -33.82
CA LEU C 155 5.08 -24.77 -35.04
C LEU C 155 6.28 -25.69 -34.82
N SER C 156 6.02 -26.99 -34.70
CA SER C 156 7.05 -27.97 -34.40
C SER C 156 8.28 -27.79 -35.31
N ASN C 157 9.44 -27.49 -34.70
CA ASN C 157 10.64 -27.11 -35.45
C ASN C 157 11.33 -28.35 -36.04
N ASP C 158 11.10 -28.58 -37.33
CA ASP C 158 11.92 -29.45 -38.16
C ASP C 158 11.61 -30.93 -37.89
N ILE C 159 11.25 -31.27 -36.64
CA ILE C 159 10.73 -32.59 -36.31
C ILE C 159 9.21 -32.49 -36.19
N GLU C 160 8.50 -33.39 -36.89
CA GLU C 160 7.04 -33.48 -36.85
C GLU C 160 6.57 -33.78 -35.43
N THR C 161 5.37 -33.27 -35.07
CA THR C 161 4.70 -33.55 -33.80
C THR C 161 5.70 -33.98 -32.72
N ALA C 162 5.39 -35.03 -31.95
CA ALA C 162 6.34 -35.66 -31.05
C ALA C 162 6.45 -34.91 -29.72
N GLY C 163 5.63 -33.86 -29.51
CA GLY C 163 5.63 -33.11 -28.26
C GLY C 163 6.57 -31.91 -28.30
N THR C 164 6.93 -31.57 -29.54
CA THR C 164 8.05 -30.69 -29.83
C THR C 164 7.44 -29.33 -30.16
N THR C 165 6.45 -28.86 -29.34
CA THR C 165 6.09 -27.44 -29.30
C THR C 165 6.42 -26.83 -27.94
N TRP C 166 6.66 -25.53 -27.89
CA TRP C 166 7.10 -24.89 -26.64
C TRP C 166 6.35 -23.59 -26.33
N ASP C 167 5.26 -23.38 -27.03
CA ASP C 167 4.36 -22.24 -26.73
C ASP C 167 3.62 -22.51 -25.41
N ASN C 168 2.91 -21.49 -24.90
CA ASN C 168 1.95 -21.72 -23.83
C ASN C 168 0.71 -22.31 -24.49
N SER C 169 0.58 -23.65 -24.39
CA SER C 169 -0.51 -24.38 -25.01
C SER C 169 -1.57 -24.78 -23.98
N TRP C 170 -1.39 -24.37 -22.70
CA TRP C 170 -2.32 -24.74 -21.63
C TRP C 170 -3.32 -23.58 -21.37
N ASP C 171 -2.85 -22.35 -21.39
CA ASP C 171 -3.73 -21.19 -21.32
C ASP C 171 -4.36 -20.84 -22.67
N PHE C 172 -3.62 -21.10 -23.76
CA PHE C 172 -4.00 -20.58 -25.08
C PHE C 172 -4.10 -21.76 -26.04
N THR C 173 -5.30 -22.15 -26.42
CA THR C 173 -5.51 -23.41 -27.13
C THR C 173 -6.06 -23.21 -28.53
N GLY C 174 -6.16 -21.96 -29.01
CA GLY C 174 -6.83 -21.77 -30.30
C GLY C 174 -5.84 -21.50 -31.43
N GLU C 175 -6.33 -20.89 -32.49
CA GLU C 175 -5.47 -20.49 -33.60
C GLU C 175 -4.53 -19.37 -33.14
N LYS C 176 -3.29 -19.43 -33.61
CA LYS C 176 -2.23 -18.53 -33.19
C LYS C 176 -1.53 -17.95 -34.41
N ASN C 177 -1.02 -16.73 -34.24
CA ASN C 177 -0.27 -16.06 -35.27
C ASN C 177 0.80 -15.16 -34.62
N TYR C 178 2.02 -15.69 -34.59
CA TYR C 178 3.18 -15.03 -34.01
C TYR C 178 3.35 -13.60 -34.50
N ASP C 179 2.94 -13.34 -35.75
CA ASP C 179 3.11 -12.02 -36.33
C ASP C 179 2.47 -10.96 -35.43
N ARG C 180 1.35 -11.28 -34.78
N ARG C 180 1.35 -11.28 -34.78
CA ARG C 180 0.67 -10.32 -33.93
CA ARG C 180 0.68 -10.32 -33.93
C ARG C 180 1.52 -9.97 -32.70
C ARG C 180 1.52 -9.97 -32.70
N ALA C 181 2.09 -10.97 -32.03
CA ALA C 181 2.94 -10.72 -30.86
C ALA C 181 4.24 -10.05 -31.29
N PHE C 182 4.74 -10.42 -32.46
CA PHE C 182 5.95 -9.82 -33.00
C PHE C 182 5.75 -8.30 -33.13
N LYS C 183 4.63 -7.91 -33.71
CA LYS C 183 4.35 -6.51 -33.94
C LYS C 183 4.04 -5.74 -32.64
N HIS C 184 3.25 -6.35 -31.75
CA HIS C 184 2.70 -5.60 -30.62
C HIS C 184 3.59 -5.65 -29.38
N LYS C 185 4.32 -6.75 -29.16
CA LYS C 185 5.14 -6.85 -27.95
C LYS C 185 6.62 -6.97 -28.28
N ILE C 186 6.99 -7.92 -29.16
CA ILE C 186 8.41 -8.27 -29.32
C ILE C 186 9.20 -7.09 -29.88
N MET C 187 8.79 -6.55 -31.03
CA MET C 187 9.55 -5.46 -31.61
C MET C 187 9.50 -4.23 -30.70
N PRO C 188 8.34 -3.82 -30.16
CA PRO C 188 8.34 -2.67 -29.26
C PRO C 188 9.24 -2.82 -28.04
N GLN C 189 9.31 -4.02 -27.46
CA GLN C 189 10.15 -4.19 -26.29
C GLN C 189 11.63 -4.19 -26.69
N ILE C 190 11.96 -4.79 -27.84
CA ILE C 190 13.36 -4.73 -28.27
C ILE C 190 13.78 -3.28 -28.49
N GLU C 191 12.86 -2.47 -29.04
CA GLU C 191 13.14 -1.05 -29.16
C GLU C 191 13.36 -0.38 -27.81
N GLU C 192 12.59 -0.74 -26.81
CA GLU C 192 12.75 -0.18 -25.47
C GLU C 192 14.13 -0.50 -24.91
N ILE C 193 14.48 -1.78 -24.91
CA ILE C 193 15.71 -2.17 -24.22
C ILE C 193 16.95 -1.65 -24.97
N MET C 194 16.83 -1.49 -26.30
CA MET C 194 17.95 -0.99 -27.11
C MET C 194 17.98 0.52 -27.15
N SER C 195 17.01 1.18 -26.49
CA SER C 195 16.96 2.64 -26.47
C SER C 195 17.26 3.23 -25.09
N ASN C 196 16.92 2.53 -24.00
CA ASN C 196 16.70 3.21 -22.74
C ASN C 196 17.81 2.91 -21.71
N TYR C 197 18.84 2.14 -22.08
CA TYR C 197 19.81 1.63 -21.11
C TYR C 197 21.25 1.85 -21.56
N GLY C 198 21.47 2.88 -22.38
CA GLY C 198 22.80 3.21 -22.84
C GLY C 198 23.34 2.23 -23.87
N GLU C 199 24.66 2.26 -24.04
N GLU C 199 24.66 2.26 -24.04
CA GLU C 199 25.35 1.49 -25.06
CA GLU C 199 25.34 1.49 -25.05
C GLU C 199 25.22 0.00 -24.74
C GLU C 199 25.22 0.00 -24.74
N ILE C 200 24.74 -0.78 -25.71
CA ILE C 200 24.59 -2.22 -25.56
C ILE C 200 25.63 -2.91 -26.46
N SER C 201 26.45 -3.79 -25.88
CA SER C 201 27.54 -4.43 -26.60
C SER C 201 27.16 -5.82 -27.15
N VAL C 202 26.22 -6.50 -26.53
CA VAL C 202 25.81 -7.85 -26.88
C VAL C 202 24.28 -7.95 -26.79
N ALA C 203 23.68 -8.57 -27.82
CA ALA C 203 22.28 -8.91 -27.82
C ALA C 203 22.19 -10.42 -27.90
N TRP C 204 21.54 -11.00 -26.91
CA TRP C 204 21.43 -12.44 -26.72
C TRP C 204 19.97 -12.84 -26.93
N PHE C 205 19.70 -13.38 -28.11
CA PHE C 205 18.38 -13.88 -28.47
C PHE C 205 18.36 -15.39 -28.23
N ASN C 206 17.19 -16.04 -28.46
CA ASN C 206 17.09 -17.44 -28.05
C ASN C 206 15.97 -18.16 -28.81
N VAL C 207 16.19 -19.47 -28.94
N VAL C 207 16.09 -19.49 -28.90
CA VAL C 207 15.27 -20.48 -29.47
CA VAL C 207 15.07 -20.40 -29.40
C VAL C 207 14.41 -19.94 -30.61
C VAL C 207 14.36 -19.88 -30.64
N PRO C 208 15.02 -19.68 -31.81
CA PRO C 208 14.33 -19.09 -32.94
C PRO C 208 13.48 -20.11 -33.70
N MET C 209 12.45 -20.60 -33.06
CA MET C 209 11.80 -21.69 -33.72
C MET C 209 10.53 -21.28 -34.45
N THR C 210 10.16 -19.99 -34.46
CA THR C 210 8.94 -19.55 -35.15
C THR C 210 9.18 -18.36 -36.10
N LEU C 211 10.06 -17.41 -35.70
CA LEU C 211 10.15 -16.19 -36.47
C LEU C 211 10.79 -16.47 -37.84
N SER C 212 10.31 -15.74 -38.83
CA SER C 212 10.75 -15.85 -40.22
C SER C 212 12.12 -15.19 -40.41
N ASP C 213 12.75 -15.48 -41.55
CA ASP C 213 13.99 -14.80 -41.90
C ASP C 213 13.78 -13.27 -41.91
N GLU C 214 12.66 -12.82 -42.41
CA GLU C 214 12.34 -11.41 -42.44
C GLU C 214 12.18 -10.78 -41.05
N GLN C 215 11.55 -11.54 -40.15
CA GLN C 215 11.42 -11.09 -38.76
C GLN C 215 12.77 -11.05 -38.08
N SER C 216 13.62 -12.07 -38.29
CA SER C 216 14.99 -12.04 -37.78
C SER C 216 15.70 -10.80 -38.30
N GLN C 217 15.55 -10.50 -39.59
N GLN C 217 15.54 -10.51 -39.59
CA GLN C 217 16.23 -9.37 -40.21
CA GLN C 217 16.23 -9.38 -40.18
C GLN C 217 15.71 -8.06 -39.62
C GLN C 217 15.71 -8.06 -39.62
N THR C 218 14.40 -7.95 -39.39
CA THR C 218 13.82 -6.75 -38.81
C THR C 218 14.41 -6.49 -37.44
N ILE C 219 14.53 -7.56 -36.61
CA ILE C 219 15.18 -7.39 -35.32
C ILE C 219 16.64 -6.94 -35.51
N TYR C 220 17.37 -7.66 -36.35
CA TYR C 220 18.77 -7.35 -36.58
C TYR C 220 18.94 -5.87 -36.96
N ASP C 221 18.15 -5.42 -37.93
CA ASP C 221 18.28 -4.07 -38.44
C ASP C 221 17.91 -3.03 -37.37
N THR C 222 16.88 -3.32 -36.60
CA THR C 222 16.44 -2.43 -35.54
C THR C 222 17.49 -2.32 -34.46
N VAL C 223 18.06 -3.46 -34.03
CA VAL C 223 19.13 -3.41 -33.04
C VAL C 223 20.29 -2.56 -33.55
N LYS C 224 20.71 -2.77 -34.81
CA LYS C 224 21.84 -2.01 -35.34
C LYS C 224 21.52 -0.54 -35.49
N ARG C 225 20.27 -0.22 -35.81
CA ARG C 225 19.89 1.18 -35.96
C ARG C 225 20.06 1.88 -34.61
N LEU C 226 19.57 1.25 -33.53
CA LEU C 226 19.57 1.86 -32.21
C LEU C 226 20.92 1.70 -31.51
N GLN C 227 21.68 0.65 -31.88
CA GLN C 227 22.90 0.25 -31.17
C GLN C 227 23.90 -0.22 -32.22
N PRO C 228 24.54 0.71 -32.96
CA PRO C 228 25.38 0.30 -34.10
C PRO C 228 26.54 -0.64 -33.74
N ASP C 229 26.97 -0.65 -32.47
CA ASP C 229 28.13 -1.46 -32.10
C ASP C 229 27.71 -2.76 -31.40
N CYS C 230 26.39 -3.04 -31.31
CA CYS C 230 25.94 -4.21 -30.57
C CYS C 230 26.19 -5.48 -31.39
N LEU C 231 26.82 -6.51 -30.80
CA LEU C 231 27.02 -7.79 -31.47
C LEU C 231 25.85 -8.71 -31.17
N ILE C 232 25.28 -9.32 -32.20
CA ILE C 232 24.07 -10.13 -32.05
C ILE C 232 24.43 -11.61 -32.17
N ASN C 233 23.89 -12.45 -31.29
CA ASN C 233 24.24 -13.85 -31.31
C ASN C 233 23.40 -14.64 -32.33
N SER C 234 23.87 -15.89 -32.61
CA SER C 234 23.29 -16.69 -33.69
C SER C 234 21.87 -17.19 -33.39
N ARG C 235 21.44 -17.14 -32.15
CA ARG C 235 20.10 -17.62 -31.80
C ARG C 235 19.01 -16.60 -32.13
N LEU C 236 19.37 -15.47 -32.76
CA LEU C 236 18.35 -14.62 -33.37
C LEU C 236 17.70 -15.38 -34.49
N GLY C 237 18.45 -16.31 -35.07
CA GLY C 237 17.91 -17.23 -36.07
C GLY C 237 18.17 -16.77 -37.49
N ASN C 238 18.03 -17.73 -38.41
CA ASN C 238 17.93 -17.47 -39.84
C ASN C 238 19.20 -16.81 -40.38
N GLY C 239 20.33 -17.02 -39.72
CA GLY C 239 21.61 -16.53 -40.22
C GLY C 239 21.85 -15.04 -39.90
N ARG C 240 21.00 -14.42 -39.07
CA ARG C 240 21.10 -12.98 -38.85
C ARG C 240 21.86 -12.75 -37.54
N TYR C 241 23.19 -12.70 -37.61
CA TYR C 241 24.01 -12.64 -36.44
C TYR C 241 25.42 -12.18 -36.77
N ASP C 242 26.11 -11.75 -35.68
CA ASP C 242 27.49 -11.33 -35.75
C ASP C 242 28.42 -12.35 -35.08
N TYR C 243 27.90 -13.11 -34.12
CA TYR C 243 28.74 -14.15 -33.50
C TYR C 243 27.94 -15.40 -33.25
N VAL C 244 28.67 -16.51 -33.15
CA VAL C 244 28.04 -17.81 -32.95
C VAL C 244 27.96 -18.18 -31.46
N SER C 245 26.75 -18.45 -30.99
CA SER C 245 26.49 -19.05 -29.70
C SER C 245 26.52 -20.55 -29.88
N LEU C 246 27.36 -21.26 -29.10
CA LEU C 246 27.27 -22.72 -29.08
C LEU C 246 26.01 -23.18 -28.29
N GLY C 247 25.88 -24.50 -28.12
CA GLY C 247 24.80 -25.04 -27.29
C GLY C 247 24.96 -24.63 -25.81
N ASP C 248 23.87 -24.78 -25.07
CA ASP C 248 23.87 -24.58 -23.63
C ASP C 248 24.95 -25.46 -23.03
N ASN C 249 25.90 -24.87 -22.29
CA ASN C 249 26.94 -25.65 -21.63
C ASN C 249 27.76 -26.49 -22.61
N GLU C 250 27.88 -26.07 -23.88
CA GLU C 250 28.56 -26.90 -24.87
C GLU C 250 30.07 -26.63 -24.83
N ILE C 251 30.82 -27.62 -24.35
CA ILE C 251 32.27 -27.58 -24.31
C ILE C 251 32.77 -28.47 -25.43
N PRO C 252 33.13 -27.93 -26.61
CA PRO C 252 33.37 -28.78 -27.78
C PRO C 252 34.66 -29.56 -27.65
N GLU C 253 34.67 -30.75 -28.24
CA GLU C 253 35.90 -31.53 -28.37
C GLU C 253 36.91 -30.80 -29.25
N ASP C 254 38.20 -31.12 -29.04
CA ASP C 254 39.30 -30.46 -29.72
C ASP C 254 39.08 -30.44 -31.24
N SER C 255 38.73 -31.61 -31.80
CA SER C 255 38.56 -31.75 -33.24
C SER C 255 37.56 -30.73 -33.81
N ASP C 256 36.37 -30.66 -33.21
CA ASP C 256 35.32 -29.76 -33.64
C ASP C 256 35.70 -28.31 -33.37
N ALA C 257 36.35 -28.04 -32.23
CA ALA C 257 36.70 -26.66 -31.87
C ALA C 257 37.77 -26.12 -32.82
N SER C 258 38.66 -27.01 -33.28
CA SER C 258 39.75 -26.54 -34.12
C SER C 258 39.21 -26.26 -35.53
N ASP C 259 38.20 -27.02 -36.00
CA ASP C 259 37.58 -26.84 -37.31
C ASP C 259 36.51 -25.73 -37.30
N LYS C 260 35.79 -25.57 -36.18
CA LYS C 260 34.59 -24.74 -36.13
C LYS C 260 33.63 -25.01 -37.31
N VAL C 267 23.87 -26.85 -42.56
CA VAL C 267 23.70 -25.94 -41.38
C VAL C 267 22.22 -25.65 -41.13
N ASP C 268 21.78 -25.95 -39.90
CA ASP C 268 20.45 -25.51 -39.49
C ASP C 268 20.62 -24.23 -38.69
N TYR C 269 20.31 -23.07 -39.31
CA TYR C 269 20.50 -21.78 -38.66
C TYR C 269 19.63 -21.61 -37.42
N ASN C 270 18.58 -22.42 -37.26
CA ASN C 270 17.65 -22.27 -36.15
C ASN C 270 17.84 -23.35 -35.09
N SER C 271 18.83 -24.24 -35.27
CA SER C 271 19.23 -25.15 -34.21
C SER C 271 20.06 -24.36 -33.19
N ILE C 272 20.12 -24.85 -31.93
CA ILE C 272 20.89 -24.10 -30.94
C ILE C 272 22.18 -24.82 -30.54
N GLU C 273 22.46 -25.98 -31.13
CA GLU C 273 23.66 -26.78 -30.85
C GLU C 273 24.69 -26.63 -31.96
N GLY C 274 25.98 -26.72 -31.58
CA GLY C 274 27.06 -26.98 -32.53
C GLY C 274 27.56 -25.70 -33.18
N PHE C 275 28.59 -25.82 -34.01
CA PHE C 275 29.14 -24.66 -34.71
C PHE C 275 28.26 -24.22 -35.89
N LYS C 276 28.43 -22.96 -36.26
CA LYS C 276 27.86 -22.36 -37.46
C LYS C 276 28.93 -21.46 -38.07
N PRO C 277 28.83 -21.04 -39.35
CA PRO C 277 29.82 -20.14 -39.95
C PRO C 277 29.93 -18.84 -39.16
N SER C 278 31.16 -18.31 -39.06
CA SER C 278 31.36 -17.03 -38.39
C SER C 278 32.36 -16.18 -39.17
N LYS C 279 31.83 -15.26 -39.98
CA LYS C 279 32.64 -14.43 -40.86
C LYS C 279 33.69 -13.68 -40.04
N LEU C 280 33.29 -13.21 -38.84
CA LEU C 280 34.14 -12.38 -38.00
C LEU C 280 35.03 -13.21 -37.07
N GLY C 281 34.82 -14.54 -37.04
CA GLY C 281 35.61 -15.41 -36.17
C GLY C 281 35.25 -15.25 -34.69
N LEU C 282 33.97 -14.99 -34.38
CA LEU C 282 33.55 -14.74 -33.00
C LEU C 282 32.63 -15.88 -32.54
N TYR C 283 32.93 -16.36 -31.32
CA TYR C 283 32.24 -17.51 -30.76
C TYR C 283 32.12 -17.34 -29.25
N GLU C 284 31.03 -17.89 -28.70
CA GLU C 284 30.76 -17.85 -27.27
C GLU C 284 29.98 -19.09 -26.84
N THR C 285 30.41 -19.71 -25.73
CA THR C 285 29.63 -20.71 -25.05
C THR C 285 29.13 -20.10 -23.76
N ALA C 286 27.80 -20.12 -23.63
CA ALA C 286 27.16 -19.78 -22.37
C ALA C 286 27.00 -21.06 -21.57
N GLY C 287 27.33 -20.95 -20.28
CA GLY C 287 27.28 -22.07 -19.35
C GLY C 287 26.77 -21.63 -17.98
N THR C 288 26.46 -22.61 -17.16
CA THR C 288 25.93 -22.43 -15.82
C THR C 288 26.94 -23.01 -14.81
N ILE C 289 26.89 -22.52 -13.57
CA ILE C 289 27.77 -23.00 -12.52
C ILE C 289 27.22 -24.31 -11.94
N ASN C 290 25.92 -24.35 -11.65
CA ASN C 290 25.22 -25.61 -11.45
C ASN C 290 24.58 -26.00 -12.78
N ASP C 291 23.42 -26.65 -12.78
CA ASP C 291 22.83 -27.23 -13.99
C ASP C 291 21.62 -26.45 -14.49
N SER C 292 21.25 -25.36 -13.80
CA SER C 292 20.06 -24.56 -14.12
C SER C 292 20.52 -23.16 -14.49
N TRP C 293 19.72 -22.46 -15.31
CA TRP C 293 19.99 -21.05 -15.57
C TRP C 293 19.38 -20.19 -14.46
N GLY C 294 18.05 -20.32 -14.26
CA GLY C 294 17.44 -19.73 -13.08
C GLY C 294 17.84 -20.48 -11.82
N PHE C 295 17.70 -19.78 -10.71
CA PHE C 295 17.97 -20.31 -9.39
C PHE C 295 17.06 -21.52 -9.13
N ALA C 296 17.62 -22.56 -8.57
CA ALA C 296 16.90 -23.80 -8.31
C ALA C 296 17.28 -24.33 -6.93
N TYR C 297 16.27 -24.39 -6.07
CA TYR C 297 16.47 -24.78 -4.68
C TYR C 297 17.26 -26.10 -4.55
N HIS C 298 16.87 -27.07 -5.36
CA HIS C 298 17.38 -28.43 -5.20
C HIS C 298 18.66 -28.71 -5.98
N ASP C 299 19.19 -27.74 -6.74
CA ASP C 299 20.38 -27.98 -7.54
C ASP C 299 21.61 -27.44 -6.81
N GLN C 300 22.36 -28.33 -6.18
CA GLN C 300 23.58 -27.99 -5.45
C GLN C 300 24.76 -28.61 -6.21
N ASN C 301 24.58 -28.86 -7.53
CA ASN C 301 25.63 -29.51 -8.29
C ASN C 301 26.57 -28.46 -8.86
N TRP C 302 27.22 -27.70 -7.97
CA TRP C 302 28.05 -26.57 -8.36
C TRP C 302 29.36 -27.10 -8.90
N LYS C 303 29.75 -26.61 -10.08
CA LYS C 303 31.07 -26.90 -10.62
C LYS C 303 32.15 -26.36 -9.67
N SER C 304 33.24 -27.08 -9.58
CA SER C 304 34.37 -26.71 -8.75
C SER C 304 35.14 -25.54 -9.39
N PRO C 305 35.92 -24.80 -8.59
CA PRO C 305 36.85 -23.83 -9.14
C PRO C 305 37.71 -24.40 -10.27
N GLN C 306 38.24 -25.62 -10.09
CA GLN C 306 39.11 -26.23 -11.07
C GLN C 306 38.37 -26.45 -12.39
N THR C 307 37.12 -26.94 -12.31
CA THR C 307 36.32 -27.18 -13.51
C THR C 307 36.09 -25.87 -14.26
N ILE C 308 35.71 -24.82 -13.55
CA ILE C 308 35.45 -23.53 -14.17
C ILE C 308 36.71 -23.02 -14.84
N HIS C 309 37.82 -23.08 -14.11
CA HIS C 309 39.09 -22.63 -14.65
C HIS C 309 39.44 -23.38 -15.93
N ASP C 310 39.26 -24.70 -15.90
CA ASP C 310 39.66 -25.53 -17.04
C ASP C 310 38.69 -25.36 -18.21
N TYR C 311 37.40 -25.24 -17.96
CA TYR C 311 36.46 -24.96 -19.03
C TYR C 311 36.81 -23.63 -19.69
N LYS C 312 37.10 -22.61 -18.89
CA LYS C 312 37.44 -21.31 -19.44
C LYS C 312 38.68 -21.41 -20.31
N ALA C 313 39.71 -22.12 -19.83
CA ALA C 313 40.96 -22.24 -20.58
C ALA C 313 40.73 -22.99 -21.90
N HIS C 314 39.93 -24.06 -21.85
CA HIS C 314 39.59 -24.85 -23.02
C HIS C 314 38.85 -24.00 -24.06
N LEU C 315 37.84 -23.27 -23.65
CA LEU C 315 37.09 -22.43 -24.58
C LEU C 315 38.01 -21.35 -25.16
N ASN C 316 38.72 -20.67 -24.28
CA ASN C 316 39.54 -19.52 -24.70
C ASN C 316 40.66 -19.93 -25.64
N LYS C 317 41.24 -21.12 -25.47
CA LYS C 317 42.35 -21.50 -26.31
C LYS C 317 41.88 -21.74 -27.74
N TYR C 318 40.57 -21.98 -27.95
CA TYR C 318 40.01 -22.07 -29.29
C TYR C 318 39.36 -20.78 -29.78
N GLY C 319 39.60 -19.65 -29.11
CA GLY C 319 39.01 -18.40 -29.53
C GLY C 319 37.51 -18.33 -29.22
N ILE C 320 37.07 -19.02 -28.14
CA ILE C 320 35.67 -19.01 -27.74
C ILE C 320 35.55 -18.32 -26.39
N ASN C 321 34.61 -17.37 -26.27
CA ASN C 321 34.35 -16.70 -25.02
C ASN C 321 33.49 -17.58 -24.12
N TYR C 322 33.67 -17.41 -22.80
CA TYR C 322 32.94 -18.16 -21.80
C TYR C 322 32.02 -17.20 -21.05
N LEU C 323 30.72 -17.35 -21.26
CA LEU C 323 29.71 -16.52 -20.64
C LEU C 323 29.07 -17.36 -19.55
N LEU C 324 29.45 -17.08 -18.30
CA LEU C 324 29.15 -17.97 -17.18
C LEU C 324 28.04 -17.34 -16.36
N ASN C 325 26.98 -18.12 -16.20
CA ASN C 325 25.72 -17.62 -15.66
C ASN C 325 25.65 -17.73 -14.14
N VAL C 326 25.01 -16.72 -13.53
CA VAL C 326 24.56 -16.73 -12.16
C VAL C 326 23.03 -16.62 -12.16
N GLY C 327 22.39 -17.52 -11.42
CA GLY C 327 20.94 -17.40 -11.26
C GLY C 327 20.64 -16.81 -9.87
N LEU C 328 20.23 -15.54 -9.83
CA LEU C 328 20.02 -14.88 -8.54
C LEU C 328 18.83 -15.51 -7.84
N ASP C 329 18.86 -15.53 -6.50
CA ASP C 329 17.75 -16.09 -5.72
C ASP C 329 16.65 -15.03 -5.61
N GLY C 330 15.57 -15.43 -4.93
CA GLY C 330 14.41 -14.54 -4.82
C GLY C 330 14.65 -13.26 -4.04
N LEU C 331 15.75 -13.18 -3.27
CA LEU C 331 16.10 -11.97 -2.56
C LEU C 331 17.10 -11.13 -3.35
N GLY C 332 17.47 -11.58 -4.53
CA GLY C 332 18.39 -10.82 -5.39
C GLY C 332 19.86 -11.14 -5.18
N ARG C 333 20.13 -12.28 -4.52
CA ARG C 333 21.49 -12.62 -4.09
C ARG C 333 22.13 -13.65 -5.04
N VAL C 334 23.45 -13.52 -5.16
CA VAL C 334 24.26 -14.59 -5.70
C VAL C 334 24.30 -15.70 -4.68
N PRO C 335 23.91 -16.94 -5.01
CA PRO C 335 24.05 -18.02 -4.03
C PRO C 335 25.50 -18.11 -3.58
N MET C 336 25.69 -18.35 -2.28
CA MET C 336 27.02 -18.39 -1.71
C MET C 336 27.92 -19.36 -2.47
N ALA C 337 27.42 -20.58 -2.78
CA ALA C 337 28.28 -21.56 -3.45
C ALA C 337 28.71 -21.09 -4.85
N ALA C 338 27.87 -20.29 -5.50
CA ALA C 338 28.19 -19.74 -6.81
C ALA C 338 29.29 -18.69 -6.68
N GLU C 339 29.14 -17.79 -5.71
CA GLU C 339 30.16 -16.78 -5.48
C GLU C 339 31.50 -17.45 -5.16
N GLN C 340 31.47 -18.45 -4.30
CA GLN C 340 32.71 -19.10 -3.88
C GLN C 340 33.34 -19.85 -5.05
N ALA C 341 32.53 -20.44 -5.93
CA ALA C 341 33.06 -21.13 -7.11
C ALA C 341 33.80 -20.12 -8.01
N LEU C 342 33.17 -18.97 -8.24
CA LEU C 342 33.73 -17.96 -9.12
C LEU C 342 35.03 -17.40 -8.54
N LEU C 343 35.01 -17.03 -7.26
CA LEU C 343 36.20 -16.46 -6.64
C LEU C 343 37.31 -17.51 -6.58
N GLY C 344 36.93 -18.76 -6.32
CA GLY C 344 37.87 -19.86 -6.30
C GLY C 344 38.56 -20.03 -7.68
N ALA C 345 37.76 -19.94 -8.75
CA ALA C 345 38.33 -20.09 -10.09
C ALA C 345 39.30 -18.93 -10.37
N ARG C 346 38.92 -17.72 -9.95
CA ARG C 346 39.81 -16.57 -10.08
C ARG C 346 41.14 -16.81 -9.34
N ALA C 347 41.09 -17.42 -8.17
CA ALA C 347 42.30 -17.69 -7.38
C ALA C 347 43.25 -18.65 -8.10
N LEU C 348 42.75 -19.44 -9.05
CA LEU C 348 43.61 -20.36 -9.81
C LEU C 348 44.30 -19.67 -10.98
N GLU C 349 44.02 -18.39 -11.24
CA GLU C 349 44.73 -17.67 -12.28
C GLU C 349 45.93 -16.98 -11.64
N ALA C 350 47.02 -16.82 -12.40
CA ALA C 350 48.09 -15.93 -11.96
C ALA C 350 47.65 -14.48 -12.23
N SER D 10 2.60 38.82 -33.52
CA SER D 10 2.13 37.72 -32.65
C SER D 10 1.29 38.27 -31.48
N ASP D 11 0.21 37.56 -31.15
CA ASP D 11 -0.57 37.83 -29.96
C ASP D 11 0.31 37.64 -28.72
N THR D 12 1.11 36.54 -28.64
CA THR D 12 1.93 36.31 -27.47
C THR D 12 2.96 37.43 -27.32
N VAL D 13 3.48 37.97 -28.43
CA VAL D 13 4.51 39.01 -28.35
C VAL D 13 3.95 40.29 -27.73
N GLU D 14 2.80 40.76 -28.23
CA GLU D 14 2.21 41.98 -27.73
C GLU D 14 1.77 41.74 -26.28
N TRP D 15 1.27 40.53 -25.98
CA TRP D 15 0.89 40.19 -24.62
C TRP D 15 2.09 40.30 -23.68
N PHE D 16 3.21 39.72 -24.06
CA PHE D 16 4.35 39.64 -23.15
C PHE D 16 4.92 41.03 -22.86
N LYS D 17 4.91 41.90 -23.88
CA LYS D 17 5.36 43.27 -23.75
C LYS D 17 4.62 44.01 -22.63
N GLN D 18 3.32 43.75 -22.46
CA GLN D 18 2.52 44.48 -21.48
C GLN D 18 2.24 43.62 -20.23
N ALA D 19 2.75 42.40 -20.15
CA ALA D 19 2.39 41.50 -19.08
C ALA D 19 2.92 42.03 -17.74
N LYS D 20 4.17 42.58 -17.76
CA LYS D 20 4.80 43.28 -16.65
C LYS D 20 5.26 42.36 -15.51
N TYR D 21 4.47 41.37 -15.11
CA TYR D 21 4.65 40.74 -13.82
C TYR D 21 4.10 39.32 -13.88
N GLY D 22 4.95 38.37 -13.49
CA GLY D 22 4.61 36.96 -13.44
C GLY D 22 5.10 36.31 -12.15
N MET D 23 4.55 35.12 -11.85
CA MET D 23 5.01 34.31 -10.73
C MET D 23 5.83 33.16 -11.29
N MET D 24 6.98 32.92 -10.68
CA MET D 24 7.74 31.70 -10.94
C MET D 24 7.59 30.78 -9.73
N ILE D 25 7.63 29.47 -9.98
CA ILE D 25 7.59 28.46 -8.93
C ILE D 25 8.80 27.54 -9.09
N HIS D 26 9.56 27.38 -8.02
CA HIS D 26 10.55 26.33 -7.88
C HIS D 26 10.05 25.36 -6.82
N TRP D 27 9.91 24.10 -7.20
CA TRP D 27 9.47 23.09 -6.26
C TRP D 27 10.03 21.75 -6.69
N GLY D 28 10.57 21.00 -5.72
CA GLY D 28 11.11 19.69 -6.02
C GLY D 28 11.54 18.98 -4.75
N LEU D 29 12.26 17.87 -4.91
CA LEU D 29 12.78 17.15 -3.75
C LEU D 29 13.67 18.06 -2.89
N TYR D 30 14.40 18.98 -3.52
CA TYR D 30 15.24 19.91 -2.77
C TYR D 30 14.43 20.72 -1.74
N SER D 31 13.15 20.92 -1.99
CA SER D 31 12.29 21.70 -1.11
C SER D 31 12.12 21.05 0.25
N LEU D 32 12.14 19.70 0.29
CA LEU D 32 12.09 18.97 1.55
C LEU D 32 13.32 19.25 2.41
N LEU D 33 14.51 19.28 1.79
CA LEU D 33 15.73 19.51 2.53
C LEU D 33 15.79 20.95 3.04
N GLY D 34 15.27 21.89 2.23
CA GLY D 34 15.16 23.26 2.68
C GLY D 34 16.50 23.89 3.02
N GLY D 35 17.56 23.52 2.29
CA GLY D 35 18.85 24.18 2.45
C GLY D 35 19.76 23.52 3.46
N GLU D 36 19.39 22.36 3.99
CA GLU D 36 20.23 21.62 4.93
C GLU D 36 20.23 20.16 4.56
N TYR D 37 21.33 19.47 4.86
CA TYR D 37 21.45 18.04 4.65
C TYR D 37 22.56 17.50 5.53
N GLN D 38 22.22 16.50 6.37
CA GLN D 38 23.16 15.87 7.28
C GLN D 38 23.98 16.91 8.02
N GLY D 39 23.31 17.94 8.52
CA GLY D 39 23.97 18.88 9.41
C GLY D 39 24.82 19.94 8.70
N LYS D 40 24.79 19.95 7.36
CA LYS D 40 25.50 20.95 6.59
C LYS D 40 24.54 21.78 5.75
N SER D 41 25.01 22.96 5.32
CA SER D 41 24.16 23.96 4.66
C SER D 41 24.37 23.90 3.14
N SER D 42 23.31 24.22 2.40
CA SER D 42 23.44 24.62 1.02
C SER D 42 24.17 25.97 0.96
N SER D 43 24.44 26.44 -0.26
CA SER D 43 24.74 27.85 -0.50
C SER D 43 23.44 28.65 -0.38
N ASN D 44 23.48 29.94 -0.77
CA ASN D 44 22.25 30.70 -0.83
C ASN D 44 21.19 30.04 -1.73
N TYR D 45 21.58 29.19 -2.68
CA TYR D 45 20.63 28.48 -3.54
C TYR D 45 20.37 27.08 -2.97
N ALA D 46 19.25 26.93 -2.24
CA ALA D 46 18.93 25.66 -1.62
C ALA D 46 18.64 24.57 -2.66
N GLU D 47 18.18 24.97 -3.85
CA GLU D 47 17.90 23.98 -4.88
C GLU D 47 19.18 23.38 -5.47
N TRP D 48 20.34 23.97 -5.16
CA TRP D 48 21.63 23.46 -5.59
C TRP D 48 22.25 22.49 -4.58
N VAL D 49 21.51 22.15 -3.48
CA VAL D 49 22.13 21.44 -2.40
C VAL D 49 22.75 20.11 -2.87
N GLN D 50 22.16 19.42 -3.84
CA GLN D 50 22.73 18.14 -4.25
C GLN D 50 24.18 18.32 -4.75
N SER D 51 24.41 19.38 -5.52
CA SER D 51 25.78 19.68 -5.98
C SER D 51 26.63 20.23 -4.85
N LYS D 52 26.11 21.19 -4.08
CA LYS D 52 26.89 21.80 -3.02
C LYS D 52 27.50 20.76 -2.07
N LEU D 53 26.72 19.74 -1.73
CA LEU D 53 27.14 18.74 -0.74
C LEU D 53 27.41 17.39 -1.40
N GLN D 54 27.41 17.35 -2.75
CA GLN D 54 27.74 16.12 -3.50
C GLN D 54 26.94 14.94 -2.96
N ILE D 55 25.64 15.11 -2.90
CA ILE D 55 24.78 14.07 -2.39
C ILE D 55 24.66 12.97 -3.42
N PRO D 56 25.03 11.72 -3.10
CA PRO D 56 24.87 10.63 -4.05
C PRO D 56 23.42 10.43 -4.41
N ASN D 57 23.17 10.14 -5.69
CA ASN D 57 21.84 9.90 -6.18
C ASN D 57 21.09 8.88 -5.30
N LYS D 58 21.74 7.80 -4.92
CA LYS D 58 21.09 6.78 -4.09
C LYS D 58 20.52 7.39 -2.80
N GLU D 59 21.22 8.35 -2.21
CA GLU D 59 20.76 9.00 -1.00
C GLU D 59 19.69 10.04 -1.33
N TYR D 60 19.93 10.84 -2.35
CA TYR D 60 19.01 11.92 -2.68
C TYR D 60 17.63 11.37 -3.05
N GLU D 61 17.63 10.23 -3.74
CA GLU D 61 16.36 9.63 -4.17
C GLU D 61 15.47 9.25 -3.00
N ARG D 62 16.06 9.03 -1.80
CA ARG D 62 15.24 8.68 -0.64
C ARG D 62 14.18 9.74 -0.32
N LEU D 63 14.44 11.00 -0.73
CA LEU D 63 13.51 12.09 -0.50
C LEU D 63 12.15 11.81 -1.15
N THR D 64 12.14 11.00 -2.22
CA THR D 64 10.87 10.70 -2.87
C THR D 64 9.84 10.18 -1.87
N GLN D 65 10.27 9.39 -0.88
CA GLN D 65 9.34 8.72 -0.01
C GLN D 65 8.77 9.69 1.01
N ALA D 66 9.44 10.84 1.22
CA ALA D 66 8.96 11.86 2.14
C ALA D 66 8.12 12.92 1.45
N PHE D 67 7.89 12.79 0.14
CA PHE D 67 7.19 13.80 -0.63
C PHE D 67 5.70 13.49 -0.65
N ASN D 68 4.96 14.08 0.28
CA ASN D 68 3.52 13.98 0.32
C ASN D 68 2.91 15.30 0.76
N PRO D 69 2.99 16.32 -0.12
CA PRO D 69 2.57 17.68 0.24
C PRO D 69 1.07 17.89 0.29
N ILE D 70 0.50 17.56 1.45
CA ILE D 70 -0.94 17.58 1.67
C ILE D 70 -1.52 18.99 1.53
N TYR D 71 -0.73 20.06 1.54
CA TYR D 71 -1.29 21.40 1.44
C TYR D 71 -1.13 22.02 0.03
N PHE D 72 -0.55 21.30 -0.92
CA PHE D 72 -0.45 21.80 -2.28
C PHE D 72 -1.83 22.02 -2.85
N ASP D 73 -2.08 23.23 -3.37
CA ASP D 73 -3.37 23.58 -3.92
C ASP D 73 -3.12 24.54 -5.09
N ALA D 74 -3.11 23.98 -6.31
CA ALA D 74 -2.83 24.74 -7.51
C ALA D 74 -3.77 25.93 -7.64
N ASP D 75 -5.07 25.73 -7.38
CA ASP D 75 -6.01 26.82 -7.51
C ASP D 75 -5.64 27.98 -6.57
N ALA D 76 -5.22 27.64 -5.35
CA ALA D 76 -4.92 28.68 -4.35
C ALA D 76 -3.65 29.44 -4.75
N ILE D 77 -2.65 28.76 -5.32
CA ILE D 77 -1.45 29.42 -5.77
C ILE D 77 -1.77 30.37 -6.91
N ILE D 78 -2.51 29.91 -7.91
CA ILE D 78 -2.92 30.75 -9.03
C ILE D 78 -3.74 31.93 -8.52
N ASP D 79 -4.63 31.70 -7.54
CA ASP D 79 -5.43 32.78 -7.03
C ASP D 79 -4.55 33.87 -6.39
N LEU D 80 -3.52 33.47 -5.66
CA LEU D 80 -2.61 34.44 -5.08
C LEU D 80 -1.92 35.26 -6.19
N ALA D 81 -1.42 34.57 -7.23
CA ALA D 81 -0.81 35.24 -8.37
C ALA D 81 -1.75 36.28 -8.95
N LYS D 82 -2.99 35.86 -9.19
CA LYS D 82 -3.96 36.73 -9.83
C LYS D 82 -4.26 37.95 -8.97
N ARG D 83 -4.42 37.73 -7.63
CA ARG D 83 -4.70 38.83 -6.74
C ARG D 83 -3.54 39.83 -6.72
N CYS D 84 -2.32 39.37 -6.99
CA CYS D 84 -1.16 40.26 -7.02
C CYS D 84 -0.96 40.95 -8.37
N GLY D 85 -1.85 40.69 -9.33
CA GLY D 85 -1.74 41.30 -10.66
C GLY D 85 -0.74 40.59 -11.56
N MET D 86 -0.30 39.38 -11.20
CA MET D 86 0.62 38.63 -12.04
C MET D 86 -0.18 38.03 -13.20
N GLN D 87 0.39 38.04 -14.42
CA GLN D 87 -0.36 37.71 -15.62
C GLN D 87 0.05 36.36 -16.18
N TYR D 88 1.08 35.76 -15.57
CA TYR D 88 1.55 34.45 -16.00
C TYR D 88 2.28 33.76 -14.87
N LEU D 89 2.40 32.44 -15.00
CA LEU D 89 3.06 31.59 -14.04
C LEU D 89 3.99 30.64 -14.76
N VAL D 90 5.24 30.59 -14.32
CA VAL D 90 6.26 29.74 -14.90
C VAL D 90 6.72 28.77 -13.82
N VAL D 91 6.67 27.46 -14.10
CA VAL D 91 6.94 26.48 -13.05
C VAL D 91 8.04 25.51 -13.45
N THR D 92 8.90 25.14 -12.49
CA THR D 92 9.89 24.09 -12.69
C THR D 92 9.26 22.74 -13.01
N THR D 93 9.42 22.28 -14.27
CA THR D 93 9.05 20.93 -14.65
C THR D 93 10.15 19.95 -14.26
N LYS D 94 11.39 20.40 -14.26
CA LYS D 94 12.57 19.60 -13.93
C LYS D 94 13.73 20.58 -13.74
N HIS D 95 14.31 20.59 -12.55
CA HIS D 95 15.46 21.44 -12.25
C HIS D 95 16.75 20.63 -12.42
N HIS D 96 17.87 21.15 -11.94
CA HIS D 96 19.18 20.57 -12.23
C HIS D 96 19.30 19.14 -11.68
N ASP D 97 18.59 18.84 -10.59
CA ASP D 97 18.70 17.52 -9.97
C ASP D 97 18.07 16.44 -10.86
N GLY D 98 17.33 16.84 -11.91
CA GLY D 98 16.82 15.88 -12.89
C GLY D 98 15.48 15.24 -12.54
N PHE D 99 14.90 15.63 -11.40
CA PHE D 99 13.65 15.05 -10.96
C PHE D 99 12.47 15.80 -11.61
N ALA D 100 11.61 15.07 -12.32
CA ALA D 100 10.51 15.69 -13.05
C ALA D 100 9.31 15.90 -12.12
N MET D 101 8.64 17.05 -12.26
CA MET D 101 7.48 17.38 -11.43
C MET D 101 6.18 17.16 -12.21
N TYR D 102 6.25 16.25 -13.20
CA TYR D 102 5.10 15.84 -14.00
C TYR D 102 5.24 14.35 -14.30
N ARG D 103 4.18 13.76 -14.86
N ARG D 103 4.20 13.75 -14.86
N ARG D 103 4.20 13.75 -14.86
CA ARG D 103 4.21 12.34 -15.20
CA ARG D 103 4.21 12.34 -15.20
CA ARG D 103 4.20 12.34 -15.21
C ARG D 103 4.97 12.18 -16.51
C ARG D 103 4.97 12.17 -16.52
C ARG D 103 4.97 12.18 -16.51
N SER D 104 6.24 11.76 -16.40
CA SER D 104 7.13 11.57 -17.54
C SER D 104 7.16 10.09 -17.91
N LEU D 105 6.73 9.75 -19.11
CA LEU D 105 6.89 8.39 -19.59
C LEU D 105 8.34 8.01 -19.81
N VAL D 106 9.17 8.99 -20.19
CA VAL D 106 10.58 8.81 -20.50
C VAL D 106 11.38 8.42 -19.25
N ASP D 107 10.99 8.91 -18.08
CA ASP D 107 11.81 8.77 -16.90
C ASP D 107 10.92 8.67 -15.66
N PRO D 108 10.96 7.52 -14.95
CA PRO D 108 10.12 7.34 -13.74
C PRO D 108 10.59 8.10 -12.52
N TYR D 109 11.73 8.79 -12.61
CA TYR D 109 12.18 9.67 -11.54
C TYR D 109 11.41 10.97 -11.63
N ASN D 110 10.17 10.90 -11.14
CA ASN D 110 9.21 11.97 -11.28
C ASN D 110 8.21 11.90 -10.13
N VAL D 111 7.50 13.00 -9.92
CA VAL D 111 6.63 13.18 -8.77
C VAL D 111 5.42 12.22 -8.82
N TYR D 112 4.95 11.85 -10.00
CA TYR D 112 3.80 10.99 -10.11
C TYR D 112 4.18 9.54 -9.78
N ASP D 113 5.23 9.01 -10.43
CA ASP D 113 5.61 7.61 -10.30
C ASP D 113 6.39 7.30 -9.03
N ALA D 114 7.18 8.24 -8.51
CA ALA D 114 8.20 7.90 -7.53
C ALA D 114 7.82 8.28 -6.10
N THR D 115 6.71 9.03 -5.90
CA THR D 115 6.37 9.57 -4.59
C THR D 115 4.99 9.12 -4.19
N PRO D 116 4.70 9.07 -2.89
CA PRO D 116 3.34 8.77 -2.41
C PRO D 116 2.31 9.78 -2.89
N PHE D 117 2.75 10.99 -3.22
CA PHE D 117 1.84 12.04 -3.68
C PHE D 117 1.10 11.61 -4.95
N HIS D 118 1.80 10.94 -5.87
CA HIS D 118 1.16 10.25 -6.98
C HIS D 118 0.21 11.19 -7.73
N ARG D 119 0.68 12.44 -7.95
CA ARG D 119 -0.10 13.46 -8.66
C ARG D 119 0.82 14.23 -9.60
N ASP D 120 0.25 14.68 -10.73
CA ASP D 120 0.99 15.43 -11.71
C ASP D 120 0.86 16.93 -11.38
N VAL D 121 1.89 17.46 -10.74
CA VAL D 121 1.93 18.82 -10.27
C VAL D 121 1.76 19.81 -11.44
N ILE D 122 2.47 19.57 -12.52
CA ILE D 122 2.41 20.44 -13.68
C ILE D 122 1.00 20.42 -14.26
N GLY D 123 0.38 19.23 -14.35
CA GLY D 123 -0.98 19.06 -14.81
C GLY D 123 -1.97 19.88 -13.97
N GLU D 124 -1.82 19.83 -12.65
CA GLU D 124 -2.71 20.58 -11.78
C GLU D 124 -2.54 22.08 -11.95
N LEU D 125 -1.30 22.55 -12.08
CA LEU D 125 -1.06 23.96 -12.27
C LEU D 125 -1.57 24.42 -13.62
N SER D 126 -1.42 23.58 -14.67
CA SER D 126 -1.94 23.94 -15.99
C SER D 126 -3.45 24.17 -15.92
N LEU D 127 -4.15 23.23 -15.30
CA LEU D 127 -5.60 23.32 -15.20
C LEU D 127 -6.02 24.60 -14.42
N ALA D 128 -5.30 24.89 -13.33
CA ALA D 128 -5.64 26.04 -12.50
C ALA D 128 -5.43 27.36 -13.27
N CYS D 129 -4.33 27.43 -14.01
CA CYS D 129 -4.05 28.61 -14.82
C CYS D 129 -5.13 28.82 -15.88
N ARG D 130 -5.54 27.75 -16.56
CA ARG D 130 -6.51 27.89 -17.59
C ARG D 130 -7.84 28.40 -17.03
N LYS D 131 -8.28 27.85 -15.87
CA LYS D 131 -9.54 28.27 -15.28
C LYS D 131 -9.52 29.75 -14.92
N ALA D 132 -8.38 30.25 -14.46
CA ALA D 132 -8.28 31.60 -13.94
C ALA D 132 -7.85 32.59 -15.01
N GLY D 133 -7.52 32.12 -16.21
CA GLY D 133 -7.10 33.00 -17.30
C GLY D 133 -5.66 33.51 -17.16
N LEU D 134 -4.78 32.76 -16.47
CA LEU D 134 -3.38 33.10 -16.41
C LEU D 134 -2.67 32.33 -17.50
N ARG D 135 -1.71 32.97 -18.16
CA ARG D 135 -0.89 32.25 -19.11
C ARG D 135 0.09 31.39 -18.34
N PHE D 136 0.47 30.27 -18.99
CA PHE D 136 1.21 29.22 -18.32
C PHE D 136 2.54 29.03 -19.03
N GLY D 137 3.61 28.99 -18.24
CA GLY D 137 4.95 28.75 -18.73
C GLY D 137 5.67 27.61 -18.00
N LEU D 138 6.69 27.06 -18.66
CA LEU D 138 7.38 25.89 -18.17
C LEU D 138 8.88 26.13 -18.15
N TYR D 139 9.48 25.85 -17.00
CA TYR D 139 10.92 25.85 -16.79
C TYR D 139 11.44 24.43 -16.99
N TYR D 140 12.56 24.25 -17.71
CA TYR D 140 13.18 22.95 -17.88
C TYR D 140 14.71 23.11 -17.92
N SER D 141 15.44 22.36 -17.08
CA SER D 141 16.90 22.33 -17.11
C SER D 141 17.35 21.44 -18.26
N GLN D 142 17.67 22.06 -19.42
CA GLN D 142 17.97 21.31 -20.62
C GLN D 142 19.42 20.84 -20.64
N ASP D 143 20.29 21.47 -19.85
CA ASP D 143 21.72 21.22 -19.90
C ASP D 143 22.15 20.37 -18.70
N LEU D 144 22.01 20.89 -17.48
CA LEU D 144 22.39 20.16 -16.28
C LEU D 144 21.34 19.10 -15.93
N ASP D 145 21.82 17.91 -15.55
CA ASP D 145 20.94 16.90 -15.00
C ASP D 145 21.77 15.95 -14.15
N TRP D 146 21.70 16.15 -12.83
CA TRP D 146 22.58 15.44 -11.91
C TRP D 146 22.14 13.98 -11.74
N HIS D 147 20.99 13.63 -12.29
CA HIS D 147 20.51 12.26 -12.24
C HIS D 147 21.03 11.44 -13.42
N GLU D 148 21.75 12.08 -14.37
CA GLU D 148 22.14 11.46 -15.61
C GLU D 148 23.66 11.43 -15.72
N PRO D 149 24.26 10.28 -16.03
CA PRO D 149 25.70 10.21 -16.21
C PRO D 149 26.22 11.19 -17.28
N ASP D 150 25.40 11.42 -18.32
CA ASP D 150 25.77 12.32 -19.39
C ASP D 150 25.15 13.71 -19.27
N GLY D 151 24.64 14.05 -18.08
CA GLY D 151 24.16 15.41 -17.86
C GLY D 151 25.28 16.43 -18.07
N GLY D 152 24.87 17.65 -18.43
CA GLY D 152 25.79 18.70 -18.80
C GLY D 152 26.58 19.27 -17.63
N GLY D 153 27.58 20.07 -17.99
CA GLY D 153 28.33 20.88 -17.01
C GLY D 153 29.77 20.43 -16.87
N TYR D 154 30.11 19.27 -17.44
CA TYR D 154 31.41 18.66 -17.23
C TYR D 154 32.54 19.38 -17.98
N LEU D 155 32.20 20.30 -18.90
CA LEU D 155 33.23 21.13 -19.55
C LEU D 155 33.35 22.53 -18.93
N SER D 156 32.66 22.85 -17.85
CA SER D 156 32.45 24.22 -17.38
C SER D 156 32.96 24.48 -15.96
N ASN D 157 33.77 23.54 -15.40
CA ASN D 157 34.00 23.56 -13.96
C ASN D 157 35.04 24.60 -13.54
N ASP D 158 35.58 25.33 -14.51
CA ASP D 158 36.38 26.53 -14.29
C ASP D 158 35.50 27.72 -13.88
N ILE D 159 34.17 27.61 -14.06
CA ILE D 159 33.24 28.70 -13.73
C ILE D 159 32.56 28.36 -12.40
N GLU D 160 32.56 29.33 -11.47
CA GLU D 160 32.05 29.15 -10.12
C GLU D 160 30.54 28.86 -10.15
N THR D 161 30.07 28.04 -9.21
CA THR D 161 28.68 27.63 -9.14
C THR D 161 28.10 27.98 -7.76
N ALA D 162 26.81 27.69 -7.61
CA ALA D 162 26.16 27.74 -6.29
C ALA D 162 26.31 26.40 -5.55
N GLY D 163 27.18 25.51 -6.03
CA GLY D 163 27.40 24.21 -5.41
C GLY D 163 28.86 23.86 -5.43
N THR D 164 29.17 22.69 -6.01
CA THR D 164 30.53 22.31 -6.30
C THR D 164 30.69 22.41 -7.83
N THR D 165 30.44 21.28 -8.50
CA THR D 165 30.55 21.23 -9.96
C THR D 165 29.19 21.50 -10.58
N TRP D 166 29.21 21.86 -11.88
CA TRP D 166 27.98 22.01 -12.65
C TRP D 166 27.30 20.67 -12.87
N ASP D 167 28.10 19.65 -13.10
CA ASP D 167 27.61 18.29 -13.36
C ASP D 167 27.66 17.46 -12.07
N ASN D 168 27.03 16.28 -12.11
CA ASN D 168 27.25 15.30 -11.05
C ASN D 168 28.57 14.60 -11.34
N SER D 169 29.61 15.05 -10.62
CA SER D 169 30.97 14.58 -10.76
C SER D 169 31.36 13.58 -9.67
N TRP D 170 30.41 13.19 -8.81
CA TRP D 170 30.70 12.34 -7.66
C TRP D 170 30.17 10.93 -7.91
N ASP D 171 28.94 10.79 -8.43
CA ASP D 171 28.40 9.49 -8.80
C ASP D 171 28.98 9.02 -10.15
N PHE D 172 29.33 9.99 -11.02
CA PHE D 172 29.71 9.74 -12.40
C PHE D 172 31.08 10.36 -12.66
N THR D 173 32.09 9.52 -12.76
CA THR D 173 33.48 9.98 -12.79
C THR D 173 34.19 9.53 -14.06
N GLY D 174 33.48 8.97 -15.03
CA GLY D 174 34.15 8.49 -16.23
C GLY D 174 33.91 9.42 -17.43
N GLU D 175 34.01 8.83 -18.62
CA GLU D 175 33.76 9.54 -19.86
C GLU D 175 32.28 9.89 -19.95
N LYS D 176 32.03 11.10 -20.46
CA LYS D 176 30.70 11.67 -20.54
C LYS D 176 30.49 12.22 -21.95
N ASN D 177 29.25 12.17 -22.40
CA ASN D 177 28.86 12.68 -23.71
C ASN D 177 27.42 13.16 -23.63
N TYR D 178 27.27 14.47 -23.44
CA TYR D 178 25.98 15.14 -23.32
C TYR D 178 25.01 14.74 -24.45
N ASP D 179 25.55 14.46 -25.64
CA ASP D 179 24.69 14.08 -26.77
C ASP D 179 23.77 12.93 -26.38
N ARG D 180 24.24 11.97 -25.56
CA ARG D 180 23.42 10.82 -25.23
C ARG D 180 22.23 11.22 -24.34
N ALA D 181 22.46 12.07 -23.35
CA ALA D 181 21.39 12.56 -22.47
C ALA D 181 20.43 13.46 -23.26
N PHE D 182 21.02 14.26 -24.16
CA PHE D 182 20.23 15.13 -25.00
C PHE D 182 19.21 14.31 -25.78
N LYS D 183 19.66 13.22 -26.38
CA LYS D 183 18.80 12.40 -27.21
C LYS D 183 17.78 11.60 -26.39
N HIS D 184 18.22 11.04 -25.28
CA HIS D 184 17.42 10.05 -24.57
C HIS D 184 16.52 10.67 -23.51
N LYS D 185 16.93 11.75 -22.86
CA LYS D 185 16.11 12.32 -21.79
C LYS D 185 15.65 13.74 -22.11
N ILE D 186 16.58 14.62 -22.50
CA ILE D 186 16.27 16.04 -22.61
C ILE D 186 15.22 16.27 -23.68
N MET D 187 15.51 15.87 -24.93
CA MET D 187 14.57 16.14 -26.00
C MET D 187 13.24 15.42 -25.74
N PRO D 188 13.23 14.12 -25.39
CA PRO D 188 11.94 13.47 -25.10
C PRO D 188 11.12 14.13 -24.01
N GLN D 189 11.76 14.66 -22.95
CA GLN D 189 11.00 15.29 -21.88
C GLN D 189 10.45 16.64 -22.37
N ILE D 190 11.25 17.39 -23.14
CA ILE D 190 10.77 18.65 -23.67
C ILE D 190 9.54 18.40 -24.54
N GLU D 191 9.58 17.31 -25.31
CA GLU D 191 8.42 16.94 -26.10
C GLU D 191 7.20 16.63 -25.23
N GLU D 192 7.41 15.95 -24.09
CA GLU D 192 6.31 15.66 -23.17
C GLU D 192 5.69 16.95 -22.65
N ILE D 193 6.50 17.85 -22.11
CA ILE D 193 5.94 18.99 -21.39
C ILE D 193 5.29 19.95 -22.40
N MET D 194 5.78 19.98 -23.63
CA MET D 194 5.26 20.88 -24.68
C MET D 194 4.10 20.23 -25.42
N SER D 195 3.78 18.99 -25.09
CA SER D 195 2.63 18.30 -25.68
C SER D 195 1.43 18.13 -24.73
N ASN D 196 1.69 17.93 -23.43
CA ASN D 196 0.70 17.30 -22.58
C ASN D 196 -0.03 18.26 -21.64
N TYR D 197 0.32 19.58 -21.67
CA TYR D 197 -0.21 20.52 -20.66
C TYR D 197 -0.92 21.75 -21.27
N GLY D 198 -1.40 21.61 -22.48
CA GLY D 198 -2.11 22.68 -23.20
C GLY D 198 -1.16 23.76 -23.67
N GLU D 199 -1.73 24.93 -23.94
CA GLU D 199 -0.98 26.01 -24.56
C GLU D 199 0.07 26.54 -23.59
N ILE D 200 1.32 26.61 -24.05
CA ILE D 200 2.43 27.09 -23.27
C ILE D 200 2.89 28.43 -23.83
N SER D 201 2.94 29.46 -22.97
CA SER D 201 3.23 30.82 -23.42
C SER D 201 4.71 31.21 -23.25
N VAL D 202 5.40 30.56 -22.31
CA VAL D 202 6.80 30.83 -22.00
C VAL D 202 7.53 29.50 -21.80
N ALA D 203 8.72 29.38 -22.38
CA ALA D 203 9.64 28.29 -22.11
C ALA D 203 10.90 28.88 -21.50
N TRP D 204 11.20 28.43 -20.28
CA TRP D 204 12.30 28.96 -19.48
C TRP D 204 13.37 27.88 -19.38
N PHE D 205 14.41 28.03 -20.21
CA PHE D 205 15.58 27.17 -20.17
C PHE D 205 16.64 27.79 -19.27
N ASN D 206 17.77 27.09 -19.05
CA ASN D 206 18.69 27.59 -18.04
C ASN D 206 20.10 27.09 -18.27
N VAL D 207 21.07 27.90 -17.81
CA VAL D 207 22.49 27.58 -17.69
C VAL D 207 22.98 26.69 -18.84
N PRO D 208 23.10 27.26 -20.06
CA PRO D 208 23.48 26.50 -21.25
C PRO D 208 25.00 26.27 -21.29
N MET D 209 25.47 25.42 -20.36
CA MET D 209 26.89 25.25 -20.12
C MET D 209 27.56 24.34 -21.16
N THR D 210 26.79 23.51 -21.88
CA THR D 210 27.34 22.39 -22.64
C THR D 210 26.74 22.29 -24.05
N LEU D 211 25.44 22.53 -24.22
CA LEU D 211 24.79 22.12 -25.47
C LEU D 211 25.28 22.98 -26.63
N SER D 212 25.36 22.34 -27.81
CA SER D 212 25.85 22.97 -29.04
C SER D 212 24.78 23.90 -29.61
N ASP D 213 25.23 24.73 -30.56
CA ASP D 213 24.33 25.56 -31.35
C ASP D 213 23.20 24.72 -31.97
N GLU D 214 23.56 23.58 -32.54
CA GLU D 214 22.60 22.70 -33.20
C GLU D 214 21.60 22.15 -32.19
N GLN D 215 22.07 21.79 -30.98
CA GLN D 215 21.20 21.29 -29.96
C GLN D 215 20.23 22.37 -29.47
N SER D 216 20.74 23.61 -29.28
CA SER D 216 19.86 24.71 -28.94
C SER D 216 18.79 24.88 -30.03
N GLN D 217 19.22 24.81 -31.30
CA GLN D 217 18.29 24.99 -32.40
C GLN D 217 17.25 23.88 -32.44
N THR D 218 17.67 22.65 -32.19
CA THR D 218 16.77 21.49 -32.17
C THR D 218 15.68 21.69 -31.12
N ILE D 219 16.07 22.16 -29.94
CA ILE D 219 15.08 22.45 -28.90
C ILE D 219 14.16 23.56 -29.38
N TYR D 220 14.73 24.65 -29.85
CA TYR D 220 13.92 25.78 -30.29
C TYR D 220 12.88 25.31 -31.30
N ASP D 221 13.31 24.56 -32.31
CA ASP D 221 12.41 24.11 -33.36
C ASP D 221 11.32 23.18 -32.81
N THR D 222 11.68 22.31 -31.87
CA THR D 222 10.73 21.38 -31.30
C THR D 222 9.69 22.13 -30.48
N VAL D 223 10.12 23.10 -29.67
CA VAL D 223 9.19 23.88 -28.90
C VAL D 223 8.19 24.59 -29.84
N LYS D 224 8.71 25.21 -30.90
CA LYS D 224 7.84 25.96 -31.79
C LYS D 224 6.90 25.04 -32.56
N ARG D 225 7.37 23.85 -32.89
CA ARG D 225 6.53 22.91 -33.61
C ARG D 225 5.32 22.54 -32.73
N LEU D 226 5.56 22.26 -31.45
CA LEU D 226 4.51 21.81 -30.55
C LEU D 226 3.70 22.99 -29.99
N GLN D 227 4.35 24.16 -29.88
CA GLN D 227 3.79 25.34 -29.21
C GLN D 227 4.15 26.57 -30.01
N PRO D 228 3.44 26.82 -31.13
CA PRO D 228 3.87 27.87 -32.08
C PRO D 228 3.97 29.26 -31.50
N ASP D 229 3.23 29.56 -30.42
CA ASP D 229 3.18 30.90 -29.87
C ASP D 229 4.02 31.02 -28.60
N CYS D 230 4.72 29.94 -28.22
CA CYS D 230 5.50 29.96 -26.98
C CYS D 230 6.76 30.82 -27.15
N LEU D 231 7.01 31.73 -26.20
CA LEU D 231 8.22 32.56 -26.22
C LEU D 231 9.34 31.88 -25.44
N ILE D 232 10.52 31.76 -26.04
CA ILE D 232 11.63 31.03 -25.45
C ILE D 232 12.67 32.02 -24.92
N ASN D 233 13.19 31.78 -23.72
CA ASN D 233 14.14 32.72 -23.15
C ASN D 233 15.58 32.44 -23.63
N SER D 234 16.47 33.40 -23.39
CA SER D 234 17.82 33.41 -23.92
C SER D 234 18.73 32.35 -23.32
N ARG D 235 18.35 31.77 -22.18
CA ARG D 235 19.18 30.75 -21.55
C ARG D 235 19.03 29.38 -22.22
N LEU D 236 18.24 29.29 -23.29
CA LEU D 236 18.35 28.12 -24.17
C LEU D 236 19.76 28.05 -24.77
N GLY D 237 20.38 29.20 -24.91
CA GLY D 237 21.77 29.28 -25.30
C GLY D 237 21.92 29.53 -26.81
N ASN D 238 23.14 29.96 -27.17
CA ASN D 238 23.59 29.96 -28.55
C ASN D 238 22.75 30.88 -29.44
N GLY D 239 22.07 31.89 -28.82
CA GLY D 239 21.33 32.86 -29.60
C GLY D 239 19.97 32.36 -30.08
N ARG D 240 19.52 31.19 -29.59
CA ARG D 240 18.25 30.63 -30.06
C ARG D 240 17.13 30.99 -29.09
N TYR D 241 16.51 32.16 -29.27
CA TYR D 241 15.56 32.66 -28.29
C TYR D 241 14.67 33.74 -28.87
N ASP D 242 13.56 34.01 -28.15
CA ASP D 242 12.60 35.05 -28.51
C ASP D 242 12.69 36.23 -27.55
N TYR D 243 13.15 36.00 -26.31
CA TYR D 243 13.28 37.11 -25.36
C TYR D 243 14.50 36.90 -24.49
N VAL D 244 14.98 38.04 -23.94
CA VAL D 244 16.20 38.02 -23.15
C VAL D 244 15.86 37.89 -21.67
N SER D 245 16.44 36.86 -21.04
CA SER D 245 16.49 36.74 -19.59
C SER D 245 17.72 37.49 -19.10
N LEU D 246 17.55 38.43 -18.17
CA LEU D 246 18.71 38.99 -17.49
C LEU D 246 19.29 37.98 -16.48
N GLY D 247 20.32 38.43 -15.72
CA GLY D 247 20.86 37.61 -14.64
C GLY D 247 19.87 37.33 -13.52
N ASP D 248 20.19 36.32 -12.70
CA ASP D 248 19.41 36.04 -11.50
C ASP D 248 19.33 37.32 -10.66
N ASN D 249 18.11 37.78 -10.34
CA ASN D 249 17.94 38.95 -9.48
C ASN D 249 18.65 40.18 -10.05
N GLU D 250 18.78 40.26 -11.39
CA GLU D 250 19.52 41.39 -11.94
C GLU D 250 18.57 42.56 -12.19
N ILE D 251 18.76 43.62 -11.40
CA ILE D 251 18.02 44.85 -11.56
C ILE D 251 18.93 45.84 -12.27
N PRO D 252 18.83 46.00 -13.59
CA PRO D 252 19.84 46.76 -14.34
C PRO D 252 19.83 48.25 -14.01
N GLU D 253 21.02 48.83 -14.02
CA GLU D 253 21.15 50.26 -13.84
C GLU D 253 20.62 50.99 -15.07
N ASP D 254 20.18 52.23 -14.82
CA ASP D 254 19.55 53.06 -15.84
C ASP D 254 20.36 53.09 -17.13
N SER D 255 21.69 53.27 -17.10
CA SER D 255 22.44 53.41 -18.35
C SER D 255 22.26 52.20 -19.27
N ASP D 256 22.45 50.99 -18.69
CA ASP D 256 22.31 49.76 -19.43
C ASP D 256 20.86 49.51 -19.82
N ALA D 257 19.91 49.81 -18.92
CA ALA D 257 18.52 49.49 -19.20
C ALA D 257 17.96 50.40 -20.28
N SER D 258 18.46 51.63 -20.35
CA SER D 258 18.02 52.57 -21.39
C SER D 258 18.46 52.08 -22.77
N ASP D 259 19.68 51.58 -22.86
CA ASP D 259 20.30 51.13 -24.10
C ASP D 259 19.91 49.70 -24.48
N LYS D 260 19.61 48.86 -23.48
CA LYS D 260 19.52 47.40 -23.63
C LYS D 260 20.74 46.87 -24.38
N VAL D 267 29.43 39.73 -27.17
CA VAL D 267 28.27 38.99 -26.55
C VAL D 267 28.59 37.50 -26.43
N ASP D 268 28.50 37.00 -25.20
CA ASP D 268 28.55 35.58 -24.96
C ASP D 268 27.11 35.09 -24.81
N TYR D 269 26.60 34.41 -25.85
CA TYR D 269 25.22 33.94 -25.83
C TYR D 269 24.94 32.91 -24.74
N ASN D 270 25.98 32.31 -24.17
CA ASN D 270 25.80 31.29 -23.14
C ASN D 270 26.09 31.83 -21.74
N SER D 271 26.42 33.12 -21.61
CA SER D 271 26.50 33.76 -20.29
C SER D 271 25.08 34.03 -19.81
N ILE D 272 24.88 34.16 -18.49
CA ILE D 272 23.53 34.37 -18.00
C ILE D 272 23.34 35.79 -17.43
N GLU D 273 24.39 36.61 -17.42
CA GLU D 273 24.31 37.98 -16.90
C GLU D 273 24.24 39.02 -18.03
N GLY D 274 23.53 40.12 -17.78
CA GLY D 274 23.58 41.30 -18.62
C GLY D 274 22.61 41.20 -19.80
N PHE D 275 22.58 42.25 -20.61
CA PHE D 275 21.73 42.29 -21.80
C PHE D 275 22.34 41.47 -22.94
N LYS D 276 21.45 41.12 -23.88
CA LYS D 276 21.75 40.51 -25.15
C LYS D 276 20.82 41.18 -26.17
N PRO D 277 21.10 41.08 -27.49
CA PRO D 277 20.17 41.61 -28.48
C PRO D 277 18.78 40.99 -28.36
N SER D 278 17.74 41.79 -28.59
CA SER D 278 16.38 41.28 -28.62
C SER D 278 15.61 41.89 -29.77
N LYS D 279 15.50 41.12 -30.86
CA LYS D 279 14.84 41.55 -32.08
C LYS D 279 13.42 42.02 -31.76
N LEU D 280 12.73 41.33 -30.83
CA LEU D 280 11.34 41.61 -30.56
C LEU D 280 11.17 42.67 -29.45
N GLY D 281 12.29 43.10 -28.83
CA GLY D 281 12.24 44.06 -27.75
C GLY D 281 11.61 43.49 -26.47
N LEU D 282 11.87 42.21 -26.18
CA LEU D 282 11.30 41.54 -25.03
C LEU D 282 12.39 41.17 -24.04
N TYR D 283 12.10 41.49 -22.77
CA TYR D 283 13.05 41.28 -21.69
C TYR D 283 12.34 40.87 -20.42
N GLU D 284 13.06 40.12 -19.58
CA GLU D 284 12.55 39.67 -18.29
C GLU D 284 13.70 39.47 -17.32
N THR D 285 13.49 39.96 -16.09
CA THR D 285 14.32 39.60 -14.96
C THR D 285 13.52 38.66 -14.07
N ALA D 286 14.11 37.49 -13.83
CA ALA D 286 13.61 36.57 -12.82
C ALA D 286 14.35 36.86 -11.52
N GLY D 287 13.57 36.95 -10.43
CA GLY D 287 14.10 37.25 -9.12
C GLY D 287 13.40 36.40 -8.03
N THR D 288 13.97 36.50 -6.84
CA THR D 288 13.53 35.78 -5.66
C THR D 288 13.09 36.78 -4.60
N ILE D 289 12.20 36.34 -3.70
CA ILE D 289 11.75 37.20 -2.60
C ILE D 289 12.79 37.18 -1.48
N ASN D 290 13.25 35.99 -1.08
CA ASN D 290 14.46 35.90 -0.27
C ASN D 290 15.64 35.69 -1.25
N ASP D 291 16.67 34.96 -0.84
CA ASP D 291 17.89 34.86 -1.61
C ASP D 291 18.05 33.50 -2.31
N SER D 292 17.06 32.61 -2.17
CA SER D 292 17.10 31.27 -2.72
C SER D 292 15.99 31.12 -3.74
N TRP D 293 16.14 30.19 -4.69
CA TRP D 293 15.04 29.83 -5.58
C TRP D 293 14.18 28.75 -4.94
N GLY D 294 14.80 27.64 -4.55
CA GLY D 294 14.13 26.67 -3.72
C GLY D 294 13.91 27.17 -2.30
N PHE D 295 12.90 26.59 -1.64
CA PHE D 295 12.63 26.85 -0.24
C PHE D 295 13.87 26.61 0.61
N ALA D 296 14.12 27.55 1.52
CA ALA D 296 15.31 27.50 2.36
C ALA D 296 14.91 27.93 3.79
N TYR D 297 14.86 26.92 4.69
N TYR D 297 14.73 27.08 4.77
CA TYR D 297 14.40 27.08 6.07
CA TYR D 297 14.08 27.74 5.90
C TYR D 297 15.08 28.29 6.72
C TYR D 297 15.04 28.59 6.71
N HIS D 298 16.38 28.40 6.58
CA HIS D 298 17.18 29.35 7.34
C HIS D 298 17.40 30.68 6.62
N ASP D 299 16.79 30.92 5.46
CA ASP D 299 16.85 32.20 4.79
C ASP D 299 15.58 33.00 5.07
N GLN D 300 15.67 33.95 6.00
CA GLN D 300 14.54 34.83 6.33
C GLN D 300 14.79 36.24 5.81
N ASN D 301 15.68 36.36 4.82
CA ASN D 301 16.00 37.66 4.28
C ASN D 301 14.99 38.04 3.17
N TRP D 302 13.72 38.15 3.56
CA TRP D 302 12.62 38.45 2.64
C TRP D 302 12.69 39.93 2.28
N LYS D 303 12.66 40.20 0.98
CA LYS D 303 12.49 41.56 0.49
C LYS D 303 11.16 42.12 0.99
N SER D 304 11.19 43.39 1.32
CA SER D 304 10.01 44.09 1.82
C SER D 304 9.02 44.34 0.68
N PRO D 305 7.74 44.59 1.00
CA PRO D 305 6.78 45.06 0.01
C PRO D 305 7.31 46.24 -0.82
N GLN D 306 7.95 47.21 -0.16
CA GLN D 306 8.42 48.39 -0.85
C GLN D 306 9.52 48.01 -1.86
N THR D 307 10.43 47.12 -1.48
CA THR D 307 11.50 46.70 -2.37
C THR D 307 10.91 46.01 -3.61
N ILE D 308 9.94 45.11 -3.40
CA ILE D 308 9.32 44.40 -4.50
C ILE D 308 8.62 45.40 -5.43
N HIS D 309 7.85 46.30 -4.83
CA HIS D 309 7.15 47.31 -5.59
C HIS D 309 8.13 48.14 -6.43
N ASP D 310 9.25 48.53 -5.81
CA ASP D 310 10.20 49.41 -6.48
C ASP D 310 10.96 48.65 -7.57
N TYR D 311 11.33 47.40 -7.31
CA TYR D 311 11.97 46.59 -8.35
C TYR D 311 11.03 46.44 -9.54
N LYS D 312 9.76 46.14 -9.27
CA LYS D 312 8.80 45.96 -10.34
C LYS D 312 8.67 47.24 -11.17
N ALA D 313 8.54 48.38 -10.49
CA ALA D 313 8.34 49.65 -11.18
C ALA D 313 9.57 49.99 -12.05
N HIS D 314 10.75 49.76 -11.49
CA HIS D 314 12.01 50.02 -12.17
C HIS D 314 12.15 49.15 -13.41
N LEU D 315 11.89 47.86 -13.30
CA LEU D 315 11.99 46.97 -14.44
C LEU D 315 10.98 47.39 -15.50
N ASN D 316 9.75 47.59 -15.07
CA ASN D 316 8.66 47.83 -16.01
C ASN D 316 8.85 49.14 -16.78
N LYS D 317 9.46 50.16 -16.16
CA LYS D 317 9.61 51.43 -16.83
C LYS D 317 10.58 51.28 -18.02
N TYR D 318 11.41 50.24 -18.05
CA TYR D 318 12.29 49.99 -19.19
C TYR D 318 11.75 48.92 -20.13
N GLY D 319 10.48 48.53 -19.98
CA GLY D 319 9.89 47.45 -20.75
C GLY D 319 10.52 46.09 -20.41
N ILE D 320 10.87 45.90 -19.13
CA ILE D 320 11.35 44.60 -18.66
C ILE D 320 10.31 43.99 -17.72
N ASN D 321 9.94 42.75 -17.99
CA ASN D 321 9.02 42.01 -17.13
C ASN D 321 9.75 41.53 -15.87
N TYR D 322 8.98 41.41 -14.79
CA TYR D 322 9.47 40.94 -13.50
C TYR D 322 8.80 39.60 -13.20
N LEU D 323 9.61 38.55 -13.20
CA LEU D 323 9.14 37.20 -12.92
C LEU D 323 9.63 36.85 -11.51
N LEU D 324 8.70 36.90 -10.55
CA LEU D 324 9.09 36.83 -9.14
C LEU D 324 8.76 35.44 -8.61
N ASN D 325 9.78 34.79 -8.08
CA ASN D 325 9.72 33.40 -7.71
C ASN D 325 9.21 33.16 -6.28
N VAL D 326 8.46 32.06 -6.16
CA VAL D 326 8.08 31.47 -4.88
C VAL D 326 8.68 30.06 -4.83
N GLY D 327 9.38 29.77 -3.75
CA GLY D 327 9.91 28.46 -3.52
C GLY D 327 9.00 27.73 -2.52
N LEU D 328 8.14 26.84 -3.02
CA LEU D 328 7.16 26.19 -2.17
C LEU D 328 7.89 25.29 -1.17
N ASP D 329 7.30 25.16 0.04
CA ASP D 329 7.89 24.29 1.06
C ASP D 329 7.54 22.84 0.77
N GLY D 330 8.02 21.95 1.65
CA GLY D 330 7.84 20.53 1.47
C GLY D 330 6.41 20.06 1.58
N LEU D 331 5.54 20.89 2.16
CA LEU D 331 4.12 20.57 2.22
C LEU D 331 3.33 21.18 1.05
N GLY D 332 4.02 21.89 0.15
CA GLY D 332 3.40 22.49 -1.02
C GLY D 332 2.84 23.89 -0.79
N ARG D 333 3.34 24.55 0.28
CA ARG D 333 2.81 25.85 0.68
C ARG D 333 3.68 26.99 0.19
N VAL D 334 3.03 28.11 -0.09
CA VAL D 334 3.73 29.38 -0.16
C VAL D 334 4.13 29.77 1.26
N PRO D 335 5.43 30.01 1.56
CA PRO D 335 5.80 30.46 2.89
C PRO D 335 5.00 31.69 3.24
N MET D 336 4.59 31.78 4.50
N MET D 336 4.60 31.79 4.50
CA MET D 336 3.77 32.89 4.95
CA MET D 336 3.77 32.90 4.91
C MET D 336 4.47 34.22 4.61
C MET D 336 4.46 34.23 4.62
N ALA D 337 5.78 34.33 4.87
CA ALA D 337 6.47 35.61 4.68
C ALA D 337 6.48 35.99 3.18
N ALA D 338 6.51 34.99 2.31
CA ALA D 338 6.49 35.24 0.87
C ALA D 338 5.11 35.78 0.48
N GLU D 339 4.06 35.11 0.95
CA GLU D 339 2.70 35.54 0.66
C GLU D 339 2.47 36.97 1.16
N GLN D 340 2.93 37.25 2.38
CA GLN D 340 2.71 38.58 2.95
C GLN D 340 3.51 39.64 2.17
N ALA D 341 4.72 39.28 1.71
CA ALA D 341 5.51 40.21 0.89
C ALA D 341 4.75 40.56 -0.40
N LEU D 342 4.21 39.56 -1.06
CA LEU D 342 3.54 39.73 -2.34
C LEU D 342 2.28 40.55 -2.16
N LEU D 343 1.45 40.20 -1.17
CA LEU D 343 0.22 40.93 -0.94
C LEU D 343 0.53 42.36 -0.50
N GLY D 344 1.58 42.53 0.30
CA GLY D 344 2.03 43.86 0.70
C GLY D 344 2.44 44.73 -0.50
N ALA D 345 3.17 44.12 -1.45
CA ALA D 345 3.58 44.85 -2.64
C ALA D 345 2.34 45.27 -3.44
N ARG D 346 1.37 44.36 -3.55
CA ARG D 346 0.15 44.65 -4.27
C ARG D 346 -0.59 45.82 -3.63
N ALA D 347 -0.58 45.89 -2.28
CA ALA D 347 -1.27 46.97 -1.58
C ALA D 347 -0.63 48.33 -1.89
N LEU D 348 0.62 48.37 -2.33
CA LEU D 348 1.30 49.63 -2.63
C LEU D 348 0.97 50.13 -4.04
N GLU D 349 0.20 49.38 -4.82
CA GLU D 349 -0.24 49.88 -6.13
C GLU D 349 -1.55 50.61 -5.96
N ALA D 350 -1.73 51.72 -6.70
CA ALA D 350 -2.85 52.60 -6.41
C ALA D 350 -4.04 52.11 -7.22
N GLY E 1 -32.26 14.71 38.63
CA GLY E 1 -31.23 15.34 37.75
C GLY E 1 -29.92 15.76 38.48
N LEU E 2 -29.27 14.81 39.15
CA LEU E 2 -28.04 15.01 39.92
C LEU E 2 -27.03 14.03 39.34
N VAL E 3 -26.21 14.51 38.42
CA VAL E 3 -25.28 13.65 37.68
C VAL E 3 -23.97 14.41 37.52
N PRO E 4 -22.87 13.71 37.19
CA PRO E 4 -21.61 14.38 36.89
C PRO E 4 -21.79 15.17 35.61
N ARG E 5 -21.05 16.27 35.54
CA ARG E 5 -20.94 17.03 34.29
C ARG E 5 -20.64 16.08 33.15
N GLY E 6 -21.34 16.29 32.00
CA GLY E 6 -21.18 15.48 30.84
C GLY E 6 -22.20 14.34 30.72
N SER E 7 -22.92 14.05 31.79
CA SER E 7 -23.96 13.01 31.79
C SER E 7 -25.35 13.63 31.58
N HIS E 8 -26.32 12.81 31.17
CA HIS E 8 -27.72 13.27 31.08
C HIS E 8 -28.39 13.40 32.43
N MET E 9 -29.04 14.56 32.66
CA MET E 9 -29.68 14.84 33.94
C MET E 9 -30.88 13.94 34.09
N SER E 10 -31.57 13.57 33.01
CA SER E 10 -32.72 12.68 33.14
C SER E 10 -32.26 11.24 33.36
N ASP E 11 -32.89 10.56 34.31
CA ASP E 11 -32.55 9.17 34.62
C ASP E 11 -32.97 8.35 33.40
N THR E 12 -32.20 7.29 33.10
CA THR E 12 -32.33 6.59 31.84
C THR E 12 -33.72 5.97 31.75
N VAL E 13 -34.30 5.50 32.86
CA VAL E 13 -35.61 4.89 32.86
C VAL E 13 -36.69 5.89 32.44
N GLU E 14 -36.74 7.06 33.10
CA GLU E 14 -37.75 8.05 32.77
C GLU E 14 -37.52 8.58 31.35
N TRP E 15 -36.25 8.72 30.96
CA TRP E 15 -35.93 9.14 29.61
C TRP E 15 -36.46 8.13 28.59
N PHE E 16 -36.19 6.85 28.79
CA PHE E 16 -36.53 5.87 27.77
C PHE E 16 -38.05 5.74 27.62
N LYS E 17 -38.76 5.89 28.72
CA LYS E 17 -40.23 5.83 28.71
C LYS E 17 -40.80 6.89 27.77
N GLN E 18 -40.19 8.07 27.67
CA GLN E 18 -40.72 9.13 26.82
C GLN E 18 -39.91 9.30 25.52
N ALA E 19 -38.91 8.44 25.26
CA ALA E 19 -37.99 8.68 24.16
C ALA E 19 -38.66 8.59 22.80
N LYS E 20 -39.60 7.66 22.68
CA LYS E 20 -40.50 7.45 21.57
C LYS E 20 -39.86 6.93 20.30
N TYR E 21 -38.70 7.42 19.91
CA TYR E 21 -38.21 7.25 18.55
C TYR E 21 -36.70 7.29 18.55
N GLY E 22 -36.10 6.26 17.96
CA GLY E 22 -34.65 6.15 17.82
C GLY E 22 -34.27 5.64 16.44
N MET E 23 -33.00 5.82 16.10
CA MET E 23 -32.48 5.30 14.84
C MET E 23 -31.61 4.09 15.19
N MET E 24 -31.78 3.02 14.41
CA MET E 24 -30.84 1.90 14.47
C MET E 24 -29.99 1.91 13.21
N ILE E 25 -28.75 1.46 13.32
CA ILE E 25 -27.85 1.32 12.18
C ILE E 25 -27.31 -0.11 12.12
N HIS E 26 -27.51 -0.76 10.97
CA HIS E 26 -26.86 -2.02 10.63
C HIS E 26 -25.86 -1.72 9.52
N TRP E 27 -24.60 -2.07 9.76
CA TRP E 27 -23.57 -1.83 8.79
C TRP E 27 -22.45 -2.82 9.04
N GLY E 28 -21.97 -3.44 7.97
CA GLY E 28 -20.87 -4.38 8.07
C GLY E 28 -20.45 -4.88 6.68
N LEU E 29 -19.64 -5.94 6.66
CA LEU E 29 -19.20 -6.51 5.41
C LEU E 29 -20.39 -6.98 4.56
N TYR E 30 -21.46 -7.44 5.21
CA TYR E 30 -22.66 -7.87 4.50
C TYR E 30 -23.26 -6.76 3.64
N SER E 31 -23.02 -5.50 4.03
CA SER E 31 -23.56 -4.36 3.32
C SER E 31 -22.96 -4.24 1.92
N LEU E 32 -21.69 -4.67 1.75
CA LEU E 32 -21.08 -4.69 0.42
C LEU E 32 -21.80 -5.65 -0.53
N LEU E 33 -22.13 -6.84 -0.05
CA LEU E 33 -22.82 -7.85 -0.85
C LEU E 33 -24.24 -7.40 -1.18
N GLY E 34 -24.88 -6.72 -0.22
CA GLY E 34 -26.17 -6.10 -0.52
C GLY E 34 -27.23 -7.12 -0.91
N GLY E 35 -27.19 -8.29 -0.30
CA GLY E 35 -28.27 -9.27 -0.46
C GLY E 35 -28.03 -10.24 -1.64
N GLU E 36 -26.85 -10.22 -2.24
CA GLU E 36 -26.52 -11.14 -3.32
C GLU E 36 -25.08 -11.65 -3.14
N TYR E 37 -24.87 -12.88 -3.59
CA TYR E 37 -23.52 -13.45 -3.61
C TYR E 37 -23.47 -14.57 -4.64
N GLN E 38 -22.51 -14.49 -5.56
CA GLN E 38 -22.32 -15.50 -6.61
C GLN E 38 -23.64 -15.81 -7.31
N GLY E 39 -24.41 -14.76 -7.60
CA GLY E 39 -25.60 -14.94 -8.41
C GLY E 39 -26.81 -15.50 -7.63
N LYS E 40 -26.69 -15.60 -6.30
CA LYS E 40 -27.76 -16.10 -5.46
C LYS E 40 -28.17 -15.07 -4.44
N SER E 41 -29.43 -15.21 -4.00
CA SER E 41 -30.05 -14.20 -3.13
C SER E 41 -29.91 -14.57 -1.64
N SER E 42 -29.75 -13.55 -0.80
CA SER E 42 -30.05 -13.66 0.60
C SER E 42 -31.55 -13.91 0.78
N SER E 43 -31.97 -14.16 2.03
CA SER E 43 -33.39 -14.04 2.36
C SER E 43 -33.77 -12.53 2.42
N ASN E 44 -34.96 -12.22 2.95
CA ASN E 44 -35.26 -10.82 3.21
C ASN E 44 -34.22 -10.13 4.11
N TYR E 45 -33.48 -10.90 4.91
CA TYR E 45 -32.44 -10.34 5.77
C TYR E 45 -31.08 -10.46 5.08
N ALA E 46 -30.65 -9.35 4.44
CA ALA E 46 -29.40 -9.38 3.70
C ALA E 46 -28.20 -9.58 4.62
N GLU E 47 -28.33 -9.15 5.89
CA GLU E 47 -27.23 -9.33 6.83
C GLU E 47 -27.02 -10.79 7.22
N TRP E 48 -27.95 -11.68 6.88
CA TRP E 48 -27.87 -13.10 7.14
C TRP E 48 -27.24 -13.87 5.96
N VAL E 49 -26.71 -13.16 4.95
CA VAL E 49 -26.33 -13.82 3.72
C VAL E 49 -25.26 -14.87 3.97
N GLN E 50 -24.32 -14.62 4.90
CA GLN E 50 -23.26 -15.61 5.12
C GLN E 50 -23.85 -16.99 5.48
N SER E 51 -24.85 -17.00 6.34
CA SER E 51 -25.54 -18.23 6.71
C SER E 51 -26.41 -18.75 5.56
N LYS E 52 -27.20 -17.88 4.94
CA LYS E 52 -28.11 -18.29 3.88
C LYS E 52 -27.39 -19.09 2.79
N LEU E 53 -26.20 -18.63 2.43
CA LEU E 53 -25.45 -19.18 1.30
C LEU E 53 -24.20 -19.92 1.79
N GLN E 54 -24.08 -20.11 3.11
CA GLN E 54 -22.99 -20.87 3.70
C GLN E 54 -21.63 -20.42 3.14
N ILE E 55 -21.39 -19.14 3.21
CA ILE E 55 -20.17 -18.58 2.65
C ILE E 55 -19.02 -18.92 3.57
N PRO E 56 -17.97 -19.63 3.10
CA PRO E 56 -16.83 -19.96 3.96
C PRO E 56 -16.17 -18.68 4.44
N ASN E 57 -15.70 -18.67 5.70
CA ASN E 57 -15.03 -17.53 6.26
C ASN E 57 -13.89 -17.05 5.35
N LYS E 58 -13.12 -17.98 4.77
CA LYS E 58 -12.00 -17.58 3.92
C LYS E 58 -12.51 -16.73 2.74
N GLU E 59 -13.67 -17.06 2.20
CA GLU E 59 -14.25 -16.27 1.12
C GLU E 59 -14.83 -14.97 1.64
N TYR E 60 -15.62 -15.05 2.72
CA TYR E 60 -16.30 -13.87 3.24
C TYR E 60 -15.31 -12.79 3.66
N GLU E 61 -14.18 -13.22 4.22
CA GLU E 61 -13.17 -12.28 4.70
C GLU E 61 -12.60 -11.43 3.56
N ARG E 62 -12.65 -11.91 2.32
CA ARG E 62 -12.17 -11.12 1.18
C ARG E 62 -12.89 -9.77 1.09
N LEU E 63 -14.13 -9.66 1.62
CA LEU E 63 -14.88 -8.42 1.61
C LEU E 63 -14.13 -7.30 2.31
N THR E 64 -13.28 -7.65 3.27
CA THR E 64 -12.56 -6.61 4.01
C THR E 64 -11.80 -5.71 3.03
N GLN E 65 -11.25 -6.27 1.95
CA GLN E 65 -10.38 -5.49 1.08
C GLN E 65 -11.20 -4.56 0.18
N ALA E 66 -12.51 -4.78 0.08
CA ALA E 66 -13.39 -3.92 -0.70
C ALA E 66 -14.08 -2.87 0.17
N PHE E 67 -13.78 -2.83 1.46
CA PHE E 67 -14.46 -1.96 2.40
C PHE E 67 -13.65 -0.68 2.54
N ASN E 68 -14.03 0.32 1.74
CA ASN E 68 -13.47 1.64 1.83
C ASN E 68 -14.58 2.67 1.58
N PRO E 69 -15.49 2.82 2.56
CA PRO E 69 -16.69 3.66 2.38
C PRO E 69 -16.40 5.15 2.48
N ILE E 70 -15.98 5.71 1.36
CA ILE E 70 -15.53 7.08 1.27
C ILE E 70 -16.61 8.09 1.59
N TYR E 71 -17.89 7.72 1.62
CA TYR E 71 -18.97 8.64 1.87
C TYR E 71 -19.51 8.55 3.30
N PHE E 72 -18.97 7.64 4.13
CA PHE E 72 -19.40 7.58 5.53
C PHE E 72 -19.14 8.89 6.22
N ASP E 73 -20.18 9.43 6.89
CA ASP E 73 -20.05 10.67 7.63
C ASP E 73 -20.94 10.56 8.89
N ALA E 74 -20.30 10.30 10.03
CA ALA E 74 -21.02 10.08 11.28
C ALA E 74 -21.84 11.32 11.64
N ASP E 75 -21.27 12.52 11.44
CA ASP E 75 -22.00 13.72 11.80
C ASP E 75 -23.27 13.84 10.96
N ALA E 76 -23.19 13.46 9.67
CA ALA E 76 -24.37 13.58 8.80
C ALA E 76 -25.44 12.58 9.21
N ILE E 77 -25.06 11.37 9.62
CA ILE E 77 -26.03 10.39 10.07
C ILE E 77 -26.74 10.87 11.33
N ILE E 78 -25.95 11.35 12.31
CA ILE E 78 -26.52 11.92 13.53
C ILE E 78 -27.43 13.08 13.23
N ASP E 79 -27.02 13.95 12.28
CA ASP E 79 -27.86 15.08 11.94
C ASP E 79 -29.21 14.63 11.42
N LEU E 80 -29.21 13.57 10.57
CA LEU E 80 -30.48 13.07 10.05
C LEU E 80 -31.37 12.55 11.19
N ALA E 81 -30.79 11.78 12.10
CA ALA E 81 -31.54 11.28 13.24
C ALA E 81 -32.14 12.45 14.04
N LYS E 82 -31.32 13.45 14.32
CA LYS E 82 -31.74 14.55 15.16
C LYS E 82 -32.84 15.35 14.48
N ARG E 83 -32.71 15.61 13.17
CA ARG E 83 -33.72 16.43 12.52
C ARG E 83 -35.03 15.65 12.43
N CYS E 84 -35.00 14.32 12.48
CA CYS E 84 -36.22 13.54 12.48
C CYS E 84 -36.84 13.38 13.87
N GLY E 85 -36.22 13.95 14.91
CA GLY E 85 -36.75 13.88 16.26
C GLY E 85 -36.42 12.56 16.94
N MET E 86 -35.45 11.79 16.41
CA MET E 86 -35.00 10.58 17.05
C MET E 86 -34.11 10.97 18.24
N GLN E 87 -34.25 10.27 19.38
CA GLN E 87 -33.64 10.72 20.60
C GLN E 87 -32.44 9.86 20.98
N TYR E 88 -32.23 8.80 20.21
CA TYR E 88 -31.13 7.88 20.44
C TYR E 88 -30.79 7.16 19.15
N LEU E 89 -29.58 6.62 19.14
CA LEU E 89 -29.06 5.89 17.99
C LEU E 89 -28.37 4.64 18.54
N VAL E 90 -28.72 3.51 17.95
CA VAL E 90 -28.22 2.20 18.36
C VAL E 90 -27.54 1.60 17.14
N VAL E 91 -26.26 1.20 17.28
CA VAL E 91 -25.50 0.78 16.11
C VAL E 91 -24.88 -0.59 16.34
N THR E 92 -24.85 -1.40 15.28
CA THR E 92 -24.20 -2.70 15.28
C THR E 92 -22.69 -2.57 15.51
N THR E 93 -22.22 -2.98 16.69
CA THR E 93 -20.80 -3.10 16.95
C THR E 93 -20.24 -4.40 16.40
N LYS E 94 -21.07 -5.43 16.34
CA LYS E 94 -20.71 -6.73 15.81
C LYS E 94 -22.02 -7.48 15.59
N HIS E 95 -22.29 -7.92 14.34
CA HIS E 95 -23.48 -8.70 14.06
C HIS E 95 -23.10 -10.19 14.02
N HIS E 96 -23.99 -11.04 13.50
CA HIS E 96 -23.83 -12.48 13.62
C HIS E 96 -22.57 -12.98 12.92
N ASP E 97 -22.11 -12.29 11.89
CA ASP E 97 -20.95 -12.73 11.12
C ASP E 97 -19.67 -12.55 11.96
N GLY E 98 -19.75 -11.83 13.10
CA GLY E 98 -18.61 -11.76 14.00
C GLY E 98 -17.61 -10.64 13.71
N PHE E 99 -17.88 -9.85 12.67
CA PHE E 99 -16.99 -8.79 12.25
C PHE E 99 -17.27 -7.53 13.10
N ALA E 100 -16.27 -7.02 13.79
CA ALA E 100 -16.43 -5.85 14.66
C ALA E 100 -16.32 -4.55 13.87
N MET E 101 -17.18 -3.59 14.19
CA MET E 101 -17.18 -2.28 13.56
C MET E 101 -16.52 -1.23 14.43
N TYR E 102 -15.61 -1.67 15.29
CA TYR E 102 -14.80 -0.83 16.15
C TYR E 102 -13.43 -1.47 16.27
N ARG E 103 -12.49 -0.73 16.85
CA ARG E 103 -11.12 -1.21 17.01
C ARG E 103 -11.10 -2.13 18.23
N SER E 104 -11.14 -3.44 17.97
CA SER E 104 -11.14 -4.46 19.02
C SER E 104 -9.72 -4.98 19.21
N LEU E 105 -9.18 -4.82 20.42
CA LEU E 105 -7.88 -5.42 20.72
C LEU E 105 -7.98 -6.95 20.82
N VAL E 106 -9.15 -7.47 21.21
CA VAL E 106 -9.41 -8.90 21.37
C VAL E 106 -9.39 -9.62 20.02
N ASP E 107 -9.81 -8.96 18.95
CA ASP E 107 -10.03 -9.65 17.68
C ASP E 107 -9.75 -8.70 16.51
N PRO E 108 -8.74 -9.00 15.68
CA PRO E 108 -8.38 -8.14 14.55
C PRO E 108 -9.34 -8.25 13.36
N TYR E 109 -10.34 -9.11 13.45
CA TYR E 109 -11.42 -9.14 12.47
C TYR E 109 -12.39 -7.99 12.70
N ASN E 110 -11.95 -6.80 12.32
CA ASN E 110 -12.65 -5.59 12.62
C ASN E 110 -12.33 -4.52 11.58
N VAL E 111 -13.16 -3.49 11.53
CA VAL E 111 -13.13 -2.48 10.48
C VAL E 111 -11.84 -1.65 10.53
N TYR E 112 -11.25 -1.46 11.71
CA TYR E 112 -10.06 -0.66 11.84
C TYR E 112 -8.82 -1.42 11.35
N ASP E 113 -8.62 -2.64 11.88
CA ASP E 113 -7.42 -3.42 11.59
C ASP E 113 -7.46 -4.12 10.22
N ALA E 114 -8.64 -4.53 9.75
CA ALA E 114 -8.70 -5.50 8.64
C ALA E 114 -9.06 -4.87 7.28
N THR E 115 -9.45 -3.57 7.26
CA THR E 115 -9.92 -2.93 6.04
C THR E 115 -9.06 -1.72 5.70
N PRO E 116 -9.00 -1.32 4.43
CA PRO E 116 -8.34 -0.07 4.04
C PRO E 116 -8.94 1.17 4.71
N PHE E 117 -10.19 1.07 5.13
CA PHE E 117 -10.87 2.21 5.77
C PHE E 117 -10.11 2.64 7.04
N HIS E 118 -9.66 1.68 7.83
CA HIS E 118 -8.71 1.96 8.90
C HIS E 118 -9.22 3.08 9.84
N ARG E 119 -10.52 3.00 10.17
CA ARG E 119 -11.19 3.96 11.03
C ARG E 119 -12.15 3.20 11.97
N ASP E 120 -12.36 3.78 13.14
CA ASP E 120 -13.22 3.19 14.15
C ASP E 120 -14.61 3.79 14.00
N VAL E 121 -15.48 3.04 13.34
CA VAL E 121 -16.83 3.51 13.02
C VAL E 121 -17.63 3.80 14.30
N ILE E 122 -17.57 2.91 15.27
CA ILE E 122 -18.29 3.11 16.52
C ILE E 122 -17.79 4.35 17.23
N GLY E 123 -16.47 4.55 17.25
CA GLY E 123 -15.83 5.75 17.83
C GLY E 123 -16.35 7.03 17.18
N GLU E 124 -16.47 7.02 15.86
CA GLU E 124 -16.93 8.21 15.15
C GLU E 124 -18.40 8.49 15.47
N LEU E 125 -19.22 7.43 15.50
CA LEU E 125 -20.63 7.63 15.79
C LEU E 125 -20.81 8.07 17.25
N SER E 126 -19.99 7.54 18.18
CA SER E 126 -20.08 7.97 19.58
C SER E 126 -19.82 9.46 19.71
N LEU E 127 -18.74 9.93 19.08
CA LEU E 127 -18.39 11.33 19.17
C LEU E 127 -19.45 12.21 18.53
N ALA E 128 -20.02 11.76 17.40
CA ALA E 128 -21.06 12.54 16.73
C ALA E 128 -22.31 12.68 17.59
N CYS E 129 -22.68 11.58 18.25
CA CYS E 129 -23.84 11.57 19.14
C CYS E 129 -23.60 12.52 20.30
N ARG E 130 -22.41 12.49 20.88
CA ARG E 130 -22.12 13.34 22.01
C ARG E 130 -22.21 14.81 21.63
N LYS E 131 -21.66 15.19 20.48
CA LYS E 131 -21.70 16.58 20.05
C LYS E 131 -23.14 17.05 19.84
N ALA E 132 -24.02 16.16 19.38
CA ALA E 132 -25.37 16.55 19.01
C ALA E 132 -26.35 16.37 20.18
N GLY E 133 -25.89 15.77 21.27
CA GLY E 133 -26.74 15.52 22.42
C GLY E 133 -27.68 14.33 22.23
N LEU E 134 -27.35 13.36 21.35
CA LEU E 134 -28.17 12.17 21.22
C LEU E 134 -27.58 11.10 22.11
N ARG E 135 -28.47 10.32 22.73
CA ARG E 135 -28.02 9.19 23.49
C ARG E 135 -27.58 8.11 22.50
N PHE E 136 -26.62 7.30 22.99
CA PHE E 136 -25.90 6.36 22.18
C PHE E 136 -26.13 4.96 22.74
N GLY E 137 -26.43 4.03 21.82
CA GLY E 137 -26.64 2.64 22.18
C GLY E 137 -25.82 1.72 21.28
N LEU E 138 -25.60 0.51 21.80
CA LEU E 138 -24.75 -0.44 21.12
C LEU E 138 -25.48 -1.77 20.98
N TYR E 139 -25.48 -2.27 19.75
CA TYR E 139 -25.93 -3.61 19.42
C TYR E 139 -24.72 -4.54 19.43
N TYR E 140 -24.87 -5.75 20.01
CA TYR E 140 -23.79 -6.74 19.98
C TYR E 140 -24.42 -8.15 19.90
N SER E 141 -23.99 -8.96 18.93
CA SER E 141 -24.42 -10.35 18.81
C SER E 141 -23.65 -11.21 19.82
N GLN E 142 -24.25 -11.42 21.00
CA GLN E 142 -23.55 -12.10 22.10
C GLN E 142 -23.60 -13.62 21.93
N ASP E 143 -24.52 -14.14 21.11
CA ASP E 143 -24.74 -15.56 21.02
C ASP E 143 -24.12 -16.12 19.73
N LEU E 144 -24.67 -15.71 18.59
CA LEU E 144 -24.19 -16.15 17.28
C LEU E 144 -22.89 -15.43 16.94
N ASP E 145 -21.94 -16.20 16.38
CA ASP E 145 -20.75 -15.62 15.82
C ASP E 145 -20.18 -16.58 14.79
N TRP E 146 -20.43 -16.30 13.51
CA TRP E 146 -20.09 -17.22 12.42
C TRP E 146 -18.59 -17.24 12.15
N HIS E 147 -17.85 -16.34 12.77
CA HIS E 147 -16.41 -16.31 12.64
C HIS E 147 -15.73 -17.16 13.72
N GLU E 148 -16.49 -17.74 14.66
CA GLU E 148 -15.94 -18.45 15.78
C GLU E 148 -16.38 -19.91 15.75
N PRO E 149 -15.45 -20.86 15.88
CA PRO E 149 -15.84 -22.26 15.91
C PRO E 149 -16.87 -22.58 17.01
N ASP E 150 -16.76 -21.90 18.15
CA ASP E 150 -17.67 -22.11 19.27
C ASP E 150 -18.79 -21.08 19.34
N GLY E 151 -19.02 -20.33 18.25
CA GLY E 151 -20.18 -19.45 18.20
C GLY E 151 -21.48 -20.22 18.44
N GLY E 152 -22.49 -19.50 18.91
CA GLY E 152 -23.74 -20.09 19.33
C GLY E 152 -24.59 -20.54 18.16
N GLY E 153 -25.67 -21.25 18.49
CA GLY E 153 -26.74 -21.58 17.55
C GLY E 153 -26.78 -23.06 17.21
N TYR E 154 -25.73 -23.79 17.59
CA TYR E 154 -25.58 -25.20 17.22
C TYR E 154 -26.56 -26.15 17.91
N LEU E 155 -27.31 -25.68 18.91
CA LEU E 155 -28.36 -26.49 19.53
C LEU E 155 -29.75 -26.15 19.00
N SER E 156 -29.87 -25.25 18.05
CA SER E 156 -31.16 -24.62 17.71
C SER E 156 -31.59 -24.89 16.27
N ASN E 157 -30.94 -25.82 15.56
CA ASN E 157 -31.11 -25.94 14.12
C ASN E 157 -32.38 -26.71 13.74
N ASP E 158 -33.17 -27.11 14.74
CA ASP E 158 -34.55 -27.52 14.56
C ASP E 158 -35.46 -26.32 14.27
N ILE E 159 -34.99 -25.09 14.51
CA ILE E 159 -35.78 -23.88 14.28
C ILE E 159 -35.26 -23.19 13.03
N GLU E 160 -36.19 -22.86 12.11
CA GLU E 160 -35.88 -22.21 10.84
C GLU E 160 -35.25 -20.83 11.08
N THR E 161 -34.37 -20.40 10.15
CA THR E 161 -33.74 -19.08 10.27
C THR E 161 -33.90 -18.24 8.99
N ALA E 162 -33.37 -17.01 9.04
CA ALA E 162 -33.25 -16.15 7.86
C ALA E 162 -32.02 -16.53 7.01
N GLY E 163 -31.31 -17.60 7.39
CA GLY E 163 -30.26 -18.17 6.54
C GLY E 163 -30.46 -19.66 6.41
N THR E 164 -29.45 -20.44 6.82
CA THR E 164 -29.57 -21.87 6.90
C THR E 164 -29.59 -22.22 8.39
N THR E 165 -28.41 -22.47 8.97
CA THR E 165 -28.29 -22.76 10.39
C THR E 165 -28.02 -21.46 11.17
N TRP E 166 -28.22 -21.55 12.50
CA TRP E 166 -27.97 -20.43 13.39
C TRP E 166 -26.47 -20.18 13.54
N ASP E 167 -25.72 -21.27 13.56
CA ASP E 167 -24.27 -21.24 13.71
C ASP E 167 -23.62 -21.38 12.32
N ASN E 168 -22.29 -21.16 12.30
CA ASN E 168 -21.50 -21.55 11.15
C ASN E 168 -21.24 -23.06 11.24
N SER E 169 -22.04 -23.82 10.48
CA SER E 169 -22.01 -25.27 10.45
C SER E 169 -21.27 -25.81 9.23
N TRP E 170 -20.68 -24.93 8.42
CA TRP E 170 -20.03 -25.33 7.15
C TRP E 170 -18.51 -25.28 7.31
N ASP E 171 -17.98 -24.22 7.94
CA ASP E 171 -16.55 -24.17 8.23
C ASP E 171 -16.20 -24.99 9.48
N PHE E 172 -17.15 -25.13 10.41
CA PHE E 172 -16.92 -25.71 11.72
C PHE E 172 -17.92 -26.85 11.90
N THR E 173 -17.43 -28.10 11.82
CA THR E 173 -18.32 -29.25 11.77
C THR E 173 -18.05 -30.20 12.94
N GLY E 174 -17.20 -29.84 13.90
CA GLY E 174 -16.92 -30.77 14.99
C GLY E 174 -17.61 -30.40 16.31
N GLU E 175 -17.01 -30.83 17.41
CA GLU E 175 -17.52 -30.54 18.75
C GLU E 175 -17.43 -29.04 19.01
N LYS E 176 -18.49 -28.53 19.66
CA LYS E 176 -18.63 -27.11 19.91
C LYS E 176 -19.02 -26.88 21.35
N ASN E 177 -18.54 -25.75 21.90
CA ASN E 177 -18.81 -25.40 23.27
C ASN E 177 -18.74 -23.89 23.39
N TYR E 178 -19.94 -23.29 23.36
CA TYR E 178 -20.13 -21.85 23.40
C TYR E 178 -19.35 -21.20 24.55
N ASP E 179 -19.18 -21.95 25.65
CA ASP E 179 -18.50 -21.41 26.82
C ASP E 179 -17.14 -20.84 26.44
N ARG E 180 -16.45 -21.48 25.48
CA ARG E 180 -15.12 -21.04 25.10
C ARG E 180 -15.17 -19.70 24.38
N ALA E 181 -16.11 -19.53 23.44
CA ALA E 181 -16.28 -18.27 22.73
C ALA E 181 -16.75 -17.17 23.68
N PHE E 182 -17.62 -17.56 24.61
CA PHE E 182 -18.14 -16.64 25.61
C PHE E 182 -16.97 -16.02 26.40
N LYS E 183 -16.04 -16.87 26.83
CA LYS E 183 -14.93 -16.41 27.65
C LYS E 183 -13.91 -15.62 26.83
N HIS E 184 -13.61 -16.08 25.63
N HIS E 184 -13.60 -16.09 25.62
CA HIS E 184 -12.46 -15.55 24.89
CA HIS E 184 -12.46 -15.53 24.88
C HIS E 184 -12.82 -14.35 24.00
C HIS E 184 -12.83 -14.33 24.03
N LYS E 185 -14.04 -14.31 23.45
CA LYS E 185 -14.39 -13.23 22.53
C LYS E 185 -15.58 -12.41 23.02
N ILE E 186 -16.66 -13.07 23.43
CA ILE E 186 -17.90 -12.37 23.72
C ILE E 186 -17.73 -11.42 24.92
N MET E 187 -17.33 -11.94 26.06
CA MET E 187 -17.21 -11.11 27.24
C MET E 187 -16.12 -10.05 27.02
N PRO E 188 -14.92 -10.39 26.50
CA PRO E 188 -13.91 -9.35 26.26
C PRO E 188 -14.38 -8.24 25.34
N GLN E 189 -15.17 -8.55 24.30
CA GLN E 189 -15.60 -7.51 23.38
C GLN E 189 -16.67 -6.66 24.05
N ILE E 190 -17.56 -7.28 24.82
CA ILE E 190 -18.56 -6.49 25.54
C ILE E 190 -17.84 -5.53 26.48
N GLU E 191 -16.77 -6.00 27.12
CA GLU E 191 -16.01 -5.10 28.00
C GLU E 191 -15.41 -3.93 27.21
N GLU E 192 -14.91 -4.20 26.00
CA GLU E 192 -14.35 -3.15 25.17
C GLU E 192 -15.41 -2.10 24.84
N ILE E 193 -16.54 -2.54 24.30
CA ILE E 193 -17.49 -1.56 23.77
C ILE E 193 -18.13 -0.78 24.92
N MET E 194 -18.24 -1.39 26.11
CA MET E 194 -18.86 -0.73 27.25
C MET E 194 -17.83 0.12 28.02
N SER E 195 -16.56 0.09 27.59
CA SER E 195 -15.53 0.88 28.21
C SER E 195 -15.04 2.06 27.37
N ASN E 196 -15.01 1.91 26.05
CA ASN E 196 -14.14 2.75 25.23
C ASN E 196 -14.91 3.81 24.43
N TYR E 197 -16.25 3.91 24.60
CA TYR E 197 -17.08 4.75 23.74
C TYR E 197 -17.99 5.69 24.53
N GLY E 198 -17.62 6.00 25.76
CA GLY E 198 -18.39 6.90 26.62
C GLY E 198 -19.68 6.25 27.12
N GLU E 199 -20.61 7.13 27.53
CA GLU E 199 -21.81 6.68 28.22
C GLU E 199 -22.71 5.95 27.22
N ILE E 200 -23.13 4.74 27.58
CA ILE E 200 -23.98 3.92 26.74
C ILE E 200 -25.36 3.84 27.39
N SER E 201 -26.40 4.22 26.65
CA SER E 201 -27.75 4.33 27.21
C SER E 201 -28.58 3.06 26.98
N VAL E 202 -28.26 2.33 25.90
CA VAL E 202 -29.00 1.15 25.49
C VAL E 202 -27.98 0.07 25.08
N ALA E 203 -28.23 -1.15 25.53
CA ALA E 203 -27.46 -2.31 25.09
C ALA E 203 -28.46 -3.25 24.42
N TRP E 204 -28.20 -3.54 23.15
CA TRP E 204 -29.10 -4.30 22.30
C TRP E 204 -28.43 -5.63 21.97
N PHE E 205 -28.84 -6.64 22.69
CA PHE E 205 -28.41 -8.00 22.47
C PHE E 205 -29.42 -8.71 21.56
N ASN E 206 -29.12 -9.95 21.15
CA ASN E 206 -29.96 -10.55 20.14
C ASN E 206 -29.92 -12.08 20.20
N VAL E 207 -31.03 -12.70 19.72
CA VAL E 207 -31.22 -14.12 19.46
C VAL E 207 -30.44 -15.01 20.46
N PRO E 208 -30.93 -15.08 21.73
CA PRO E 208 -30.22 -15.79 22.80
C PRO E 208 -30.44 -17.28 22.72
N MET E 209 -29.87 -17.90 21.67
CA MET E 209 -30.20 -19.28 21.31
C MET E 209 -29.45 -20.29 22.18
N THR E 210 -28.35 -19.88 22.86
CA THR E 210 -27.39 -20.83 23.42
C THR E 210 -26.96 -20.47 24.83
N LEU E 211 -26.75 -19.18 25.12
CA LEU E 211 -26.14 -18.83 26.41
C LEU E 211 -27.06 -19.18 27.58
N SER E 212 -26.43 -19.60 28.68
CA SER E 212 -27.12 -20.02 29.91
C SER E 212 -27.62 -18.80 30.69
N ASP E 213 -28.48 -19.07 31.69
CA ASP E 213 -28.93 -18.03 32.60
C ASP E 213 -27.73 -17.33 33.24
N GLU E 214 -26.73 -18.12 33.65
CA GLU E 214 -25.54 -17.58 34.28
C GLU E 214 -24.75 -16.69 33.33
N GLN E 215 -24.64 -17.09 32.07
CA GLN E 215 -23.96 -16.30 31.06
C GLN E 215 -24.71 -15.00 30.77
N SER E 216 -26.05 -15.07 30.68
CA SER E 216 -26.85 -13.86 30.55
C SER E 216 -26.58 -12.92 31.74
N GLN E 217 -26.54 -13.49 32.95
N GLN E 217 -26.54 -13.49 32.96
CA GLN E 217 -26.35 -12.70 34.15
CA GLN E 217 -26.34 -12.72 34.18
C GLN E 217 -24.96 -12.06 34.16
C GLN E 217 -24.96 -12.06 34.17
N THR E 218 -23.94 -12.82 33.74
CA THR E 218 -22.58 -12.32 33.70
C THR E 218 -22.49 -11.10 32.77
N ILE E 219 -23.14 -11.19 31.60
CA ILE E 219 -23.18 -10.05 30.70
C ILE E 219 -23.89 -8.88 31.40
N TYR E 220 -25.07 -9.15 31.91
CA TYR E 220 -25.88 -8.10 32.53
C TYR E 220 -25.06 -7.36 33.59
N ASP E 221 -24.42 -8.12 34.47
CA ASP E 221 -23.69 -7.53 35.58
C ASP E 221 -22.47 -6.75 35.08
N THR E 222 -21.78 -7.26 34.05
CA THR E 222 -20.64 -6.56 33.48
C THR E 222 -21.07 -5.25 32.84
N VAL E 223 -22.15 -5.28 32.05
CA VAL E 223 -22.63 -4.04 31.45
C VAL E 223 -22.96 -3.01 32.55
N LYS E 224 -23.66 -3.42 33.61
CA LYS E 224 -24.03 -2.49 34.66
C LYS E 224 -22.81 -1.98 35.45
N ARG E 225 -21.80 -2.83 35.61
CA ARG E 225 -20.59 -2.42 36.27
C ARG E 225 -19.93 -1.29 35.49
N LEU E 226 -19.82 -1.44 34.17
CA LEU E 226 -19.14 -0.47 33.32
C LEU E 226 -20.04 0.72 32.98
N GLN E 227 -21.35 0.50 32.95
CA GLN E 227 -22.33 1.46 32.43
C GLN E 227 -23.56 1.40 33.32
N PRO E 228 -23.51 1.99 34.53
CA PRO E 228 -24.60 1.80 35.49
C PRO E 228 -25.98 2.26 35.00
N ASP E 229 -26.02 3.17 34.02
CA ASP E 229 -27.27 3.74 33.58
C ASP E 229 -27.72 3.12 32.25
N CYS E 230 -27.04 2.10 31.76
CA CYS E 230 -27.38 1.51 30.48
C CYS E 230 -28.61 0.59 30.65
N LEU E 231 -29.62 0.74 29.78
CA LEU E 231 -30.76 -0.16 29.76
C LEU E 231 -30.52 -1.33 28.80
N ILE E 232 -30.75 -2.55 29.28
CA ILE E 232 -30.46 -3.75 28.52
C ILE E 232 -31.76 -4.36 28.00
N ASN E 233 -31.79 -4.78 26.74
CA ASN E 233 -33.02 -5.32 26.17
C ASN E 233 -33.19 -6.82 26.49
N SER E 234 -34.40 -7.31 26.24
CA SER E 234 -34.81 -8.65 26.64
C SER E 234 -34.14 -9.78 25.87
N ARG E 235 -33.54 -9.47 24.73
CA ARG E 235 -32.88 -10.49 23.92
C ARG E 235 -31.47 -10.82 24.44
N LEU E 236 -31.07 -10.25 25.59
CA LEU E 236 -29.92 -10.81 26.30
C LEU E 236 -30.26 -12.23 26.77
N GLY E 237 -31.55 -12.49 26.96
CA GLY E 237 -32.01 -13.82 27.25
C GLY E 237 -32.19 -14.08 28.74
N ASN E 238 -32.96 -15.13 29.03
CA ASN E 238 -33.04 -15.73 30.36
C ASN E 238 -33.59 -14.75 31.40
N GLY E 239 -34.36 -13.75 30.98
CA GLY E 239 -34.99 -12.84 31.94
C GLY E 239 -34.04 -11.72 32.44
N ARG E 240 -32.84 -11.61 31.86
CA ARG E 240 -31.87 -10.65 32.36
C ARG E 240 -31.96 -9.37 31.53
N TYR E 241 -32.85 -8.44 31.91
CA TYR E 241 -33.09 -7.27 31.10
C TYR E 241 -33.81 -6.18 31.87
N ASP E 242 -33.75 -4.96 31.30
CA ASP E 242 -34.42 -3.80 31.85
C ASP E 242 -35.62 -3.39 31.01
N TYR E 243 -35.61 -3.72 29.72
CA TYR E 243 -36.73 -3.41 28.86
C TYR E 243 -37.01 -4.53 27.88
N VAL E 244 -38.25 -4.55 27.40
CA VAL E 244 -38.71 -5.60 26.49
C VAL E 244 -38.58 -5.15 25.04
N SER E 245 -37.82 -5.94 24.26
CA SER E 245 -37.83 -5.82 22.82
C SER E 245 -38.94 -6.71 22.29
N LEU E 246 -39.85 -6.14 21.48
CA LEU E 246 -40.80 -6.96 20.75
C LEU E 246 -40.11 -7.69 19.60
N GLY E 247 -40.88 -8.45 18.83
CA GLY E 247 -40.36 -9.10 17.63
C GLY E 247 -39.90 -8.11 16.56
N ASP E 248 -39.11 -8.63 15.63
CA ASP E 248 -38.65 -7.81 14.49
C ASP E 248 -39.86 -7.24 13.77
N ASN E 249 -39.95 -5.92 13.61
CA ASN E 249 -41.07 -5.31 12.91
C ASN E 249 -42.42 -5.66 13.54
N GLU E 250 -42.46 -5.94 14.85
CA GLU E 250 -43.72 -6.36 15.46
C GLU E 250 -44.50 -5.13 15.91
N ILE E 251 -45.61 -4.84 15.23
CA ILE E 251 -46.49 -3.75 15.58
C ILE E 251 -47.72 -4.41 16.15
N PRO E 252 -47.88 -4.54 17.49
CA PRO E 252 -49.05 -5.23 18.03
C PRO E 252 -50.35 -4.46 17.76
N GLU E 253 -51.43 -5.21 17.54
CA GLU E 253 -52.77 -4.66 17.39
C GLU E 253 -53.18 -3.94 18.68
N ASP E 254 -54.13 -3.02 18.63
CA ASP E 254 -54.54 -2.27 19.81
C ASP E 254 -54.76 -3.17 21.03
N SER E 255 -55.52 -4.27 20.90
CA SER E 255 -55.87 -5.10 22.05
C SER E 255 -54.60 -5.65 22.72
N ASP E 256 -53.67 -6.21 21.93
CA ASP E 256 -52.43 -6.73 22.49
C ASP E 256 -51.52 -5.63 23.05
N ALA E 257 -51.47 -4.48 22.36
CA ALA E 257 -50.60 -3.38 22.79
C ALA E 257 -51.12 -2.81 24.10
N SER E 258 -52.44 -2.81 24.29
CA SER E 258 -53.02 -2.31 25.52
C SER E 258 -52.67 -3.24 26.69
N ASP E 259 -52.83 -4.56 26.48
CA ASP E 259 -52.79 -5.54 27.57
C ASP E 259 -51.37 -6.00 27.88
N LYS E 260 -50.53 -6.09 26.84
CA LYS E 260 -49.12 -6.46 26.99
C LYS E 260 -49.00 -7.77 27.78
N ALA E 261 -49.91 -8.74 27.49
CA ALA E 261 -50.23 -9.83 28.39
C ALA E 261 -49.17 -10.92 28.32
N THR E 262 -48.87 -11.56 29.48
CA THR E 262 -47.82 -12.57 29.63
C THR E 262 -48.33 -13.77 30.43
N SER E 263 -49.30 -13.55 31.34
CA SER E 263 -49.98 -14.67 32.01
C SER E 263 -51.08 -15.19 31.07
N VAL E 267 -44.36 -17.70 29.14
CA VAL E 267 -43.25 -16.86 28.63
C VAL E 267 -41.99 -17.70 28.40
N ASP E 268 -41.51 -17.69 27.17
CA ASP E 268 -40.19 -18.19 26.83
C ASP E 268 -39.26 -16.99 26.79
N TYR E 269 -38.39 -16.87 27.80
CA TYR E 269 -37.48 -15.73 27.89
C TYR E 269 -36.48 -15.64 26.73
N ASN E 270 -36.30 -16.74 25.98
CA ASN E 270 -35.33 -16.75 24.88
C ASN E 270 -36.03 -16.67 23.52
N SER E 271 -37.34 -16.56 23.49
CA SER E 271 -38.07 -16.24 22.26
C SER E 271 -37.89 -14.75 21.96
N ILE E 272 -38.05 -14.36 20.68
CA ILE E 272 -37.84 -12.97 20.34
C ILE E 272 -39.17 -12.30 19.95
N GLU E 273 -40.29 -13.05 19.94
CA GLU E 273 -41.61 -12.53 19.60
C GLU E 273 -42.45 -12.28 20.85
N GLY E 274 -43.27 -11.22 20.79
CA GLY E 274 -44.37 -11.02 21.72
C GLY E 274 -43.92 -10.33 23.00
N PHE E 275 -44.89 -10.06 23.88
CA PHE E 275 -44.58 -9.37 25.12
C PHE E 275 -43.89 -10.30 26.13
N LYS E 276 -43.20 -9.66 27.07
CA LYS E 276 -42.65 -10.28 28.28
C LYS E 276 -42.90 -9.33 29.42
N PRO E 277 -42.76 -9.75 30.69
CA PRO E 277 -42.92 -8.84 31.83
C PRO E 277 -41.94 -7.68 31.76
N SER E 278 -42.38 -6.51 32.20
CA SER E 278 -41.50 -5.35 32.34
C SER E 278 -41.89 -4.57 33.61
N LYS E 279 -41.15 -4.83 34.69
CA LYS E 279 -41.39 -4.16 35.96
C LYS E 279 -41.32 -2.64 35.79
N LEU E 280 -40.42 -2.17 34.94
CA LEU E 280 -40.20 -0.73 34.75
C LEU E 280 -41.14 -0.12 33.72
N GLY E 281 -41.90 -0.95 33.00
CA GLY E 281 -42.85 -0.46 32.00
C GLY E 281 -42.18 0.08 30.75
N LEU E 282 -41.09 -0.58 30.31
CA LEU E 282 -40.30 -0.13 29.18
C LEU E 282 -40.39 -1.17 28.06
N TYR E 283 -40.69 -0.67 26.86
CA TYR E 283 -40.91 -1.50 25.69
C TYR E 283 -40.43 -0.79 24.42
N GLU E 284 -39.98 -1.59 23.43
CA GLU E 284 -39.47 -1.06 22.19
C GLU E 284 -39.70 -2.10 21.10
N THR E 285 -40.15 -1.61 19.93
CA THR E 285 -40.16 -2.37 18.70
C THR E 285 -39.08 -1.80 17.80
N ALA E 286 -38.16 -2.67 17.41
CA ALA E 286 -37.20 -2.35 16.36
C ALA E 286 -37.80 -2.79 15.02
N GLY E 287 -37.73 -1.87 14.04
CA GLY E 287 -38.24 -2.12 12.71
C GLY E 287 -37.30 -1.58 11.63
N THR E 288 -37.68 -1.92 10.40
CA THR E 288 -36.91 -1.61 9.21
C THR E 288 -37.77 -0.73 8.31
N ILE E 289 -37.13 0.09 7.48
CA ILE E 289 -37.87 0.95 6.56
C ILE E 289 -38.29 0.12 5.33
N ASN E 290 -37.32 -0.67 4.77
CA ASN E 290 -37.71 -1.73 3.86
C ASN E 290 -37.85 -3.03 4.68
N ASP E 291 -37.52 -4.21 4.13
CA ASP E 291 -37.77 -5.49 4.77
C ASP E 291 -36.50 -6.14 5.28
N SER E 292 -35.34 -5.48 5.17
CA SER E 292 -34.04 -6.02 5.54
C SER E 292 -33.43 -5.13 6.63
N TRP E 293 -32.54 -5.70 7.46
CA TRP E 293 -31.77 -4.91 8.39
C TRP E 293 -30.51 -4.37 7.71
N GLY E 294 -29.72 -5.26 7.12
CA GLY E 294 -28.63 -4.84 6.26
C GLY E 294 -29.15 -4.28 4.95
N PHE E 295 -28.33 -3.46 4.30
CA PHE E 295 -28.60 -2.96 2.98
C PHE E 295 -28.84 -4.11 1.99
N ALA E 296 -29.89 -3.97 1.19
CA ALA E 296 -30.27 -5.00 0.25
C ALA E 296 -30.64 -4.35 -1.08
N TYR E 297 -29.75 -4.44 -2.07
N TYR E 297 -29.74 -4.48 -2.09
CA TYR E 297 -29.90 -3.73 -3.34
CA TYR E 297 -29.84 -3.86 -3.43
C TYR E 297 -31.29 -4.01 -3.93
C TYR E 297 -31.30 -4.02 -3.93
N HIS E 298 -31.77 -5.25 -3.85
CA HIS E 298 -33.02 -5.59 -4.56
C HIS E 298 -34.30 -5.43 -3.73
N ASP E 299 -34.21 -4.88 -2.51
CA ASP E 299 -35.39 -4.60 -1.71
C ASP E 299 -35.69 -3.11 -1.80
N GLN E 300 -36.67 -2.76 -2.60
CA GLN E 300 -37.12 -1.37 -2.75
C GLN E 300 -38.51 -1.24 -2.13
N ASN E 301 -38.83 -2.12 -1.17
CA ASN E 301 -40.17 -2.07 -0.57
C ASN E 301 -40.13 -1.10 0.61
N TRP E 302 -39.88 0.19 0.32
CA TRP E 302 -39.70 1.20 1.38
C TRP E 302 -41.08 1.59 1.90
N LYS E 303 -41.23 1.55 3.22
CA LYS E 303 -42.43 2.09 3.85
C LYS E 303 -42.54 3.58 3.55
N SER E 304 -43.76 4.04 3.35
CA SER E 304 -44.06 5.44 3.06
C SER E 304 -43.87 6.28 4.32
N PRO E 305 -43.66 7.60 4.16
CA PRO E 305 -43.76 8.55 5.27
C PRO E 305 -44.99 8.32 6.16
N GLN E 306 -46.15 8.12 5.55
CA GLN E 306 -47.39 7.96 6.29
C GLN E 306 -47.32 6.69 7.12
N THR E 307 -46.84 5.60 6.56
CA THR E 307 -46.73 4.34 7.29
C THR E 307 -45.81 4.51 8.51
N ILE E 308 -44.65 5.14 8.33
CA ILE E 308 -43.72 5.36 9.42
C ILE E 308 -44.39 6.20 10.50
N HIS E 309 -45.03 7.29 10.09
CA HIS E 309 -45.71 8.17 11.02
C HIS E 309 -46.76 7.38 11.82
N ASP E 310 -47.54 6.57 11.13
CA ASP E 310 -48.63 5.84 11.77
C ASP E 310 -48.10 4.74 12.69
N TYR E 311 -47.07 4.02 12.26
CA TYR E 311 -46.47 3.01 13.12
C TYR E 311 -45.94 3.65 14.39
N LYS E 312 -45.24 4.78 14.23
CA LYS E 312 -44.66 5.46 15.36
C LYS E 312 -45.76 5.90 16.33
N ALA E 313 -46.82 6.50 15.80
CA ALA E 313 -47.90 7.03 16.63
C ALA E 313 -48.60 5.88 17.38
N HIS E 314 -48.82 4.76 16.69
CA HIS E 314 -49.49 3.62 17.27
C HIS E 314 -48.65 3.02 18.41
N LEU E 315 -47.35 2.82 18.16
CA LEU E 315 -46.49 2.25 19.18
C LEU E 315 -46.46 3.21 20.38
N ASN E 316 -46.26 4.49 20.12
CA ASN E 316 -46.04 5.45 21.19
C ASN E 316 -47.29 5.62 22.04
N LYS E 317 -48.49 5.52 21.45
CA LYS E 317 -49.72 5.68 22.20
C LYS E 317 -49.82 4.61 23.29
N TYR E 318 -49.19 3.44 23.06
CA TYR E 318 -49.22 2.33 24.01
C TYR E 318 -47.91 2.23 24.79
N GLY E 319 -47.12 3.31 24.83
CA GLY E 319 -45.91 3.35 25.63
C GLY E 319 -44.79 2.47 25.06
N ILE E 320 -44.75 2.28 23.74
CA ILE E 320 -43.73 1.50 23.09
C ILE E 320 -42.87 2.41 22.21
N ASN E 321 -41.55 2.33 22.36
CA ASN E 321 -40.64 3.10 21.55
C ASN E 321 -40.47 2.44 20.18
N TYR E 322 -40.18 3.29 19.17
CA TYR E 322 -39.95 2.80 17.82
C TYR E 322 -38.51 3.05 17.44
N LEU E 323 -37.74 1.96 17.29
CA LEU E 323 -36.34 2.03 16.92
C LEU E 323 -36.24 1.64 15.44
N LEU E 324 -36.07 2.64 14.58
CA LEU E 324 -36.22 2.46 13.15
C LEU E 324 -34.85 2.40 12.48
N ASN E 325 -34.61 1.30 11.77
CA ASN E 325 -33.31 0.96 11.28
C ASN E 325 -33.00 1.56 9.90
N VAL E 326 -31.73 1.93 9.73
CA VAL E 326 -31.14 2.26 8.44
C VAL E 326 -30.01 1.27 8.20
N GLY E 327 -30.04 0.62 7.03
CA GLY E 327 -28.95 -0.24 6.62
C GLY E 327 -28.06 0.52 5.63
N LEU E 328 -26.90 0.98 6.10
CA LEU E 328 -26.02 1.78 5.24
C LEU E 328 -25.49 0.90 4.11
N ASP E 329 -25.24 1.54 2.96
CA ASP E 329 -24.68 0.82 1.80
C ASP E 329 -23.17 0.65 1.98
N GLY E 330 -22.56 0.03 0.96
CA GLY E 330 -21.14 -0.29 1.02
C GLY E 330 -20.24 0.93 1.01
N LEU E 331 -20.76 2.08 0.59
CA LEU E 331 -20.01 3.32 0.59
C LEU E 331 -20.28 4.13 1.85
N GLY E 332 -21.09 3.62 2.76
CA GLY E 332 -21.36 4.27 4.03
C GLY E 332 -22.54 5.23 3.99
N ARG E 333 -23.39 5.10 2.97
CA ARG E 333 -24.47 6.05 2.73
C ARG E 333 -25.82 5.53 3.23
N VAL E 334 -26.65 6.47 3.65
CA VAL E 334 -28.07 6.21 3.82
C VAL E 334 -28.68 6.12 2.43
N PRO E 335 -29.36 5.02 2.05
CA PRO E 335 -29.99 4.98 0.74
C PRO E 335 -30.93 6.17 0.60
N MET E 336 -30.98 6.73 -0.61
CA MET E 336 -31.78 7.90 -0.82
C MET E 336 -33.25 7.68 -0.40
N ALA E 337 -33.83 6.53 -0.75
CA ALA E 337 -35.24 6.28 -0.44
C ALA E 337 -35.47 6.22 1.09
N ALA E 338 -34.48 5.77 1.83
CA ALA E 338 -34.57 5.68 3.29
C ALA E 338 -34.53 7.09 3.86
N GLU E 339 -33.57 7.91 3.39
CA GLU E 339 -33.50 9.29 3.84
C GLU E 339 -34.80 10.02 3.57
N GLN E 340 -35.30 9.88 2.36
CA GLN E 340 -36.54 10.58 1.98
C GLN E 340 -37.74 10.05 2.80
N ALA E 341 -37.78 8.76 3.11
CA ALA E 341 -38.89 8.24 3.92
C ALA E 341 -38.85 8.89 5.32
N LEU E 342 -37.64 8.97 5.91
CA LEU E 342 -37.50 9.52 7.24
C LEU E 342 -37.85 11.00 7.26
N LEU E 343 -37.31 11.77 6.32
CA LEU E 343 -37.58 13.20 6.27
C LEU E 343 -39.07 13.45 5.99
N GLY E 344 -39.64 12.60 5.12
CA GLY E 344 -41.05 12.66 4.81
C GLY E 344 -41.94 12.45 6.06
N ALA E 345 -41.55 11.46 6.87
CA ALA E 345 -42.31 11.17 8.09
C ALA E 345 -42.20 12.37 9.04
N ARG E 346 -41.02 12.96 9.14
CA ARG E 346 -40.82 14.13 9.98
C ARG E 346 -41.72 15.28 9.54
N ALA E 347 -41.89 15.45 8.22
CA ALA E 347 -42.72 16.52 7.71
C ALA E 347 -44.20 16.35 8.09
N LEU E 348 -44.61 15.13 8.45
CA LEU E 348 -46.00 14.86 8.83
C LEU E 348 -46.26 15.16 10.30
N GLU E 349 -45.23 15.53 11.06
CA GLU E 349 -45.44 15.95 12.44
C GLU E 349 -45.58 17.46 12.49
N ALA E 350 -46.02 18.03 13.60
CA ALA E 350 -45.71 19.43 13.76
C ALA E 350 -45.78 19.75 15.26
N SER F 10 18.68 7.42 47.28
CA SER F 10 18.35 6.97 45.90
C SER F 10 19.56 7.16 44.98
N ASP F 11 19.80 6.15 44.14
CA ASP F 11 20.83 6.28 43.12
C ASP F 11 20.38 7.34 42.11
N THR F 12 19.10 7.39 41.72
CA THR F 12 18.67 8.40 40.74
C THR F 12 18.87 9.81 41.32
N VAL F 13 18.66 10.00 42.64
CA VAL F 13 18.81 11.32 43.25
C VAL F 13 20.27 11.78 43.19
N GLU F 14 21.23 10.93 43.59
CA GLU F 14 22.62 11.35 43.59
C GLU F 14 23.08 11.54 42.14
N TRP F 15 22.57 10.69 41.23
CA TRP F 15 22.89 10.85 39.81
C TRP F 15 22.42 12.22 39.31
N PHE F 16 21.18 12.58 39.62
CA PHE F 16 20.61 13.80 39.04
C PHE F 16 21.35 15.03 39.54
N LYS F 17 21.79 15.00 40.79
CA LYS F 17 22.54 16.08 41.39
C LYS F 17 23.81 16.39 40.59
N GLN F 18 24.48 15.37 40.04
CA GLN F 18 25.72 15.60 39.31
C GLN F 18 25.52 15.55 37.77
N ALA F 19 24.28 15.36 37.30
CA ALA F 19 24.06 15.15 35.88
C ALA F 19 24.38 16.39 35.05
N LYS F 20 24.03 17.58 35.57
CA LYS F 20 24.35 18.91 35.07
C LYS F 20 23.59 19.33 33.81
N TYR F 21 23.33 18.41 32.88
CA TYR F 21 23.00 18.78 31.53
C TYR F 21 22.23 17.65 30.88
N GLY F 22 21.08 17.97 30.30
CA GLY F 22 20.26 17.01 29.58
C GLY F 22 19.71 17.62 28.28
N MET F 23 19.24 16.75 27.40
CA MET F 23 18.59 17.17 26.18
C MET F 23 17.09 16.95 26.34
N MET F 24 16.29 17.91 25.93
CA MET F 24 14.84 17.72 25.76
C MET F 24 14.54 17.66 24.27
N ILE F 25 13.52 16.89 23.92
N ILE F 25 13.54 16.86 23.90
CA ILE F 25 13.03 16.80 22.55
CA ILE F 25 13.09 16.85 22.53
C ILE F 25 11.55 17.11 22.54
C ILE F 25 11.59 17.06 22.45
N HIS F 26 11.18 18.08 21.68
CA HIS F 26 9.78 18.27 21.26
C HIS F 26 9.67 17.82 19.80
N TRP F 27 8.78 16.89 19.53
CA TRP F 27 8.55 16.43 18.18
C TRP F 27 7.14 15.87 18.08
N GLY F 28 6.44 16.28 17.01
CA GLY F 28 5.08 15.84 16.77
C GLY F 28 4.57 16.33 15.42
N LEU F 29 3.25 16.18 15.21
CA LEU F 29 2.63 16.64 13.98
C LEU F 29 2.84 18.14 13.83
N TYR F 30 2.86 18.90 14.93
CA TYR F 30 3.09 20.34 14.88
C TYR F 30 4.42 20.67 14.20
N SER F 31 5.40 19.76 14.27
CA SER F 31 6.70 20.00 13.69
C SER F 31 6.63 20.10 12.15
N LEU F 32 5.66 19.41 11.54
CA LEU F 32 5.46 19.52 10.09
C LEU F 32 5.03 20.94 9.71
N LEU F 33 4.11 21.53 10.49
CA LEU F 33 3.62 22.86 10.19
C LEU F 33 4.69 23.89 10.44
N GLY F 34 5.53 23.66 11.48
CA GLY F 34 6.68 24.51 11.69
C GLY F 34 6.31 25.96 11.95
N GLY F 35 5.18 26.18 12.62
CA GLY F 35 4.82 27.53 13.07
C GLY F 35 3.96 28.30 12.08
N GLU F 36 3.50 27.65 11.02
CA GLU F 36 2.60 28.29 10.04
C GLU F 36 1.49 27.32 9.67
N TYR F 37 0.32 27.88 9.36
CA TYR F 37 -0.82 27.10 8.91
C TYR F 37 -1.77 28.02 8.16
N GLN F 38 -2.12 27.63 6.92
CA GLN F 38 -3.02 28.39 6.07
C GLN F 38 -2.61 29.85 6.04
N GLY F 39 -1.32 30.13 5.96
CA GLY F 39 -0.87 31.50 5.77
C GLY F 39 -0.89 32.36 7.03
N LYS F 40 -1.12 31.72 8.19
CA LYS F 40 -1.13 32.41 9.47
C LYS F 40 -0.06 31.81 10.37
N SER F 41 0.36 32.62 11.36
CA SER F 41 1.49 32.28 12.20
C SER F 41 1.02 31.67 13.53
N SER F 42 1.82 30.74 14.05
CA SER F 42 1.77 30.40 15.47
C SER F 42 2.28 31.60 16.26
N SER F 43 2.16 31.52 17.61
CA SER F 43 2.94 32.42 18.46
C SER F 43 4.42 31.99 18.42
N ASN F 44 5.23 32.52 19.35
CA ASN F 44 6.59 31.99 19.47
C ASN F 44 6.62 30.47 19.74
N TYR F 45 5.54 29.90 20.27
CA TYR F 45 5.48 28.45 20.51
C TYR F 45 4.75 27.75 19.35
N ALA F 46 5.55 27.21 18.43
CA ALA F 46 4.98 26.57 17.26
C ALA F 46 4.19 25.32 17.64
N GLU F 47 4.56 24.67 18.74
CA GLU F 47 3.87 23.44 19.13
C GLU F 47 2.45 23.73 19.62
N TRP F 48 2.11 25.01 19.85
CA TRP F 48 0.78 25.41 20.26
C TRP F 48 -0.13 25.77 19.07
N VAL F 49 0.35 25.55 17.83
CA VAL F 49 -0.33 26.06 16.66
C VAL F 49 -1.79 25.62 16.60
N GLN F 50 -2.13 24.40 17.01
CA GLN F 50 -3.50 23.94 16.91
C GLN F 50 -4.43 24.83 17.72
N SER F 51 -4.01 25.22 18.92
CA SER F 51 -4.77 26.16 19.73
C SER F 51 -4.73 27.58 19.18
N LYS F 52 -3.55 28.07 18.82
CA LYS F 52 -3.40 29.42 18.35
C LYS F 52 -4.37 29.72 17.18
N LEU F 53 -4.49 28.76 16.26
CA LEU F 53 -5.26 28.94 15.05
C LEU F 53 -6.52 28.10 15.07
N GLN F 54 -6.87 27.51 16.23
CA GLN F 54 -8.12 26.75 16.40
C GLN F 54 -8.33 25.79 15.23
N ILE F 55 -7.32 24.98 14.98
CA ILE F 55 -7.38 24.06 13.86
C ILE F 55 -8.30 22.91 14.24
N PRO F 56 -9.38 22.65 13.47
CA PRO F 56 -10.25 21.52 13.78
C PRO F 56 -9.46 20.22 13.73
N ASN F 57 -9.78 19.29 14.63
CA ASN F 57 -9.16 17.99 14.66
C ASN F 57 -9.20 17.32 13.27
N LYS F 58 -10.34 17.42 12.57
N LYS F 58 -10.33 17.37 12.56
CA LYS F 58 -10.45 16.80 11.24
CA LYS F 58 -10.40 16.65 11.29
C LYS F 58 -9.34 17.29 10.31
C LYS F 58 -9.49 17.28 10.24
N GLU F 59 -9.02 18.60 10.37
N GLU F 59 -9.10 18.55 10.47
CA GLU F 59 -7.97 19.15 9.53
CA GLU F 59 -8.09 19.19 9.64
C GLU F 59 -6.60 18.78 10.07
C GLU F 59 -6.71 18.74 10.10
N TYR F 60 -6.41 18.94 11.39
CA TYR F 60 -5.09 18.69 11.96
C TYR F 60 -4.64 17.25 11.73
N GLU F 61 -5.58 16.32 11.83
CA GLU F 61 -5.27 14.90 11.65
C GLU F 61 -4.70 14.60 10.26
N ARG F 62 -4.98 15.42 9.26
CA ARG F 62 -4.43 15.21 7.94
C ARG F 62 -2.89 15.20 7.93
N LEU F 63 -2.27 15.82 8.91
CA LEU F 63 -0.82 15.86 9.05
C LEU F 63 -0.26 14.47 9.22
N THR F 64 -1.05 13.54 9.75
CA THR F 64 -0.53 12.19 9.92
C THR F 64 0.00 11.63 8.61
N GLN F 65 -0.68 11.96 7.48
CA GLN F 65 -0.34 11.35 6.21
C GLN F 65 0.93 11.93 5.65
N ALA F 66 1.37 13.08 6.15
CA ALA F 66 2.58 13.74 5.69
C ALA F 66 3.78 13.42 6.58
N PHE F 67 3.59 12.60 7.60
CA PHE F 67 4.60 12.29 8.58
C PHE F 67 5.36 11.04 8.16
N ASN F 68 6.47 11.26 7.45
CA ASN F 68 7.38 10.17 7.08
C ASN F 68 8.81 10.68 7.17
N PRO F 69 9.30 10.87 8.41
CA PRO F 69 10.62 11.50 8.65
C PRO F 69 11.78 10.57 8.36
N ILE F 70 12.17 10.53 7.10
CA ILE F 70 13.20 9.62 6.62
C ILE F 70 14.56 9.89 7.26
N TYR F 71 14.78 11.05 7.88
CA TYR F 71 16.08 11.34 8.48
C TYR F 71 16.12 11.10 9.98
N PHE F 72 15.03 10.69 10.59
CA PHE F 72 15.02 10.40 12.02
C PHE F 72 15.96 9.24 12.32
N ASP F 73 16.91 9.47 13.22
CA ASP F 73 17.88 8.47 13.63
C ASP F 73 18.14 8.66 15.12
N ALA F 74 17.50 7.84 15.95
CA ALA F 74 17.60 7.94 17.40
C ALA F 74 19.04 7.82 17.85
N ASP F 75 19.81 6.90 17.28
CA ASP F 75 21.19 6.73 17.68
C ASP F 75 21.97 8.00 17.42
N ALA F 76 21.72 8.66 16.28
CA ALA F 76 22.45 9.87 15.93
C ALA F 76 22.10 11.01 16.86
N ILE F 77 20.82 11.14 17.26
CA ILE F 77 20.41 12.17 18.20
C ILE F 77 21.07 11.96 19.55
N ILE F 78 21.02 10.72 20.07
CA ILE F 78 21.66 10.40 21.33
C ILE F 78 23.15 10.61 21.24
N ASP F 79 23.77 10.27 20.11
CA ASP F 79 25.21 10.48 19.97
C ASP F 79 25.57 11.95 20.07
N LEU F 80 24.76 12.83 19.47
CA LEU F 80 24.98 14.27 19.62
C LEU F 80 24.88 14.69 21.09
N ALA F 81 23.82 14.24 21.77
CA ALA F 81 23.65 14.52 23.18
C ALA F 81 24.88 14.10 23.99
N LYS F 82 25.31 12.88 23.77
CA LYS F 82 26.43 12.31 24.52
C LYS F 82 27.70 13.10 24.24
N ARG F 83 27.94 13.48 22.97
CA ARG F 83 29.16 14.22 22.63
C ARG F 83 29.16 15.58 23.30
N CYS F 84 27.98 16.15 23.59
CA CYS F 84 27.91 17.44 24.27
C CYS F 84 27.98 17.30 25.81
N GLY F 85 28.06 16.08 26.33
CA GLY F 85 28.13 15.86 27.76
C GLY F 85 26.75 15.83 28.42
N MET F 86 25.68 15.74 27.64
CA MET F 86 24.34 15.59 28.19
C MET F 86 24.16 14.17 28.75
N GLN F 87 23.55 14.04 29.94
CA GLN F 87 23.56 12.79 30.65
C GLN F 87 22.17 12.15 30.64
N TYR F 88 21.19 12.86 30.10
CA TYR F 88 19.84 12.35 30.04
C TYR F 88 19.09 13.04 28.90
N LEU F 89 18.00 12.40 28.49
CA LEU F 89 17.15 12.90 27.45
C LEU F 89 15.70 12.77 27.88
N VAL F 90 14.94 13.86 27.72
CA VAL F 90 13.53 13.90 28.08
C VAL F 90 12.76 14.17 26.79
N VAL F 91 11.84 13.29 26.40
CA VAL F 91 11.19 13.44 25.10
C VAL F 91 9.66 13.51 25.23
N THR F 92 9.03 14.36 24.41
CA THR F 92 7.57 14.43 24.29
C THR F 92 6.98 13.09 23.82
N THR F 93 6.30 12.36 24.73
CA THR F 93 5.52 11.20 24.37
C THR F 93 4.14 11.60 23.82
N LYS F 94 3.64 12.75 24.28
CA LYS F 94 2.34 13.28 23.87
C LYS F 94 2.28 14.70 24.37
N HIS F 95 2.13 15.68 23.47
CA HIS F 95 2.03 17.06 23.83
C HIS F 95 0.54 17.45 23.90
N HIS F 96 0.25 18.75 23.95
CA HIS F 96 -1.11 19.22 24.21
C HIS F 96 -2.09 18.76 23.11
N ASP F 97 -1.60 18.57 21.90
CA ASP F 97 -2.46 18.20 20.77
C ASP F 97 -2.99 16.79 20.94
N GLY F 98 -2.43 16.02 21.87
CA GLY F 98 -2.96 14.70 22.20
C GLY F 98 -2.43 13.56 21.33
N PHE F 99 -1.55 13.87 20.39
CA PHE F 99 -1.00 12.87 19.48
C PHE F 99 0.17 12.14 20.13
N ALA F 100 0.06 10.82 20.26
CA ALA F 100 1.10 10.06 20.98
C ALA F 100 2.23 9.72 20.00
N MET F 101 3.48 9.85 20.48
CA MET F 101 4.65 9.57 19.67
C MET F 101 5.22 8.19 20.01
N TYR F 102 4.33 7.31 20.48
CA TYR F 102 4.65 5.91 20.75
C TYR F 102 3.42 5.08 20.37
N ARG F 103 3.58 3.77 20.33
CA ARG F 103 2.50 2.85 20.00
C ARG F 103 1.62 2.68 21.22
N SER F 104 0.48 3.41 21.23
CA SER F 104 -0.50 3.37 22.29
C SER F 104 -1.63 2.41 21.94
N LEU F 105 -1.81 1.36 22.73
CA LEU F 105 -2.98 0.53 22.58
C LEU F 105 -4.28 1.27 22.96
N VAL F 106 -4.21 2.21 23.89
CA VAL F 106 -5.33 2.98 24.38
C VAL F 106 -5.93 3.90 23.31
N ASP F 107 -5.07 4.42 22.42
CA ASP F 107 -5.50 5.47 21.50
C ASP F 107 -4.73 5.35 20.20
N PRO F 108 -5.43 5.07 19.07
CA PRO F 108 -4.76 4.89 17.79
C PRO F 108 -4.28 6.19 17.14
N TYR F 109 -4.56 7.33 17.78
CA TYR F 109 -4.02 8.61 17.32
C TYR F 109 -2.57 8.72 17.79
N ASN F 110 -1.72 8.02 17.06
CA ASN F 110 -0.32 7.89 17.47
C ASN F 110 0.54 7.65 16.25
N VAL F 111 1.84 7.86 16.42
CA VAL F 111 2.80 7.85 15.32
C VAL F 111 2.92 6.48 14.65
N TYR F 112 2.75 5.38 15.41
CA TYR F 112 2.89 4.06 14.88
C TYR F 112 1.66 3.69 14.04
N ASP F 113 0.45 3.84 14.59
CA ASP F 113 -0.76 3.38 13.92
C ASP F 113 -1.24 4.34 12.82
N ALA F 114 -1.03 5.65 12.99
CA ALA F 114 -1.75 6.64 12.18
C ALA F 114 -0.92 7.27 11.07
N THR F 115 0.40 6.97 10.99
CA THR F 115 1.28 7.59 10.01
C THR F 115 1.96 6.53 9.16
N PRO F 116 2.37 6.88 7.93
CA PRO F 116 3.16 5.97 7.12
C PRO F 116 4.50 5.60 7.75
N PHE F 117 5.01 6.43 8.64
CA PHE F 117 6.26 6.15 9.33
C PHE F 117 6.19 4.81 10.07
N HIS F 118 5.07 4.54 10.74
CA HIS F 118 4.78 3.21 11.28
C HIS F 118 5.93 2.71 12.14
N ARG F 119 6.44 3.63 12.98
CA ARG F 119 7.54 3.32 13.89
C ARG F 119 7.29 3.98 15.23
N ASP F 120 7.75 3.29 16.29
CA ASP F 120 7.56 3.78 17.65
C ASP F 120 8.75 4.64 18.03
N VAL F 121 8.57 5.95 17.93
CA VAL F 121 9.62 6.92 18.15
C VAL F 121 10.18 6.82 19.57
N ILE F 122 9.30 6.75 20.56
CA ILE F 122 9.75 6.62 21.94
C ILE F 122 10.55 5.34 22.13
N GLY F 123 10.10 4.22 21.54
CA GLY F 123 10.79 2.96 21.57
C GLY F 123 12.20 3.05 21.02
N GLU F 124 12.35 3.75 19.90
CA GLU F 124 13.66 3.88 19.29
C GLU F 124 14.57 4.75 20.16
N LEU F 125 14.04 5.82 20.73
CA LEU F 125 14.85 6.69 21.56
C LEU F 125 15.23 5.95 22.86
N SER F 126 14.33 5.12 23.42
CA SER F 126 14.63 4.36 24.61
C SER F 126 15.84 3.44 24.38
N LEU F 127 15.77 2.71 23.27
CA LEU F 127 16.85 1.80 22.94
C LEU F 127 18.16 2.56 22.73
N ALA F 128 18.11 3.70 22.05
CA ALA F 128 19.32 4.47 21.78
C ALA F 128 19.96 5.01 23.04
N CYS F 129 19.12 5.47 23.98
CA CYS F 129 19.61 5.96 25.26
C CYS F 129 20.28 4.84 26.03
N ARG F 130 19.63 3.69 26.05
CA ARG F 130 20.21 2.59 26.80
C ARG F 130 21.57 2.17 26.25
N LYS F 131 21.68 2.08 24.92
CA LYS F 131 22.96 1.66 24.32
C LYS F 131 24.08 2.64 24.64
N ALA F 132 23.77 3.93 24.72
CA ALA F 132 24.79 4.96 24.88
C ALA F 132 25.03 5.31 26.33
N GLY F 133 24.20 4.77 27.24
CA GLY F 133 24.34 5.07 28.67
C GLY F 133 23.79 6.45 29.05
N LEU F 134 22.79 6.93 28.33
CA LEU F 134 22.06 8.12 28.74
C LEU F 134 20.82 7.67 29.48
N ARG F 135 20.49 8.33 30.57
CA ARG F 135 19.22 8.08 31.23
C ARG F 135 18.08 8.65 30.39
N PHE F 136 16.91 8.01 30.53
CA PHE F 136 15.78 8.30 29.66
C PHE F 136 14.61 8.84 30.45
N GLY F 137 14.03 9.92 29.94
CA GLY F 137 12.93 10.63 30.62
C GLY F 137 11.77 10.90 29.66
N LEU F 138 10.56 11.04 30.20
CA LEU F 138 9.35 11.11 29.40
C LEU F 138 8.54 12.35 29.79
N TYR F 139 8.19 13.15 28.78
CA TYR F 139 7.28 14.27 28.92
C TYR F 139 5.90 13.81 28.48
N TYR F 140 4.87 14.16 29.27
CA TYR F 140 3.48 13.80 28.92
C TYR F 140 2.56 14.92 29.36
N SER F 141 1.71 15.40 28.43
CA SER F 141 0.71 16.40 28.73
C SER F 141 -0.49 15.74 29.40
N GLN F 142 -0.53 15.78 30.73
CA GLN F 142 -1.53 15.02 31.51
C GLN F 142 -2.82 15.79 31.60
N ASP F 143 -2.78 17.13 31.39
CA ASP F 143 -3.95 17.97 31.62
C ASP F 143 -4.60 18.34 30.29
N LEU F 144 -3.87 19.11 29.44
CA LEU F 144 -4.40 19.50 28.15
C LEU F 144 -4.36 18.34 27.17
N ASP F 145 -5.44 18.21 26.39
CA ASP F 145 -5.47 17.23 25.32
C ASP F 145 -6.51 17.69 24.31
N TRP F 146 -6.05 18.34 23.24
CA TRP F 146 -6.94 18.97 22.28
C TRP F 146 -7.65 17.93 21.42
N HIS F 147 -7.22 16.66 21.50
CA HIS F 147 -7.86 15.60 20.76
C HIS F 147 -9.01 14.97 21.55
N GLU F 148 -9.23 15.41 22.78
CA GLU F 148 -10.20 14.79 23.67
C GLU F 148 -11.27 15.80 24.05
N PRO F 149 -12.56 15.42 23.93
CA PRO F 149 -13.62 16.33 24.34
C PRO F 149 -13.51 16.80 25.79
N ASP F 150 -13.00 15.91 26.66
CA ASP F 150 -12.87 16.21 28.07
C ASP F 150 -11.43 16.57 28.46
N GLY F 151 -10.59 16.90 27.47
CA GLY F 151 -9.29 17.45 27.76
C GLY F 151 -9.37 18.71 28.62
N GLY F 152 -8.29 18.93 29.38
CA GLY F 152 -8.25 19.96 30.40
C GLY F 152 -8.14 21.36 29.79
N GLY F 153 -8.23 22.37 30.66
CA GLY F 153 -7.94 23.74 30.29
C GLY F 153 -9.17 24.65 30.25
N TYR F 154 -10.35 24.03 30.31
CA TYR F 154 -11.61 24.72 30.15
C TYR F 154 -11.98 25.59 31.36
N LEU F 155 -11.23 25.54 32.47
CA LEU F 155 -11.50 26.46 33.58
C LEU F 155 -10.52 27.65 33.60
N SER F 156 -9.60 27.72 32.63
CA SER F 156 -8.39 28.55 32.78
C SER F 156 -8.32 29.68 31.74
N ASN F 157 -9.41 29.93 30.99
CA ASN F 157 -9.33 30.74 29.76
C ASN F 157 -9.34 32.23 30.06
N ASP F 158 -9.40 32.60 31.36
CA ASP F 158 -9.09 33.94 31.84
C ASP F 158 -7.58 34.21 31.76
N ILE F 159 -6.74 33.17 31.60
CA ILE F 159 -5.29 33.33 31.54
C ILE F 159 -4.87 33.18 30.07
N GLU F 160 -4.08 34.15 29.59
CA GLU F 160 -3.57 34.16 28.22
C GLU F 160 -2.65 32.96 27.98
N THR F 161 -2.64 32.44 26.74
CA THR F 161 -1.78 31.31 26.40
C THR F 161 -0.90 31.65 25.19
N ALA F 162 -0.06 30.68 24.82
CA ALA F 162 0.67 30.70 23.56
C ALA F 162 -0.22 30.26 22.37
N GLY F 163 -1.52 29.99 22.62
CA GLY F 163 -2.48 29.85 21.57
C GLY F 163 -3.68 30.77 21.76
N THR F 164 -4.88 30.15 21.83
CA THR F 164 -6.09 30.86 22.18
C THR F 164 -6.49 30.35 23.57
N THR F 165 -7.37 29.33 23.57
CA THR F 165 -7.81 28.69 24.80
C THR F 165 -6.86 27.55 25.16
N TRP F 166 -6.91 27.13 26.43
CA TRP F 166 -6.10 26.05 26.92
C TRP F 166 -6.66 24.73 26.40
N ASP F 167 -7.99 24.64 26.33
CA ASP F 167 -8.65 23.43 25.83
C ASP F 167 -9.01 23.59 24.34
N ASN F 168 -9.44 22.49 23.74
CA ASN F 168 -10.07 22.56 22.42
C ASN F 168 -11.51 23.00 22.62
N SER F 169 -11.75 24.31 22.41
CA SER F 169 -13.06 24.93 22.57
C SER F 169 -13.79 25.13 21.24
N TRP F 170 -13.23 24.65 20.13
CA TRP F 170 -13.77 24.88 18.79
C TRP F 170 -14.46 23.59 18.29
N ASP F 171 -13.82 22.44 18.48
CA ASP F 171 -14.44 21.16 18.11
C ASP F 171 -15.43 20.70 19.18
N PHE F 172 -15.16 21.06 20.44
CA PHE F 172 -15.90 20.56 21.60
C PHE F 172 -16.51 21.75 22.35
N THR F 173 -17.84 21.88 22.25
CA THR F 173 -18.53 23.07 22.70
C THR F 173 -19.59 22.73 23.73
N GLY F 174 -19.59 21.51 24.25
CA GLY F 174 -20.57 21.10 25.26
C GLY F 174 -19.98 21.01 26.67
N GLU F 175 -20.66 20.25 27.52
CA GLU F 175 -20.24 20.02 28.89
C GLU F 175 -18.93 19.24 28.90
N LYS F 176 -18.04 19.61 29.81
CA LYS F 176 -16.70 19.04 29.86
C LYS F 176 -16.38 18.59 31.29
N ASN F 177 -15.73 17.43 31.36
CA ASN F 177 -15.44 16.82 32.65
C ASN F 177 -14.17 15.99 32.48
N TYR F 178 -13.07 16.63 32.90
CA TYR F 178 -11.74 16.05 32.79
C TYR F 178 -11.63 14.65 33.41
N ASP F 179 -12.45 14.36 34.41
CA ASP F 179 -12.44 13.06 35.06
C ASP F 179 -12.55 11.94 34.02
N ARG F 180 -13.35 12.16 32.97
CA ARG F 180 -13.57 11.11 31.98
C ARG F 180 -12.31 10.86 31.15
N ALA F 181 -11.64 11.91 30.70
CA ALA F 181 -10.39 11.80 29.97
C ALA F 181 -9.30 11.22 30.87
N PHE F 182 -9.30 11.63 32.13
CA PHE F 182 -8.34 11.13 33.10
C PHE F 182 -8.43 9.62 33.18
N LYS F 183 -9.65 9.09 33.31
CA LYS F 183 -9.84 7.67 33.45
C LYS F 183 -9.55 6.90 32.17
N HIS F 184 -9.99 7.44 31.03
CA HIS F 184 -10.01 6.67 29.79
C HIS F 184 -8.71 6.83 28.99
N LYS F 185 -8.08 7.99 29.04
CA LYS F 185 -6.88 8.18 28.21
C LYS F 185 -5.65 8.50 29.05
N ILE F 186 -5.73 9.47 29.96
CA ILE F 186 -4.54 10.00 30.63
C ILE F 186 -3.89 8.91 31.47
N MET F 187 -4.62 8.33 32.42
CA MET F 187 -4.00 7.32 33.25
C MET F 187 -3.58 6.09 32.44
N PRO F 188 -4.41 5.55 31.54
CA PRO F 188 -3.96 4.43 30.72
C PRO F 188 -2.69 4.71 29.93
N GLN F 189 -2.55 5.89 29.37
CA GLN F 189 -1.34 6.19 28.57
C GLN F 189 -0.14 6.35 29.50
N ILE F 190 -0.30 6.96 30.66
CA ILE F 190 0.81 7.06 31.59
C ILE F 190 1.28 5.66 31.97
N GLU F 191 0.33 4.75 32.17
CA GLU F 191 0.69 3.36 32.44
C GLU F 191 1.47 2.73 31.28
N GLU F 192 1.07 3.01 30.05
CA GLU F 192 1.80 2.52 28.88
C GLU F 192 3.23 3.02 28.87
N ILE F 193 3.43 4.33 28.97
CA ILE F 193 4.77 4.87 28.75
C ILE F 193 5.69 4.48 29.92
N MET F 194 5.13 4.29 31.11
CA MET F 194 5.92 3.93 32.30
C MET F 194 6.05 2.40 32.40
N SER F 195 5.48 1.65 31.45
CA SER F 195 5.60 0.19 31.45
C SER F 195 6.48 -0.33 30.29
N ASN F 196 6.41 0.33 29.12
CA ASN F 196 6.79 -0.36 27.88
C ASN F 196 8.17 0.05 27.32
N TYR F 197 8.91 0.92 28.01
CA TYR F 197 10.11 1.57 27.47
C TYR F 197 11.32 1.46 28.39
N GLY F 198 11.33 0.45 29.25
CA GLY F 198 12.43 0.25 30.19
C GLY F 198 12.39 1.26 31.34
N GLU F 199 13.53 1.37 32.01
CA GLU F 199 13.69 2.22 33.16
C GLU F 199 13.56 3.68 32.73
N ILE F 200 12.69 4.40 33.45
CA ILE F 200 12.46 5.82 33.23
C ILE F 200 13.01 6.57 34.41
N SER F 201 13.88 7.55 34.14
CA SER F 201 14.61 8.28 35.18
C SER F 201 13.95 9.62 35.53
N VAL F 202 13.22 10.21 34.60
CA VAL F 202 12.55 11.50 34.81
C VAL F 202 11.14 11.44 34.20
N ALA F 203 10.14 11.93 34.95
CA ALA F 203 8.81 12.14 34.41
C ALA F 203 8.51 13.63 34.42
N TRP F 204 8.20 14.17 33.27
CA TRP F 204 8.03 15.60 33.04
C TRP F 204 6.56 15.85 32.67
N PHE F 205 5.79 16.30 33.66
CA PHE F 205 4.40 16.67 33.45
C PHE F 205 4.27 18.18 33.41
N ASN F 206 3.08 18.69 33.05
CA ASN F 206 2.80 20.10 33.12
C ASN F 206 2.31 20.55 34.50
N VAL F 207 2.33 21.88 34.72
CA VAL F 207 1.59 22.55 35.78
C VAL F 207 0.11 22.25 35.53
N PRO F 208 -0.59 21.69 36.54
CA PRO F 208 -2.02 21.35 36.39
C PRO F 208 -2.94 22.57 36.40
N MET F 209 -3.68 22.75 35.31
CA MET F 209 -4.72 23.78 35.20
C MET F 209 -6.06 23.23 35.69
N THR F 210 -6.27 21.89 35.60
CA THR F 210 -7.57 21.29 35.75
C THR F 210 -7.62 20.15 36.77
N LEU F 211 -6.54 19.40 36.92
CA LEU F 211 -6.57 18.20 37.76
C LEU F 211 -6.80 18.58 39.22
N SER F 212 -7.50 17.68 39.91
CA SER F 212 -7.59 17.72 41.37
C SER F 212 -6.27 17.25 42.00
N ASP F 213 -6.15 17.58 43.30
CA ASP F 213 -5.07 17.08 44.12
C ASP F 213 -4.98 15.55 44.04
N GLU F 214 -6.15 14.90 44.12
CA GLU F 214 -6.24 13.46 44.09
C GLU F 214 -5.73 12.90 42.75
N GLN F 215 -6.09 13.57 41.65
CA GLN F 215 -5.66 13.14 40.33
C GLN F 215 -4.14 13.29 40.18
N SER F 216 -3.59 14.41 40.66
CA SER F 216 -2.15 14.58 40.65
C SER F 216 -1.47 13.49 41.48
N GLN F 217 -2.06 13.18 42.63
CA GLN F 217 -1.51 12.14 43.51
C GLN F 217 -1.55 10.78 42.84
N THR F 218 -2.65 10.48 42.15
CA THR F 218 -2.81 9.22 41.44
C THR F 218 -1.71 9.08 40.41
N ILE F 219 -1.40 10.14 39.67
CA ILE F 219 -0.29 10.09 38.72
C ILE F 219 1.02 9.81 39.47
N TYR F 220 1.30 10.59 40.52
CA TYR F 220 2.54 10.38 41.26
C TYR F 220 2.66 8.90 41.68
N ASP F 221 1.60 8.36 42.27
CA ASP F 221 1.63 7.01 42.81
C ASP F 221 1.82 5.98 41.68
N THR F 222 1.15 6.19 40.55
CA THR F 222 1.25 5.28 39.42
C THR F 222 2.67 5.28 38.87
N VAL F 223 3.24 6.47 38.70
CA VAL F 223 4.62 6.54 38.22
C VAL F 223 5.57 5.78 39.15
N LYS F 224 5.45 6.02 40.46
CA LYS F 224 6.36 5.39 41.41
C LYS F 224 6.15 3.87 41.44
N ARG F 225 4.90 3.44 41.28
CA ARG F 225 4.61 2.02 41.29
C ARG F 225 5.32 1.33 40.14
N LEU F 226 5.25 1.93 38.95
CA LEU F 226 5.79 1.30 37.74
C LEU F 226 7.28 1.57 37.58
N GLN F 227 7.73 2.71 38.14
CA GLN F 227 9.09 3.19 37.94
C GLN F 227 9.60 3.74 39.27
N PRO F 228 9.97 2.86 40.21
CA PRO F 228 10.29 3.28 41.58
C PRO F 228 11.43 4.30 41.69
N ASP F 229 12.32 4.37 40.70
CA ASP F 229 13.47 5.27 40.76
C ASP F 229 13.25 6.52 39.90
N CYS F 230 12.07 6.67 39.28
CA CYS F 230 11.80 7.80 38.41
C CYS F 230 11.62 9.06 39.24
N LEU F 231 12.30 10.16 38.86
CA LEU F 231 12.15 11.44 39.51
C LEU F 231 10.95 12.19 38.93
N ILE F 232 10.14 12.72 39.87
CA ILE F 232 9.05 13.60 39.59
C ILE F 232 9.42 15.01 40.04
N ASN F 233 9.16 15.95 39.18
CA ASN F 233 9.53 17.31 39.54
C ASN F 233 8.29 18.04 40.07
N SER F 234 8.58 19.28 40.55
CA SER F 234 7.67 20.10 41.30
C SER F 234 6.50 20.59 40.43
N ARG F 235 6.57 20.49 39.11
CA ARG F 235 5.48 20.98 38.30
C ARG F 235 4.20 20.19 38.53
N LEU F 236 4.33 18.91 38.88
CA LEU F 236 3.18 18.01 38.79
C LEU F 236 2.07 18.52 39.70
N GLY F 237 2.47 19.16 40.82
CA GLY F 237 1.50 19.84 41.66
C GLY F 237 0.94 19.01 42.81
N ASN F 238 1.31 17.73 42.87
CA ASN F 238 0.83 16.85 43.93
C ASN F 238 1.38 17.25 45.30
N GLY F 239 2.40 18.11 45.40
CA GLY F 239 2.88 18.49 46.71
C GLY F 239 3.98 17.56 47.26
N ARG F 240 4.40 16.57 46.46
CA ARG F 240 5.49 15.67 46.78
C ARG F 240 6.32 15.57 45.47
N TYR F 241 7.64 15.77 45.55
CA TYR F 241 8.47 15.79 44.35
C TYR F 241 9.92 15.56 44.75
N ASP F 242 10.71 15.23 43.74
CA ASP F 242 12.11 14.84 43.92
C ASP F 242 13.01 15.99 43.52
N TYR F 243 12.53 16.86 42.62
CA TYR F 243 13.34 17.99 42.21
C TYR F 243 12.42 19.13 41.82
N VAL F 244 13.00 20.33 41.88
CA VAL F 244 12.29 21.56 41.57
C VAL F 244 12.55 21.94 40.12
N SER F 245 11.47 22.10 39.36
CA SER F 245 11.48 22.62 38.01
C SER F 245 11.36 24.14 38.14
N LEU F 246 12.48 24.84 37.98
CA LEU F 246 12.53 26.29 38.01
C LEU F 246 12.03 26.80 36.67
N GLY F 247 12.08 28.13 36.47
CA GLY F 247 11.32 28.84 35.45
C GLY F 247 11.65 28.42 34.02
N ASP F 248 10.62 28.49 33.17
CA ASP F 248 10.56 27.87 31.84
C ASP F 248 11.64 28.42 30.90
N GLY F 281 17.84 19.27 47.53
CA GLY F 281 18.74 20.22 46.85
C GLY F 281 18.90 19.87 45.35
N LEU F 282 17.81 19.47 44.69
CA LEU F 282 17.87 19.17 43.26
C LEU F 282 17.00 20.16 42.50
N TYR F 283 17.53 20.67 41.37
CA TYR F 283 16.86 21.70 40.61
C TYR F 283 17.13 21.52 39.11
N GLU F 284 16.21 21.98 38.26
CA GLU F 284 16.39 21.93 36.82
C GLU F 284 15.65 23.10 36.17
N THR F 285 16.37 23.75 35.24
CA THR F 285 15.77 24.74 34.37
C THR F 285 15.78 24.16 32.96
N ALA F 286 14.60 24.10 32.36
CA ALA F 286 14.42 23.76 30.96
C ALA F 286 14.47 25.03 30.12
N GLY F 287 15.13 24.91 28.96
CA GLY F 287 15.31 26.05 28.05
C GLY F 287 15.33 25.57 26.59
N THR F 288 15.23 26.54 25.66
N THR F 288 15.22 26.49 25.64
CA THR F 288 15.25 26.31 24.22
CA THR F 288 15.35 26.08 24.26
C THR F 288 16.46 26.96 23.59
C THR F 288 16.40 26.94 23.57
N ILE F 289 16.88 26.49 22.40
CA ILE F 289 18.03 27.10 21.75
C ILE F 289 17.61 28.35 20.98
N ASN F 290 16.53 28.28 20.22
CA ASN F 290 15.84 29.48 19.75
C ASN F 290 14.72 29.81 20.75
N ASP F 291 13.57 30.35 20.29
CA ASP F 291 12.53 30.82 21.20
C ASP F 291 11.29 29.91 21.18
N SER F 292 11.31 28.81 20.39
CA SER F 292 10.22 27.88 20.27
C SER F 292 10.64 26.55 20.87
N TRP F 293 9.65 25.77 21.35
CA TRP F 293 9.89 24.39 21.76
C TRP F 293 9.83 23.47 20.56
N GLY F 294 8.69 23.49 19.86
CA GLY F 294 8.54 22.82 18.58
C GLY F 294 9.36 23.56 17.53
N PHE F 295 9.73 22.83 16.48
CA PHE F 295 10.38 23.41 15.31
C PHE F 295 9.51 24.53 14.73
N ALA F 296 10.17 25.63 14.39
CA ALA F 296 9.53 26.80 13.85
C ALA F 296 10.40 27.36 12.71
N TYR F 297 9.90 27.23 11.48
N TYR F 297 9.92 27.23 11.44
CA TYR F 297 10.67 27.57 10.27
CA TYR F 297 10.62 27.63 10.21
C TYR F 297 11.17 29.01 10.39
C TYR F 297 11.19 29.05 10.41
N HIS F 298 10.34 29.95 10.89
CA HIS F 298 10.70 31.34 10.84
C HIS F 298 11.41 31.88 12.08
N ASP F 299 11.76 31.01 13.04
CA ASP F 299 12.53 31.44 14.20
C ASP F 299 13.99 31.04 14.00
N GLN F 300 14.82 32.02 13.63
CA GLN F 300 16.25 31.82 13.47
C GLN F 300 17.00 32.55 14.59
N ASN F 301 16.32 32.75 15.72
CA ASN F 301 16.92 33.49 16.82
C ASN F 301 17.68 32.53 17.75
N TRP F 302 18.66 31.83 17.19
CA TRP F 302 19.40 30.78 17.88
C TRP F 302 20.38 31.42 18.85
N LYS F 303 20.37 30.94 20.09
CA LYS F 303 21.40 31.30 21.05
C LYS F 303 22.76 30.83 20.56
N SER F 304 23.77 31.63 20.82
CA SER F 304 25.13 31.35 20.41
C SER F 304 25.75 30.25 21.28
N PRO F 305 26.81 29.57 20.78
CA PRO F 305 27.60 28.68 21.62
C PRO F 305 28.00 29.31 22.97
N GLN F 306 28.43 30.57 22.92
CA GLN F 306 28.88 31.25 24.12
C GLN F 306 27.72 31.42 25.10
N THR F 307 26.52 31.79 24.62
CA THR F 307 25.37 31.94 25.50
C THR F 307 25.04 30.62 26.19
N ILE F 308 25.01 29.53 25.41
CA ILE F 308 24.67 28.24 25.98
C ILE F 308 25.72 27.86 27.03
N HIS F 309 26.99 28.01 26.68
CA HIS F 309 28.06 27.70 27.60
C HIS F 309 27.90 28.48 28.91
N ASP F 310 27.63 29.78 28.78
CA ASP F 310 27.61 30.64 29.95
C ASP F 310 26.37 30.36 30.81
N TYR F 311 25.23 30.14 30.17
CA TYR F 311 24.02 29.80 30.89
C TYR F 311 24.19 28.49 31.65
N LYS F 312 24.77 27.49 30.98
CA LYS F 312 24.97 26.19 31.61
C LYS F 312 25.90 26.36 32.80
N ALA F 313 26.99 27.12 32.66
CA ALA F 313 27.94 27.29 33.76
C ALA F 313 27.26 27.97 34.96
N HIS F 314 26.45 28.99 34.67
CA HIS F 314 25.72 29.72 35.70
C HIS F 314 24.74 28.80 36.46
N LEU F 315 23.96 28.03 35.73
CA LEU F 315 22.99 27.13 36.33
C LEU F 315 23.75 26.09 37.17
N ASN F 316 24.80 25.50 36.61
CA ASN F 316 25.49 24.41 37.27
C ASN F 316 26.19 24.90 38.55
N LYS F 317 26.69 26.14 38.56
CA LYS F 317 27.37 26.67 39.73
C LYS F 317 26.40 26.71 40.93
N TYR F 318 25.10 26.81 40.68
CA TYR F 318 24.09 26.85 41.72
C TYR F 318 23.41 25.49 41.94
N GLY F 319 24.00 24.41 41.39
CA GLY F 319 23.44 23.09 41.54
C GLY F 319 22.13 22.92 40.76
N ILE F 320 22.01 23.61 39.62
CA ILE F 320 20.82 23.50 38.78
C ILE F 320 21.22 22.83 37.48
N ASN F 321 20.44 21.79 37.14
CA ASN F 321 20.61 21.11 35.88
C ASN F 321 20.01 21.97 34.76
N TYR F 322 20.66 21.89 33.58
CA TYR F 322 20.17 22.59 32.40
C TYR F 322 19.63 21.56 31.42
N LEU F 323 18.33 21.59 31.18
CA LEU F 323 17.65 20.69 30.27
C LEU F 323 17.35 21.48 29.01
N LEU F 324 18.15 21.24 27.96
CA LEU F 324 18.14 22.12 26.79
C LEU F 324 17.42 21.40 25.65
N ASN F 325 16.40 22.06 25.14
CA ASN F 325 15.50 21.48 24.15
C ASN F 325 16.00 21.62 22.72
N VAL F 326 15.72 20.57 21.94
CA VAL F 326 15.81 20.56 20.49
C VAL F 326 14.40 20.28 19.95
N GLY F 327 13.96 21.10 18.98
CA GLY F 327 12.70 20.82 18.31
C GLY F 327 12.99 20.21 16.94
N LEU F 328 12.79 18.90 16.79
CA LEU F 328 13.13 18.24 15.54
C LEU F 328 12.22 18.73 14.42
N ASP F 329 12.75 18.75 13.20
CA ASP F 329 11.97 19.21 12.05
C ASP F 329 11.08 18.08 11.55
N GLY F 330 10.32 18.38 10.48
CA GLY F 330 9.38 17.40 9.94
C GLY F 330 10.03 16.16 9.37
N LEU F 331 11.33 16.24 9.05
CA LEU F 331 12.06 15.08 8.57
C LEU F 331 12.75 14.31 9.69
N GLY F 332 12.59 14.77 10.94
CA GLY F 332 13.18 14.10 12.09
C GLY F 332 14.61 14.55 12.41
N ARG F 333 15.01 15.71 11.86
CA ARG F 333 16.39 16.16 11.99
C ARG F 333 16.50 17.19 13.13
N VAL F 334 17.68 17.18 13.77
CA VAL F 334 18.10 18.32 14.57
C VAL F 334 18.43 19.44 13.63
N PRO F 335 17.79 20.63 13.73
CA PRO F 335 18.11 21.72 12.81
C PRO F 335 19.61 21.98 12.88
N MET F 336 20.18 22.28 11.71
CA MET F 336 21.61 22.48 11.63
C MET F 336 22.06 23.53 12.66
N ALA F 337 21.33 24.66 12.78
CA ALA F 337 21.82 25.73 13.68
C ALA F 337 21.80 25.27 15.14
N ALA F 338 20.87 24.36 15.47
CA ALA F 338 20.78 23.82 16.82
C ALA F 338 21.98 22.93 17.09
N GLU F 339 22.28 22.02 16.13
CA GLU F 339 23.42 21.15 16.26
C GLU F 339 24.69 21.96 16.40
N GLN F 340 24.86 22.97 15.57
CA GLN F 340 26.07 23.79 15.58
C GLN F 340 26.19 24.54 16.92
N ALA F 341 25.06 25.03 17.46
CA ALA F 341 25.11 25.72 18.74
C ALA F 341 25.57 24.76 19.84
N LEU F 342 25.03 23.56 19.87
CA LEU F 342 25.34 22.58 20.90
C LEU F 342 26.81 22.18 20.82
N LEU F 343 27.26 21.82 19.62
CA LEU F 343 28.66 21.40 19.46
C LEU F 343 29.60 22.55 19.72
N GLY F 344 29.18 23.76 19.34
CA GLY F 344 29.97 24.95 19.62
C GLY F 344 30.15 25.18 21.12
N ALA F 345 29.06 24.96 21.88
CA ALA F 345 29.13 25.14 23.33
C ALA F 345 30.08 24.09 23.91
N ARG F 346 30.00 22.84 23.41
CA ARG F 346 30.88 21.78 23.86
C ARG F 346 32.33 22.17 23.62
N ALA F 347 32.63 22.80 22.47
CA ALA F 347 34.00 23.16 22.16
C ALA F 347 34.57 24.18 23.16
N LEU F 348 33.70 24.94 23.84
CA LEU F 348 34.14 25.94 24.78
C LEU F 348 34.45 25.37 26.16
N GLU F 349 34.24 24.07 26.37
CA GLU F 349 34.54 23.47 27.67
C GLU F 349 36.00 23.03 27.80
N ALA F 350 36.57 22.50 26.72
CA ALA F 350 37.86 21.82 26.79
C ALA F 350 37.66 20.43 27.44
#